data_8G78
#
_entry.id   8G78
#
_cell.length_a   1.00
_cell.length_b   1.00
_cell.length_c   1.00
_cell.angle_alpha   90.00
_cell.angle_beta   90.00
_cell.angle_gamma   90.00
#
_symmetry.space_group_name_H-M   'P 1'
#
loop_
_entity.id
_entity.type
_entity.pdbx_description
1 polymer 'Spike glycoprotein'
2 polymer Nanosota-5
3 polymer Nanosota-6
4 non-polymer 2-acetamido-2-deoxy-beta-D-glucopyranose
#
loop_
_entity_poly.entity_id
_entity_poly.type
_entity_poly.pdbx_seq_one_letter_code
_entity_poly.pdbx_strand_id
1 'polypeptide(L)'
;QCVNLTTRTQLPPAYTNSFTRGVYYPDKVFRSSVLHSTQDLFLPFFSNVTWFHAIHVSGTNGTKRFDNPVLPFNDGVYFA
STEKSNIIRGWIFGTTLDSKTQSLLIVNNATNVVIKVCEFQFCNDPFLGVYYHKNNKSWMESEFRVYSSANNCTFEYVSQ
PFLMDLEGKQGNFKNLREFVFKNIDGYFKIYSKHTPINLVRDLPQGFSALEPLVDLPIGINITRFQTLLALHRSYLTPGD
SSSGWTAGAAAYYVGYLQPRTFLLKYNENGTITDAVDCALDPLSETKCTLKSFTVEKGIYQTSNFRVQPTESIVRFPNIT
NLCPFGEVFNATRFASVYAWNRKRISNCVADYSVLYNSASFSTFKCYGVSPTKLNDLCFTNVYADSFVIRGDEVRQIAPG
QTGKIADYNYKLPDDFTGCVIAWNSNNLDSKVGGNYNYLYRLFRKSNLKPFERDISTEIYQAGSTPCNGVEGFNCYFPLQ
SYGFQPTNGVGYQPYRVVVLSFELLHAPATVCGPKKSTNLVKNKCVNFNFNGLTGTGVLTESNKKFLPFQQFGRDIADTT
DAVRDPQTLEILDITPCSFGGVSVITPGTNTSNQVAVLYQGVNCTEVPVAIHADQLTPTWRVYSTGSNVFQTRAGCLIGA
EHVNNSYECDIPIGAGICASYQTQTNSPAGARSVASQSIIAYTMSLGAENSVAYSNNSIAIPTNFTISVTTEILPVSMTK
TSVDCTMYICGDSTECSNLLLQYGSFCTQLNRALTGIAVEQDKNTQEVFAQVKQIYKTPPIKDFGGFNFSQILPDPSKPS
KRSPIEDLLFNKVTLADAGFIKQYGDCLGDIAARDLICAQKFNGLTVLPPLLTDEMIAQYTSALLAGTITSGWTFGAGPA
LQIPFPMQMAYRFNGIGVTQNVLYENQKLIANQFNSAIGKIQDSLSSTPSALGKLQDVVNQNAQALNTLVKQLSSNFGAI
SSVLNDILSRLDPPEAEVQIDRLITGRLQSLQTYVTQQLIRAAEIRASANLAATKMSECVLGQSKRVDFCGKGYHLMSFP
QSAPHGVVFLHVTYVPAQEKNFTTAPAICHDGKAHFPREGVFVSNGTHWFVTQRNFYEPQIITTDNTFVSGNCDVVIGIV
NNTVYDPLQPELDSFKEELDKYFKNHTSPDVDLGDISGINASVVNIQKEIDRLNEVAKNLNESLIDLQELGKYEQYIKGS
GYIPEAPRDGQAYVRKDGEWVLLSTFLGHHHHHH
;
A,B,D
2 'polypeptide(L)'
;QVQLQESGGGLVQAGGSLRLSCAASESIFRMELMEWYHQAPGKQRELVATINRCGSTNYSDSVKGRFIISSDNAKNSVYL
QMNSLKDEDTAVYSCHARTWTSYWGRGTQVTVSSGGQHHHHHHGAYPYDVPDYAS
;
J,H,I
3 'polypeptide(L)'
;QVQLQESGGGLVQPGGSLRLSCVASGSVTFNSMGWYRQAPGKQRELVAQITAGGDTHYADSVKGRFTISEHRGKNAVYLE
MHSLKPEDTAVYYCHLQVPFLGGGYDYWGQGTQVTVSSGGQHHHHHHGAYPYDVPDYAS
;
F,G,E
#
loop_
_chem_comp.id
_chem_comp.type
_chem_comp.name
_chem_comp.formula
NAG D-saccharide, beta linking 2-acetamido-2-deoxy-beta-D-glucopyranose 'C8 H15 N O6'
#
# COMPACT_ATOMS: atom_id res chain seq x y z
N CYS A 2 -20.10 26.86 -62.90
CA CYS A 2 -21.01 25.77 -62.63
C CYS A 2 -22.21 25.73 -63.57
N VAL A 3 -22.70 24.52 -63.81
CA VAL A 3 -23.81 24.27 -64.73
C VAL A 3 -24.85 23.41 -64.03
N ASN A 4 -26.10 23.87 -64.03
CA ASN A 4 -27.18 23.13 -63.41
C ASN A 4 -27.56 21.92 -64.26
N LEU A 5 -28.10 20.91 -63.60
CA LEU A 5 -28.61 19.73 -64.27
C LEU A 5 -30.00 20.02 -64.83
N THR A 6 -30.50 19.10 -65.67
CA THR A 6 -31.73 19.34 -66.41
C THR A 6 -32.88 18.47 -65.92
N THR A 7 -32.74 17.15 -65.97
CA THR A 7 -33.81 16.23 -65.58
C THR A 7 -33.36 15.41 -64.39
N ARG A 8 -34.22 15.26 -63.39
CA ARG A 8 -33.84 14.64 -62.12
C ARG A 8 -34.52 13.30 -61.89
N THR A 9 -35.86 13.27 -61.88
CA THR A 9 -36.64 12.06 -61.61
C THR A 9 -36.33 11.48 -60.23
N GLN A 10 -37.12 10.51 -59.79
CA GLN A 10 -36.90 9.91 -58.48
C GLN A 10 -37.12 8.41 -58.52
N LEU A 11 -36.30 7.69 -57.77
CA LEU A 11 -36.46 6.28 -57.46
C LEU A 11 -36.16 6.07 -55.98
N PRO A 12 -36.85 5.15 -55.33
CA PRO A 12 -36.61 4.91 -53.89
C PRO A 12 -35.19 4.45 -53.64
N PRO A 13 -34.58 4.87 -52.54
CA PRO A 13 -33.20 4.45 -52.26
C PRO A 13 -33.15 2.97 -51.92
N ALA A 14 -31.95 2.42 -52.03
CA ALA A 14 -31.72 1.00 -51.78
C ALA A 14 -30.65 0.85 -50.71
N TYR A 15 -30.77 -0.22 -49.93
CA TYR A 15 -29.85 -0.50 -48.85
C TYR A 15 -29.32 -1.91 -49.02
N THR A 16 -28.09 -2.15 -48.59
CA THR A 16 -27.51 -3.46 -48.76
C THR A 16 -26.62 -3.79 -47.57
N ASN A 17 -26.29 -5.06 -47.45
CA ASN A 17 -25.60 -5.59 -46.30
C ASN A 17 -24.11 -5.31 -46.43
N SER A 18 -23.39 -5.41 -45.31
CA SER A 18 -21.95 -5.11 -45.31
C SER A 18 -21.19 -6.08 -44.44
N PHE A 19 -21.53 -7.37 -44.50
CA PHE A 19 -20.93 -8.32 -43.57
C PHE A 19 -19.42 -8.46 -43.69
N THR A 20 -18.76 -8.42 -42.54
CA THR A 20 -17.33 -8.65 -42.38
C THR A 20 -16.52 -7.80 -43.33
N ARG A 21 -16.89 -6.54 -43.44
CA ARG A 21 -16.30 -5.64 -44.42
C ARG A 21 -15.79 -4.39 -43.73
N GLY A 22 -14.62 -3.93 -44.14
CA GLY A 22 -14.08 -2.68 -43.66
C GLY A 22 -13.38 -2.73 -42.32
N VAL A 23 -12.28 -3.48 -42.25
CA VAL A 23 -11.44 -3.54 -41.07
C VAL A 23 -10.02 -3.20 -41.48
N TYR A 24 -9.44 -2.19 -40.85
CA TYR A 24 -8.12 -1.70 -41.20
C TYR A 24 -7.13 -1.93 -40.07
N TYR A 25 -5.86 -1.79 -40.38
CA TYR A 25 -4.84 -1.91 -39.33
C TYR A 25 -4.93 -0.70 -38.43
N PRO A 26 -5.43 -0.83 -37.21
CA PRO A 26 -5.65 0.36 -36.38
C PRO A 26 -4.34 0.99 -35.92
N ASP A 27 -3.48 0.18 -35.31
CA ASP A 27 -2.23 0.66 -34.74
C ASP A 27 -1.09 0.47 -35.74
N LYS A 28 0.09 0.93 -35.35
CA LYS A 28 1.25 0.90 -36.23
C LYS A 28 2.32 0.03 -35.57
N VAL A 29 2.16 -1.28 -35.68
CA VAL A 29 3.11 -2.25 -35.12
C VAL A 29 3.02 -3.50 -35.99
N PHE A 30 3.90 -4.46 -35.75
CA PHE A 30 3.86 -5.74 -36.43
C PHE A 30 3.64 -6.82 -35.39
N ARG A 31 2.45 -7.41 -35.38
CA ARG A 31 2.13 -8.51 -34.50
C ARG A 31 1.92 -9.76 -35.33
N SER A 32 2.42 -10.88 -34.85
CA SER A 32 2.42 -12.12 -35.62
C SER A 32 1.82 -13.26 -34.80
N SER A 33 0.86 -13.96 -35.39
CA SER A 33 0.25 -15.15 -34.79
C SER A 33 -0.25 -14.87 -33.37
N VAL A 34 -1.12 -13.88 -33.25
CA VAL A 34 -1.70 -13.52 -31.96
C VAL A 34 -3.08 -12.93 -32.19
N LEU A 35 -4.01 -13.21 -31.30
CA LEU A 35 -5.35 -12.65 -31.34
C LEU A 35 -5.39 -11.46 -30.40
N HIS A 36 -5.33 -10.26 -30.96
CA HIS A 36 -5.21 -9.03 -30.19
C HIS A 36 -6.49 -8.24 -30.29
N SER A 37 -7.03 -7.82 -29.15
CA SER A 37 -8.33 -7.17 -29.10
C SER A 37 -8.15 -5.65 -29.10
N THR A 38 -8.51 -5.02 -30.21
CA THR A 38 -8.36 -3.58 -30.35
C THR A 38 -9.62 -2.89 -29.83
N GLN A 39 -9.57 -1.56 -29.82
CA GLN A 39 -10.71 -0.75 -29.38
C GLN A 39 -10.63 0.56 -30.17
N ASP A 40 -11.46 0.70 -31.20
CA ASP A 40 -11.35 1.87 -32.05
C ASP A 40 -12.64 2.00 -32.85
N LEU A 41 -12.66 2.93 -33.79
CA LEU A 41 -13.86 3.22 -34.56
C LEU A 41 -13.81 2.44 -35.87
N PHE A 42 -14.76 1.51 -36.02
CA PHE A 42 -14.85 0.62 -37.17
C PHE A 42 -16.29 0.57 -37.69
N LEU A 43 -16.44 0.06 -38.90
CA LEU A 43 -17.78 -0.23 -39.43
C LEU A 43 -18.29 -1.52 -38.82
N PRO A 44 -19.44 -1.52 -38.16
CA PRO A 44 -19.91 -2.75 -37.50
C PRO A 44 -20.25 -3.84 -38.51
N PHE A 45 -20.26 -5.07 -38.01
CA PHE A 45 -20.75 -6.19 -38.79
C PHE A 45 -22.26 -6.12 -38.88
N PHE A 46 -22.83 -6.80 -39.87
CA PHE A 46 -24.29 -6.77 -40.08
C PHE A 46 -24.82 -5.36 -40.30
N SER A 47 -23.99 -4.43 -40.75
CA SER A 47 -24.40 -3.03 -40.78
C SER A 47 -25.01 -2.70 -42.13
N ASN A 48 -26.13 -1.98 -42.10
CA ASN A 48 -26.73 -1.53 -43.36
C ASN A 48 -25.88 -0.43 -43.98
N VAL A 49 -25.73 -0.47 -45.30
CA VAL A 49 -25.02 0.58 -46.01
C VAL A 49 -25.88 1.04 -47.17
N THR A 50 -25.91 2.35 -47.38
CA THR A 50 -26.79 2.90 -48.40
C THR A 50 -26.11 2.82 -49.75
N TRP A 51 -26.86 2.41 -50.77
CA TRP A 51 -26.31 2.04 -52.06
C TRP A 51 -26.81 3.00 -53.12
N PHE A 52 -25.91 3.81 -53.67
CA PHE A 52 -26.26 4.75 -54.73
C PHE A 52 -25.79 4.21 -56.07
N HIS A 53 -26.72 4.03 -56.99
CA HIS A 53 -26.37 3.89 -58.40
C HIS A 53 -25.85 5.21 -58.90
N ALA A 54 -24.85 5.17 -59.78
CA ALA A 54 -24.14 6.39 -60.16
C ALA A 54 -25.07 7.38 -60.84
N ILE A 55 -25.50 7.05 -62.04
CA ILE A 55 -26.34 7.95 -62.84
C ILE A 55 -27.77 7.50 -62.62
N HIS A 56 -28.52 8.31 -61.87
CA HIS A 56 -29.85 7.95 -61.37
C HIS A 56 -30.78 7.88 -62.57
N VAL A 57 -30.68 6.77 -63.30
CA VAL A 57 -31.43 6.59 -64.53
C VAL A 57 -32.86 6.19 -64.20
N SER A 58 -33.79 6.66 -65.02
CA SER A 58 -35.20 6.38 -64.80
C SER A 58 -35.69 5.16 -65.55
N GLY A 59 -34.87 4.58 -66.42
CA GLY A 59 -35.30 3.42 -67.17
C GLY A 59 -34.25 3.00 -68.16
N THR A 60 -34.61 2.01 -68.98
CA THR A 60 -33.69 1.49 -69.98
C THR A 60 -33.52 2.42 -71.17
N ASN A 61 -34.44 3.36 -71.37
CA ASN A 61 -34.36 4.23 -72.54
C ASN A 61 -33.14 5.13 -72.49
N GLY A 62 -32.96 5.85 -71.38
CA GLY A 62 -31.87 6.80 -71.29
C GLY A 62 -32.19 8.08 -70.55
N THR A 63 -33.42 8.23 -70.05
CA THR A 63 -33.74 9.34 -69.17
C THR A 63 -33.15 9.09 -67.79
N LYS A 64 -32.45 10.07 -67.24
CA LYS A 64 -31.55 9.80 -66.12
C LYS A 64 -31.27 11.10 -65.36
N ARG A 65 -30.25 11.05 -64.52
CA ARG A 65 -29.71 12.13 -63.69
C ARG A 65 -28.57 11.50 -62.88
N PHE A 66 -27.70 12.34 -62.33
CA PHE A 66 -26.71 11.85 -61.38
C PHE A 66 -27.34 11.57 -60.02
N ASP A 67 -26.81 10.56 -59.35
CA ASP A 67 -27.08 10.34 -57.93
C ASP A 67 -25.77 10.65 -57.19
N ASN A 68 -25.59 11.92 -56.85
CA ASN A 68 -24.47 12.34 -56.02
C ASN A 68 -25.00 13.21 -54.89
N PRO A 69 -25.81 12.64 -53.99
CA PRO A 69 -26.37 13.43 -52.91
C PRO A 69 -25.29 13.88 -51.95
N VAL A 70 -25.63 14.90 -51.16
CA VAL A 70 -24.72 15.44 -50.17
C VAL A 70 -25.01 14.80 -48.82
N LEU A 71 -24.04 14.08 -48.27
CA LEU A 71 -24.20 13.25 -47.09
C LEU A 71 -23.36 13.76 -45.94
N PRO A 72 -23.71 13.42 -44.70
CA PRO A 72 -22.90 13.85 -43.55
C PRO A 72 -21.65 13.00 -43.40
N PHE A 73 -20.80 13.44 -42.48
CA PHE A 73 -19.51 12.82 -42.17
C PHE A 73 -19.44 12.77 -40.65
N ASN A 74 -20.10 11.80 -40.06
CA ASN A 74 -20.21 11.74 -38.60
C ASN A 74 -19.10 10.82 -38.09
N ASP A 75 -17.91 11.39 -37.94
CA ASP A 75 -16.74 10.68 -37.39
C ASP A 75 -16.40 9.47 -38.27
N GLY A 76 -15.75 9.74 -39.38
CA GLY A 76 -15.29 8.70 -40.26
C GLY A 76 -16.37 8.24 -41.23
N VAL A 77 -15.91 7.70 -42.36
CA VAL A 77 -16.84 7.11 -43.33
C VAL A 77 -16.14 5.97 -44.04
N TYR A 78 -16.91 4.92 -44.35
CA TYR A 78 -16.45 3.80 -45.17
C TYR A 78 -17.13 3.92 -46.52
N PHE A 79 -16.34 4.08 -47.56
CA PHE A 79 -16.83 4.34 -48.91
C PHE A 79 -16.30 3.24 -49.80
N ALA A 80 -17.19 2.42 -50.35
CA ALA A 80 -16.77 1.34 -51.23
C ALA A 80 -17.39 1.56 -52.59
N SER A 81 -16.57 1.73 -53.60
CA SER A 81 -17.06 1.97 -54.95
C SER A 81 -16.72 0.78 -55.83
N THR A 82 -17.75 0.19 -56.43
CA THR A 82 -17.55 -0.90 -57.38
C THR A 82 -17.85 -0.38 -58.77
N GLU A 83 -16.90 -0.55 -59.68
CA GLU A 83 -17.00 0.18 -60.94
C GLU A 83 -15.99 -0.39 -61.92
N LYS A 84 -16.20 -0.08 -63.20
CA LYS A 84 -15.37 -0.62 -64.26
C LYS A 84 -14.82 0.41 -65.23
N SER A 85 -15.25 1.68 -65.18
CA SER A 85 -14.90 2.63 -66.22
C SER A 85 -14.43 3.97 -65.68
N ASN A 86 -14.02 4.03 -64.42
CA ASN A 86 -13.54 5.27 -63.79
C ASN A 86 -14.59 6.37 -63.87
N ILE A 87 -15.72 6.12 -63.20
CA ILE A 87 -16.82 7.07 -63.16
C ILE A 87 -16.81 7.87 -61.86
N ILE A 88 -16.48 7.22 -60.75
CA ILE A 88 -16.34 7.92 -59.48
C ILE A 88 -14.95 8.56 -59.46
N ARG A 89 -14.87 9.82 -59.03
CA ARG A 89 -13.61 10.53 -59.11
C ARG A 89 -13.11 11.02 -57.76
N GLY A 90 -13.84 11.90 -57.09
CA GLY A 90 -13.26 12.52 -55.92
C GLY A 90 -14.30 13.06 -54.97
N TRP A 91 -13.82 13.72 -53.93
CA TRP A 91 -14.65 14.05 -52.79
C TRP A 91 -14.35 15.45 -52.28
N ILE A 92 -15.34 16.02 -51.60
CA ILE A 92 -15.31 17.35 -51.01
C ILE A 92 -15.66 17.21 -49.54
N PHE A 93 -14.97 17.96 -48.69
CA PHE A 93 -15.21 17.91 -47.25
C PHE A 93 -15.31 19.32 -46.68
N GLY A 94 -16.23 19.51 -45.74
CA GLY A 94 -16.40 20.81 -45.13
C GLY A 94 -17.60 20.82 -44.20
N THR A 95 -17.90 22.01 -43.67
CA THR A 95 -19.08 22.20 -42.84
C THR A 95 -20.23 22.84 -43.61
N THR A 96 -19.98 23.99 -44.24
CA THR A 96 -21.03 24.69 -44.98
C THR A 96 -20.85 24.61 -46.49
N LEU A 97 -19.68 24.22 -46.96
CA LEU A 97 -19.41 24.06 -48.39
C LEU A 97 -19.65 25.37 -49.15
N ASP A 98 -19.31 26.48 -48.51
CA ASP A 98 -19.48 27.80 -49.11
C ASP A 98 -18.26 28.64 -48.74
N SER A 99 -18.36 29.95 -48.93
CA SER A 99 -17.26 30.85 -48.61
C SER A 99 -17.07 31.05 -47.11
N LYS A 100 -18.06 30.72 -46.30
CA LYS A 100 -17.96 30.99 -44.86
C LYS A 100 -16.90 30.12 -44.19
N THR A 101 -16.70 28.90 -44.67
CA THR A 101 -15.80 27.95 -44.03
C THR A 101 -14.85 27.34 -45.05
N GLN A 102 -13.71 26.86 -44.56
CA GLN A 102 -12.73 26.19 -45.41
C GLN A 102 -13.26 24.84 -45.90
N SER A 103 -12.72 24.41 -47.03
CA SER A 103 -13.15 23.16 -47.64
C SER A 103 -11.96 22.40 -48.20
N LEU A 104 -11.93 21.10 -47.91
CA LEU A 104 -10.93 20.18 -48.44
C LEU A 104 -11.45 19.54 -49.71
N LEU A 105 -10.56 19.38 -50.68
CA LEU A 105 -10.94 18.81 -51.97
C LEU A 105 -9.89 17.79 -52.37
N ILE A 106 -10.33 16.57 -52.62
CA ILE A 106 -9.49 15.50 -53.17
C ILE A 106 -10.15 15.07 -54.47
N VAL A 107 -9.71 15.63 -55.59
CA VAL A 107 -10.35 15.40 -56.86
C VAL A 107 -9.35 14.74 -57.80
N ASN A 108 -9.76 13.65 -58.41
CA ASN A 108 -8.98 13.10 -59.50
C ASN A 108 -9.37 13.80 -60.80
N ASN A 109 -8.37 13.89 -61.68
CA ASN A 109 -8.58 14.35 -63.05
C ASN A 109 -8.21 13.24 -64.01
N ALA A 110 -8.16 13.55 -65.30
CA ALA A 110 -7.74 12.54 -66.27
C ALA A 110 -6.27 12.19 -66.14
N THR A 111 -5.50 12.98 -65.40
CA THR A 111 -4.06 12.75 -65.33
C THR A 111 -3.51 12.65 -63.90
N ASN A 112 -3.92 13.52 -62.99
CA ASN A 112 -3.26 13.51 -61.70
C ASN A 112 -4.21 13.95 -60.60
N VAL A 113 -4.06 13.33 -59.43
CA VAL A 113 -4.93 13.67 -58.31
C VAL A 113 -4.53 15.05 -57.79
N VAL A 114 -5.47 15.72 -57.16
CA VAL A 114 -5.26 17.07 -56.64
C VAL A 114 -5.92 17.15 -55.28
N ILE A 115 -5.20 17.64 -54.28
CA ILE A 115 -5.77 17.84 -52.96
C ILE A 115 -5.41 19.23 -52.47
N LYS A 116 -6.42 20.00 -52.10
CA LYS A 116 -6.23 21.36 -51.60
C LYS A 116 -7.21 21.62 -50.47
N VAL A 117 -6.97 22.70 -49.73
CA VAL A 117 -7.98 23.24 -48.82
C VAL A 117 -8.10 24.74 -49.07
N CYS A 118 -9.28 25.18 -49.48
CA CYS A 118 -9.57 26.59 -49.65
C CYS A 118 -11.05 26.81 -49.37
N GLU A 119 -11.41 28.08 -49.11
CA GLU A 119 -12.81 28.45 -48.94
C GLU A 119 -13.44 28.57 -50.33
N PHE A 120 -13.73 27.42 -50.91
CA PHE A 120 -14.29 27.36 -52.25
C PHE A 120 -15.73 27.86 -52.27
N GLN A 121 -16.25 28.04 -53.47
CA GLN A 121 -17.66 28.35 -53.71
C GLN A 121 -18.26 27.16 -54.46
N PHE A 122 -18.75 26.19 -53.71
CA PHE A 122 -19.34 25.00 -54.30
C PHE A 122 -20.79 25.26 -54.68
N CYS A 123 -21.14 24.85 -55.89
CA CYS A 123 -22.51 24.89 -56.37
C CYS A 123 -23.27 23.63 -55.95
N ASN A 124 -24.51 23.51 -56.43
CA ASN A 124 -25.38 22.43 -55.99
C ASN A 124 -24.92 21.08 -56.52
N ASP A 125 -24.39 21.03 -57.74
CA ASP A 125 -24.07 19.77 -58.40
C ASP A 125 -22.64 19.81 -58.92
N PRO A 126 -21.67 19.68 -58.03
CA PRO A 126 -20.28 19.56 -58.49
C PRO A 126 -20.10 18.24 -59.22
N PHE A 127 -19.34 18.29 -60.31
CA PHE A 127 -19.17 17.14 -61.19
C PHE A 127 -18.08 17.45 -62.20
N LEU A 128 -17.45 16.38 -62.69
CA LEU A 128 -16.32 16.46 -63.61
C LEU A 128 -16.72 15.84 -64.93
N GLY A 129 -16.95 16.68 -65.93
CA GLY A 129 -17.43 16.19 -67.22
C GLY A 129 -16.33 15.55 -68.02
N VAL A 130 -16.66 14.44 -68.68
CA VAL A 130 -15.77 13.78 -69.61
C VAL A 130 -16.41 13.84 -70.99
N TYR A 131 -15.72 14.43 -71.96
CA TYR A 131 -16.28 14.46 -73.33
C TYR A 131 -15.76 13.24 -74.11
N TYR A 132 -16.25 12.05 -73.76
CA TYR A 132 -15.80 10.81 -74.44
C TYR A 132 -16.49 10.67 -75.80
N HIS A 133 -15.80 10.10 -76.78
CA HIS A 133 -16.37 9.92 -78.15
C HIS A 133 -16.88 11.27 -78.65
N LYS A 134 -16.38 12.37 -78.06
CA LYS A 134 -16.78 13.73 -78.51
C LYS A 134 -16.28 13.92 -79.95
N ASN A 135 -15.05 13.46 -80.22
CA ASN A 135 -14.50 13.56 -81.60
C ASN A 135 -13.70 12.28 -81.92
N ASN A 136 -13.51 11.98 -83.21
CA ASN A 136 -12.71 10.80 -83.62
C ASN A 136 -13.21 9.56 -82.86
N LYS A 137 -12.30 8.82 -82.22
CA LYS A 137 -12.67 7.58 -81.49
C LYS A 137 -12.26 7.73 -80.02
N SER A 138 -12.88 6.97 -79.12
CA SER A 138 -12.57 7.09 -77.67
C SER A 138 -12.50 8.57 -77.31
N TRP A 139 -11.29 9.12 -77.17
CA TRP A 139 -11.10 10.58 -76.90
C TRP A 139 -11.69 10.98 -75.55
N MET A 140 -10.83 11.30 -74.59
CA MET A 140 -11.34 11.79 -73.28
C MET A 140 -11.10 13.30 -73.21
N GLU A 141 -12.14 14.08 -72.95
CA GLU A 141 -11.99 15.55 -72.81
C GLU A 141 -12.51 15.96 -71.43
N SER A 142 -11.62 16.36 -70.52
CA SER A 142 -12.06 16.67 -69.16
C SER A 142 -12.86 17.98 -69.14
N GLU A 143 -13.39 18.29 -67.96
CA GLU A 143 -14.00 19.58 -67.71
C GLU A 143 -14.19 19.73 -66.20
N PHE A 144 -13.78 20.87 -65.67
CA PHE A 144 -13.78 21.10 -64.23
C PHE A 144 -14.88 22.09 -63.88
N ARG A 145 -15.96 21.59 -63.28
CA ARG A 145 -17.08 22.43 -62.91
C ARG A 145 -17.39 22.31 -61.42
N VAL A 146 -16.36 22.38 -60.60
CA VAL A 146 -16.51 22.07 -59.18
C VAL A 146 -16.84 23.32 -58.37
N TYR A 147 -16.15 24.43 -58.65
CA TYR A 147 -16.24 25.63 -57.83
C TYR A 147 -16.34 26.86 -58.71
N SER A 148 -16.97 27.91 -58.19
CA SER A 148 -16.94 29.19 -58.86
C SER A 148 -15.54 29.79 -58.79
N SER A 149 -14.92 29.77 -57.61
CA SER A 149 -13.64 30.39 -57.37
C SER A 149 -13.02 29.77 -56.13
N ALA A 150 -11.74 30.09 -55.90
CA ALA A 150 -11.00 29.56 -54.77
C ALA A 150 -10.48 30.71 -53.92
N ASN A 151 -10.62 30.59 -52.60
CA ASN A 151 -10.18 31.63 -51.68
C ASN A 151 -9.67 30.98 -50.40
N ASN A 152 -8.73 31.67 -49.73
CA ASN A 152 -8.17 31.21 -48.45
C ASN A 152 -7.55 29.82 -48.58
N CYS A 153 -6.49 29.73 -49.36
CA CYS A 153 -5.80 28.46 -49.60
C CYS A 153 -4.62 28.34 -48.64
N THR A 154 -4.64 27.30 -47.79
CA THR A 154 -3.60 27.10 -46.78
C THR A 154 -2.88 25.77 -46.89
N PHE A 155 -3.24 24.93 -47.86
CA PHE A 155 -2.52 23.70 -48.14
C PHE A 155 -2.62 23.43 -49.63
N GLU A 156 -1.61 22.73 -50.15
CA GLU A 156 -1.60 22.32 -51.54
C GLU A 156 -0.85 21.01 -51.64
N TYR A 157 -1.34 20.11 -52.49
CA TYR A 157 -0.63 18.86 -52.74
C TYR A 157 -1.12 18.32 -54.07
N VAL A 158 -0.19 17.92 -54.92
CA VAL A 158 -0.49 17.35 -56.23
C VAL A 158 0.35 16.09 -56.37
N SER A 159 -0.03 15.24 -57.30
CA SER A 159 0.76 14.05 -57.60
C SER A 159 1.13 14.04 -59.08
N GLN A 160 1.99 13.10 -59.43
CA GLN A 160 2.62 13.11 -60.74
C GLN A 160 1.60 12.82 -61.83
N PRO A 161 1.69 13.53 -62.97
CA PRO A 161 0.70 13.34 -64.04
C PRO A 161 0.86 11.99 -64.75
N PHE A 162 -0.28 11.30 -64.90
CA PHE A 162 -0.33 10.01 -65.59
C PHE A 162 -1.72 9.84 -66.17
N LEU A 163 -1.82 9.74 -67.49
CA LEU A 163 -3.12 9.72 -68.14
C LEU A 163 -3.83 8.39 -67.92
N MET A 164 -5.15 8.46 -67.73
CA MET A 164 -5.96 7.24 -67.67
C MET A 164 -6.07 6.62 -69.05
N ASP A 165 -6.02 5.29 -69.09
CA ASP A 165 -6.08 4.55 -70.34
C ASP A 165 -6.96 3.32 -70.16
N LEU A 166 -7.93 3.16 -71.05
CA LEU A 166 -8.72 1.93 -71.11
C LEU A 166 -8.59 1.22 -72.44
N GLU A 167 -8.71 1.94 -73.55
CA GLU A 167 -8.61 1.39 -74.90
C GLU A 167 -9.48 0.15 -75.09
N GLY A 171 -16.91 -4.92 -71.54
CA GLY A 171 -16.47 -4.39 -70.26
C GLY A 171 -17.10 -5.07 -69.06
N ASN A 172 -16.34 -5.92 -68.38
CA ASN A 172 -16.81 -6.57 -67.16
C ASN A 172 -15.75 -6.69 -66.09
N PHE A 173 -14.54 -6.15 -66.30
CA PHE A 173 -13.46 -6.30 -65.31
C PHE A 173 -13.69 -5.33 -64.15
N LYS A 174 -14.80 -5.56 -63.45
CA LYS A 174 -15.19 -4.66 -62.37
C LYS A 174 -14.16 -4.71 -61.24
N ASN A 175 -14.00 -3.58 -60.55
CA ASN A 175 -13.06 -3.46 -59.46
C ASN A 175 -13.74 -2.83 -58.25
N LEU A 176 -13.32 -3.26 -57.07
CA LEU A 176 -13.72 -2.63 -55.82
C LEU A 176 -12.60 -1.73 -55.34
N ARG A 177 -12.95 -0.50 -55.02
CA ARG A 177 -12.06 0.42 -54.33
C ARG A 177 -12.69 0.67 -52.97
N GLU A 178 -12.06 0.21 -51.90
CA GLU A 178 -12.53 0.50 -50.56
C GLU A 178 -11.67 1.60 -49.96
N PHE A 179 -12.31 2.58 -49.35
CA PHE A 179 -11.60 3.62 -48.64
C PHE A 179 -12.25 3.85 -47.29
N VAL A 180 -11.44 4.21 -46.31
CA VAL A 180 -11.93 4.64 -45.01
C VAL A 180 -11.30 5.99 -44.71
N PHE A 181 -12.15 6.98 -44.46
CA PHE A 181 -11.70 8.33 -44.15
C PHE A 181 -11.94 8.62 -42.68
N LYS A 182 -10.90 9.08 -41.98
CA LYS A 182 -11.06 9.52 -40.60
C LYS A 182 -10.44 10.89 -40.44
N ASN A 183 -10.93 11.62 -39.43
CA ASN A 183 -10.41 12.94 -39.09
C ASN A 183 -10.30 13.00 -37.57
N ILE A 184 -9.08 12.94 -37.04
CA ILE A 184 -8.86 12.92 -35.60
C ILE A 184 -7.81 13.97 -35.24
N ASP A 185 -8.13 14.78 -34.23
CA ASP A 185 -7.23 15.82 -33.72
C ASP A 185 -6.76 16.76 -34.83
N GLY A 186 -7.61 16.99 -35.82
CA GLY A 186 -7.22 17.84 -36.93
C GLY A 186 -6.22 17.20 -37.87
N TYR A 187 -6.27 15.89 -38.05
CA TYR A 187 -5.46 15.20 -39.02
C TYR A 187 -6.33 14.20 -39.78
N PHE A 188 -6.20 14.22 -41.10
CA PHE A 188 -7.11 13.51 -41.99
C PHE A 188 -6.39 12.27 -42.51
N LYS A 189 -6.77 11.11 -42.01
CA LYS A 189 -6.11 9.85 -42.34
C LYS A 189 -6.97 9.09 -43.33
N ILE A 190 -6.38 8.68 -44.44
CA ILE A 190 -7.10 7.92 -45.46
C ILE A 190 -6.43 6.56 -45.62
N TYR A 191 -7.24 5.51 -45.47
CA TYR A 191 -6.85 4.12 -45.71
C TYR A 191 -7.52 3.65 -46.99
N SER A 192 -6.83 2.83 -47.76
CA SER A 192 -7.32 2.43 -49.07
C SER A 192 -6.99 0.98 -49.35
N LYS A 193 -7.73 0.41 -50.31
CA LYS A 193 -7.50 -0.95 -50.78
C LYS A 193 -8.23 -1.15 -52.09
N HIS A 194 -7.68 -2.00 -52.96
CA HIS A 194 -8.28 -2.31 -54.24
C HIS A 194 -8.33 -3.81 -54.44
N THR A 195 -9.39 -4.27 -55.12
CA THR A 195 -9.54 -5.72 -55.32
C THR A 195 -10.28 -6.01 -56.61
N PRO A 196 -9.76 -6.94 -57.42
CA PRO A 196 -10.46 -7.32 -58.65
C PRO A 196 -11.65 -8.23 -58.39
N ILE A 197 -12.63 -8.16 -59.29
CA ILE A 197 -13.88 -8.90 -59.15
C ILE A 197 -14.50 -8.98 -60.54
N ASN A 198 -15.44 -9.90 -60.71
CA ASN A 198 -16.10 -10.05 -62.01
C ASN A 198 -17.59 -10.33 -61.82
N LEU A 199 -18.43 -9.48 -62.39
CA LEU A 199 -19.86 -9.71 -62.59
C LEU A 199 -20.54 -10.01 -61.24
N VAL A 200 -20.62 -8.97 -60.41
CA VAL A 200 -21.37 -9.02 -59.17
C VAL A 200 -22.25 -7.78 -59.09
N ARG A 201 -23.48 -7.96 -58.61
CA ARG A 201 -24.44 -6.85 -58.60
C ARG A 201 -24.11 -5.84 -57.52
N ASP A 202 -23.66 -6.29 -56.36
CA ASP A 202 -23.29 -5.40 -55.27
C ASP A 202 -22.03 -5.92 -54.60
N LEU A 203 -21.64 -5.30 -53.51
CA LEU A 203 -20.45 -5.73 -52.80
C LEU A 203 -20.73 -7.09 -52.15
N PRO A 204 -19.91 -8.09 -52.41
CA PRO A 204 -20.17 -9.42 -51.84
C PRO A 204 -19.57 -9.55 -50.45
N GLN A 205 -19.73 -10.73 -49.84
CA GLN A 205 -19.16 -10.94 -48.52
C GLN A 205 -17.66 -11.17 -48.65
N GLY A 206 -17.01 -11.49 -47.54
CA GLY A 206 -15.58 -11.70 -47.56
C GLY A 206 -14.89 -10.80 -46.57
N PHE A 207 -13.58 -10.69 -46.66
CA PHE A 207 -12.83 -9.89 -45.71
C PHE A 207 -11.63 -9.27 -46.42
N SER A 208 -11.49 -7.96 -46.28
CA SER A 208 -10.35 -7.24 -46.85
C SER A 208 -9.84 -6.26 -45.82
N ALA A 209 -8.63 -6.48 -45.33
CA ALA A 209 -8.01 -5.54 -44.42
C ALA A 209 -7.38 -4.41 -45.23
N LEU A 210 -7.69 -3.17 -44.84
CA LEU A 210 -7.24 -2.01 -45.60
C LEU A 210 -5.94 -1.49 -45.02
N GLU A 211 -4.95 -1.28 -45.87
CA GLU A 211 -3.67 -0.72 -45.47
C GLU A 211 -3.74 0.80 -45.45
N PRO A 212 -3.11 1.47 -44.49
CA PRO A 212 -3.11 2.92 -44.48
C PRO A 212 -2.43 3.47 -45.73
N LEU A 213 -3.00 4.55 -46.25
CA LEU A 213 -2.43 5.19 -47.44
C LEU A 213 -1.69 6.47 -47.11
N VAL A 214 -2.32 7.43 -46.44
CA VAL A 214 -1.58 8.64 -46.07
C VAL A 214 -2.33 9.43 -45.02
N ASP A 215 -1.59 10.16 -44.20
CA ASP A 215 -2.12 11.09 -43.21
C ASP A 215 -1.86 12.51 -43.69
N LEU A 216 -2.85 13.38 -43.54
CA LEU A 216 -2.80 14.75 -44.03
C LEU A 216 -2.91 15.72 -42.85
N PRO A 217 -2.04 16.73 -42.77
CA PRO A 217 -2.18 17.78 -41.74
C PRO A 217 -3.13 18.89 -42.17
N ILE A 218 -4.38 18.52 -42.44
CA ILE A 218 -5.35 19.47 -42.96
C ILE A 218 -6.02 20.21 -41.81
N GLY A 219 -6.74 19.46 -40.95
CA GLY A 219 -7.27 20.03 -39.73
C GLY A 219 -8.36 21.08 -39.90
N ILE A 220 -9.54 20.67 -40.35
CA ILE A 220 -10.67 21.57 -40.41
C ILE A 220 -11.79 21.04 -39.53
N ASN A 221 -12.77 21.88 -39.24
CA ASN A 221 -14.07 21.40 -38.79
C ASN A 221 -14.72 20.71 -39.99
N ILE A 222 -14.98 19.41 -39.86
CA ILE A 222 -15.59 18.63 -40.93
C ILE A 222 -16.87 18.01 -40.41
N THR A 223 -17.96 18.24 -41.14
CA THR A 223 -19.25 17.68 -40.78
C THR A 223 -19.99 17.05 -41.95
N ARG A 224 -19.60 17.33 -43.19
CA ARG A 224 -20.39 16.89 -44.33
C ARG A 224 -19.48 16.75 -45.54
N PHE A 225 -19.84 15.84 -46.45
CA PHE A 225 -18.98 15.51 -47.58
C PHE A 225 -19.84 15.11 -48.77
N GLN A 226 -19.26 15.20 -49.96
CA GLN A 226 -19.98 14.88 -51.17
C GLN A 226 -19.07 14.18 -52.16
N THR A 227 -19.65 13.35 -53.00
CA THR A 227 -18.91 12.55 -53.97
C THR A 227 -19.05 13.10 -55.37
N LEU A 228 -17.95 13.05 -56.13
CA LEU A 228 -17.87 13.60 -57.48
C LEU A 228 -17.97 12.48 -58.51
N LEU A 229 -18.80 12.69 -59.52
CA LEU A 229 -19.10 11.69 -60.52
C LEU A 229 -18.70 12.20 -61.90
N ALA A 230 -18.27 11.28 -62.75
CA ALA A 230 -17.88 11.62 -64.12
C ALA A 230 -19.07 11.49 -65.05
N LEU A 231 -19.29 12.51 -65.86
CA LEU A 231 -20.43 12.57 -66.78
C LEU A 231 -19.97 12.15 -68.17
N HIS A 232 -20.38 10.97 -68.60
CA HIS A 232 -20.03 10.49 -69.94
C HIS A 232 -20.60 11.39 -71.03
N ARG A 233 -21.71 12.06 -70.74
CA ARG A 233 -22.37 12.98 -71.66
C ARG A 233 -21.98 14.43 -71.34
N SER A 234 -22.68 15.38 -71.95
CA SER A 234 -22.62 16.80 -71.64
C SER A 234 -23.99 17.25 -71.13
N TYR A 235 -24.18 18.57 -70.98
CA TYR A 235 -25.39 19.09 -70.36
C TYR A 235 -26.40 19.74 -71.31
N LEU A 236 -25.99 20.21 -72.49
CA LEU A 236 -26.95 20.83 -73.41
C LEU A 236 -27.73 19.79 -74.22
N THR A 237 -27.03 19.05 -75.08
CA THR A 237 -27.61 18.01 -75.93
C THR A 237 -26.51 17.02 -76.28
N PRO A 238 -26.18 16.11 -75.37
CA PRO A 238 -24.99 15.29 -75.53
C PRO A 238 -25.04 14.29 -76.68
N GLY A 239 -26.04 13.41 -76.66
CA GLY A 239 -26.04 12.28 -77.55
C GLY A 239 -27.40 11.71 -77.88
N ASP A 240 -27.43 10.44 -78.27
CA ASP A 240 -28.65 9.81 -78.76
C ASP A 240 -29.53 9.31 -77.62
N SER A 241 -29.04 8.33 -76.86
CA SER A 241 -29.83 7.72 -75.80
C SER A 241 -28.91 6.96 -74.85
N SER A 242 -29.33 6.90 -73.58
CA SER A 242 -28.55 6.25 -72.53
C SER A 242 -27.11 6.76 -72.51
N SER A 243 -26.98 8.10 -72.59
CA SER A 243 -25.66 8.70 -72.71
C SER A 243 -24.77 8.41 -71.51
N GLY A 244 -25.34 8.23 -70.33
CA GLY A 244 -24.55 7.79 -69.19
C GLY A 244 -24.10 6.35 -69.37
N TRP A 245 -22.91 6.06 -68.87
CA TRP A 245 -22.32 4.72 -69.03
C TRP A 245 -23.15 3.69 -68.30
N THR A 246 -23.70 2.74 -69.05
CA THR A 246 -24.52 1.64 -68.52
C THR A 246 -25.64 2.13 -67.62
N ALA A 247 -26.10 3.36 -67.85
CA ALA A 247 -27.19 3.97 -67.06
C ALA A 247 -26.87 3.99 -65.57
N GLY A 248 -25.59 4.15 -65.23
CA GLY A 248 -25.17 4.20 -63.85
C GLY A 248 -24.94 2.85 -63.20
N ALA A 249 -24.47 1.86 -63.96
CA ALA A 249 -24.22 0.55 -63.36
C ALA A 249 -23.12 0.61 -62.32
N ALA A 250 -22.06 1.37 -62.58
CA ALA A 250 -21.07 1.64 -61.56
C ALA A 250 -21.75 2.29 -60.37
N ALA A 251 -21.36 1.88 -59.16
CA ALA A 251 -22.13 2.33 -58.00
C ALA A 251 -21.22 2.46 -56.79
N TYR A 252 -21.75 3.09 -55.76
CA TYR A 252 -20.98 3.23 -54.53
C TYR A 252 -21.88 3.00 -53.33
N TYR A 253 -21.26 2.61 -52.23
CA TYR A 253 -21.95 2.28 -50.98
C TYR A 253 -21.29 3.04 -49.85
N VAL A 254 -22.11 3.61 -48.98
CA VAL A 254 -21.63 4.46 -47.90
C VAL A 254 -22.11 3.90 -46.57
N GLY A 255 -21.19 3.83 -45.60
CA GLY A 255 -21.54 3.48 -44.24
C GLY A 255 -20.71 4.32 -43.28
N TYR A 256 -21.17 4.39 -42.03
CA TYR A 256 -20.60 5.29 -41.04
C TYR A 256 -20.02 4.49 -39.89
N LEU A 257 -18.77 4.78 -39.54
CA LEU A 257 -18.10 4.02 -38.50
C LEU A 257 -18.61 4.42 -37.12
N GLN A 258 -18.43 3.53 -36.15
CA GLN A 258 -18.79 3.78 -34.76
C GLN A 258 -17.69 3.24 -33.86
N PRO A 259 -17.56 3.76 -32.64
CA PRO A 259 -16.62 3.19 -31.69
C PRO A 259 -17.05 1.78 -31.29
N ARG A 260 -16.12 0.84 -31.34
CA ARG A 260 -16.43 -0.55 -31.08
C ARG A 260 -15.15 -1.28 -30.68
N THR A 261 -15.32 -2.49 -30.19
CA THR A 261 -14.21 -3.33 -29.73
C THR A 261 -14.18 -4.59 -30.59
N PHE A 262 -13.16 -4.68 -31.44
CA PHE A 262 -12.98 -5.81 -32.34
C PHE A 262 -11.90 -6.71 -31.76
N LEU A 263 -12.07 -8.02 -31.90
CA LEU A 263 -10.98 -8.95 -31.56
C LEU A 263 -10.28 -9.34 -32.86
N LEU A 264 -9.28 -8.55 -33.23
CA LEU A 264 -8.58 -8.73 -34.49
C LEU A 264 -7.66 -9.94 -34.41
N LYS A 265 -7.53 -10.64 -35.53
CA LYS A 265 -6.71 -11.87 -35.57
C LYS A 265 -5.57 -11.70 -36.56
N TYR A 266 -4.41 -11.27 -36.07
CA TYR A 266 -3.21 -11.23 -36.87
C TYR A 266 -2.70 -12.64 -37.08
N ASN A 267 -2.52 -13.05 -38.34
CA ASN A 267 -1.96 -14.37 -38.56
C ASN A 267 -0.44 -14.30 -38.46
N GLU A 268 0.24 -15.36 -38.88
CA GLU A 268 1.68 -15.44 -38.62
C GLU A 268 2.50 -14.49 -39.49
N ASN A 269 1.91 -13.89 -40.52
CA ASN A 269 2.62 -12.92 -41.34
C ASN A 269 2.29 -11.48 -41.00
N GLY A 270 1.45 -11.25 -39.99
CA GLY A 270 1.06 -9.90 -39.64
C GLY A 270 -0.05 -9.33 -40.49
N THR A 271 -0.78 -10.16 -41.23
CA THR A 271 -1.89 -9.71 -42.07
C THR A 271 -3.20 -10.04 -41.39
N ILE A 272 -4.05 -9.03 -41.19
CA ILE A 272 -5.35 -9.23 -40.57
C ILE A 272 -6.14 -10.19 -41.43
N THR A 273 -6.67 -11.25 -40.81
CA THR A 273 -7.41 -12.24 -41.57
C THR A 273 -8.78 -12.60 -41.03
N ASP A 274 -9.11 -12.24 -39.79
CA ASP A 274 -10.42 -12.50 -39.20
C ASP A 274 -10.67 -11.53 -38.08
N ALA A 275 -11.95 -11.34 -37.76
CA ALA A 275 -12.33 -10.48 -36.65
C ALA A 275 -13.68 -10.93 -36.12
N VAL A 276 -13.96 -10.56 -34.87
CA VAL A 276 -15.27 -10.82 -34.26
C VAL A 276 -15.70 -9.59 -33.49
N ASP A 277 -16.92 -9.12 -33.76
CA ASP A 277 -17.47 -7.95 -33.09
C ASP A 277 -17.92 -8.33 -31.69
N CYS A 278 -17.28 -7.76 -30.67
CA CYS A 278 -17.57 -8.19 -29.31
C CYS A 278 -19.01 -7.89 -28.91
N ALA A 279 -19.62 -6.85 -29.46
CA ALA A 279 -20.96 -6.44 -29.04
C ALA A 279 -22.03 -6.80 -30.05
N LEU A 280 -21.95 -7.99 -30.65
CA LEU A 280 -22.90 -8.38 -31.69
C LEU A 280 -23.94 -9.39 -31.19
N ASP A 281 -23.50 -10.41 -30.47
CA ASP A 281 -24.40 -11.37 -29.85
C ASP A 281 -23.65 -12.03 -28.71
N PRO A 282 -24.35 -12.77 -27.84
CA PRO A 282 -23.65 -13.35 -26.69
C PRO A 282 -22.46 -14.21 -27.06
N LEU A 283 -22.54 -14.97 -28.15
CA LEU A 283 -21.43 -15.84 -28.51
C LEU A 283 -20.17 -15.02 -28.75
N SER A 284 -20.30 -13.90 -29.45
CA SER A 284 -19.13 -13.06 -29.69
C SER A 284 -18.61 -12.45 -28.40
N GLU A 285 -19.51 -12.15 -27.45
CA GLU A 285 -19.07 -11.67 -26.15
C GLU A 285 -18.20 -12.71 -25.45
N THR A 286 -18.62 -13.99 -25.48
CA THR A 286 -17.81 -15.02 -24.85
C THR A 286 -16.50 -15.23 -25.58
N LYS A 287 -16.51 -15.15 -26.91
CA LYS A 287 -15.26 -15.22 -27.67
C LYS A 287 -14.30 -14.13 -27.24
N CYS A 288 -14.79 -12.91 -27.07
CA CYS A 288 -13.91 -11.81 -26.67
C CYS A 288 -13.42 -11.98 -25.24
N THR A 289 -14.26 -12.48 -24.33
CA THR A 289 -13.82 -12.63 -22.95
C THR A 289 -12.80 -13.75 -22.81
N LEU A 290 -12.99 -14.85 -23.53
CA LEU A 290 -12.02 -15.94 -23.48
C LEU A 290 -10.74 -15.64 -24.23
N LYS A 291 -10.72 -14.58 -25.05
CA LYS A 291 -9.60 -14.28 -25.93
C LYS A 291 -9.30 -15.48 -26.83
N SER A 292 -10.35 -15.99 -27.46
CA SER A 292 -10.24 -17.15 -28.34
C SER A 292 -11.32 -17.04 -29.41
N PHE A 293 -11.10 -17.75 -30.52
CA PHE A 293 -12.07 -17.78 -31.61
C PHE A 293 -13.05 -18.94 -31.52
N THR A 294 -12.79 -19.93 -30.68
CA THR A 294 -13.67 -21.08 -30.53
C THR A 294 -13.91 -21.33 -29.06
N VAL A 295 -15.17 -21.51 -28.68
CA VAL A 295 -15.56 -21.72 -27.30
C VAL A 295 -16.03 -23.17 -27.15
N GLU A 296 -15.59 -23.82 -26.08
CA GLU A 296 -15.96 -25.19 -25.80
C GLU A 296 -17.35 -25.22 -25.16
N LYS A 297 -17.87 -26.44 -25.00
CA LYS A 297 -19.14 -26.62 -24.31
C LYS A 297 -19.03 -26.18 -22.85
N GLY A 298 -20.06 -25.51 -22.36
CA GLY A 298 -20.09 -25.10 -20.98
C GLY A 298 -20.87 -23.82 -20.81
N ILE A 299 -20.75 -23.23 -19.63
CA ILE A 299 -21.42 -21.99 -19.27
C ILE A 299 -20.38 -20.99 -18.79
N TYR A 300 -20.31 -19.84 -19.45
CA TYR A 300 -19.29 -18.83 -19.20
C TYR A 300 -19.92 -17.57 -18.65
N GLN A 301 -19.31 -17.01 -17.62
CA GLN A 301 -19.77 -15.77 -16.99
C GLN A 301 -19.01 -14.60 -17.61
N THR A 302 -19.74 -13.70 -18.27
CA THR A 302 -19.10 -12.67 -19.10
C THR A 302 -19.16 -11.29 -18.47
N SER A 303 -20.36 -10.78 -18.19
CA SER A 303 -20.50 -9.41 -17.68
C SER A 303 -21.52 -9.36 -16.56
N ASN A 304 -21.95 -8.15 -16.18
CA ASN A 304 -22.96 -8.00 -15.14
C ASN A 304 -23.86 -6.83 -15.47
N PHE A 305 -25.16 -7.01 -15.30
CA PHE A 305 -26.13 -5.95 -15.55
C PHE A 305 -26.63 -5.40 -14.22
N ARG A 306 -26.98 -4.11 -14.23
CA ARG A 306 -27.28 -3.43 -12.97
C ARG A 306 -28.46 -2.47 -13.04
N VAL A 307 -29.25 -2.47 -14.13
CA VAL A 307 -30.40 -1.60 -14.36
C VAL A 307 -30.20 -0.19 -13.82
N GLN A 308 -29.84 0.72 -14.72
CA GLN A 308 -29.55 2.10 -14.34
C GLN A 308 -30.81 2.78 -13.81
N PRO A 309 -30.66 3.72 -12.88
CA PRO A 309 -31.82 4.44 -12.35
C PRO A 309 -32.39 5.43 -13.36
N THR A 310 -33.70 5.63 -13.26
CA THR A 310 -34.41 6.59 -14.10
C THR A 310 -34.96 7.70 -13.21
N GLU A 311 -34.61 8.94 -13.53
CA GLU A 311 -35.12 10.14 -12.87
C GLU A 311 -34.58 10.28 -11.45
N SER A 312 -34.08 11.47 -11.11
CA SER A 312 -33.61 11.78 -9.77
C SER A 312 -34.61 12.69 -9.07
N ILE A 313 -34.74 12.53 -7.76
CA ILE A 313 -35.68 13.30 -6.96
C ILE A 313 -34.93 14.00 -5.83
N VAL A 314 -35.50 15.10 -5.37
CA VAL A 314 -34.93 15.93 -4.31
C VAL A 314 -36.03 16.26 -3.32
N ARG A 315 -35.70 16.21 -2.03
CA ARG A 315 -36.65 16.47 -0.96
C ARG A 315 -36.06 17.46 0.05
N PHE A 316 -35.57 18.58 -0.47
CA PHE A 316 -34.97 19.60 0.37
C PHE A 316 -36.04 20.21 1.30
N PRO A 317 -35.61 20.87 2.39
CA PRO A 317 -36.58 21.37 3.37
C PRO A 317 -37.42 22.54 2.87
N ASN A 318 -38.20 23.13 3.78
CA ASN A 318 -39.18 24.15 3.43
C ASN A 318 -38.75 25.51 3.97
N ILE A 319 -37.48 25.86 3.81
CA ILE A 319 -36.90 27.06 4.39
C ILE A 319 -37.38 28.26 3.58
N THR A 320 -38.29 29.05 4.15
CA THR A 320 -38.66 30.34 3.57
C THR A 320 -37.83 31.49 4.11
N ASN A 321 -37.09 31.26 5.20
CA ASN A 321 -36.27 32.31 5.79
C ASN A 321 -34.98 32.47 5.00
N LEU A 322 -34.63 33.72 4.70
CA LEU A 322 -33.41 34.01 3.94
C LEU A 322 -32.38 34.69 4.82
N ALA A 509 -30.97 19.63 8.56
CA ALA A 509 -30.13 20.80 8.26
C ALA A 509 -30.97 22.06 8.19
N THR A 510 -30.37 23.19 8.55
CA THR A 510 -31.02 24.49 8.47
C THR A 510 -30.53 25.33 7.30
N VAL A 511 -29.29 25.11 6.85
CA VAL A 511 -28.71 25.83 5.72
C VAL A 511 -28.74 24.90 4.52
N CYS A 512 -29.51 25.27 3.50
CA CYS A 512 -29.63 24.47 2.30
C CYS A 512 -29.56 25.39 1.08
N GLY A 513 -28.96 24.88 0.01
CA GLY A 513 -28.81 25.64 -1.21
C GLY A 513 -30.13 25.85 -1.91
N PRO A 514 -30.15 26.76 -2.86
CA PRO A 514 -31.40 27.03 -3.60
C PRO A 514 -31.76 25.93 -4.57
N LYS A 515 -31.95 24.71 -4.06
CA LYS A 515 -32.33 23.56 -4.87
C LYS A 515 -33.80 23.26 -4.61
N LYS A 516 -34.59 23.17 -5.68
CA LYS A 516 -36.03 23.02 -5.57
C LYS A 516 -36.39 21.55 -5.44
N SER A 517 -37.15 21.24 -4.40
CA SER A 517 -37.63 19.88 -4.19
C SER A 517 -38.67 19.53 -5.24
N THR A 518 -38.53 18.34 -5.85
CA THR A 518 -39.41 17.92 -6.91
C THR A 518 -40.40 16.87 -6.41
N ASN A 519 -41.29 16.45 -7.31
CA ASN A 519 -42.34 15.50 -6.96
C ASN A 519 -41.71 14.15 -6.62
N LEU A 520 -42.20 13.54 -5.53
CA LEU A 520 -41.63 12.27 -5.06
C LEU A 520 -42.13 11.10 -5.92
N VAL A 521 -41.22 10.16 -6.19
CA VAL A 521 -41.49 9.02 -7.06
C VAL A 521 -41.30 7.74 -6.26
N LYS A 522 -42.25 6.82 -6.37
CA LYS A 522 -42.31 5.62 -5.56
C LYS A 522 -42.26 4.37 -6.44
N ASN A 523 -41.77 3.28 -5.86
CA ASN A 523 -41.74 1.95 -6.47
C ASN A 523 -40.88 1.89 -7.73
N LYS A 524 -40.00 2.86 -7.95
CA LYS A 524 -39.12 2.89 -9.10
C LYS A 524 -37.72 3.25 -8.63
N CYS A 525 -36.70 2.67 -9.27
CA CYS A 525 -35.33 2.96 -8.85
C CYS A 525 -34.95 4.37 -9.25
N VAL A 526 -34.61 5.20 -8.26
CA VAL A 526 -34.30 6.60 -8.47
C VAL A 526 -32.98 6.94 -7.81
N ASN A 527 -32.40 8.05 -8.27
CA ASN A 527 -31.24 8.66 -7.66
C ASN A 527 -31.75 9.64 -6.61
N PHE A 528 -32.02 9.13 -5.43
CA PHE A 528 -32.69 9.90 -4.39
C PHE A 528 -31.70 10.79 -3.66
N ASN A 529 -32.21 11.93 -3.18
CA ASN A 529 -31.44 12.93 -2.44
C ASN A 529 -32.34 13.49 -1.35
N PHE A 530 -32.25 12.92 -0.15
CA PHE A 530 -33.04 13.34 0.99
C PHE A 530 -32.17 14.19 1.90
N ASN A 531 -32.42 15.50 1.93
CA ASN A 531 -31.73 16.41 2.84
C ASN A 531 -30.22 16.40 2.63
N GLY A 532 -29.77 16.19 1.39
CA GLY A 532 -28.37 16.07 1.08
C GLY A 532 -27.84 14.65 1.07
N LEU A 533 -28.54 13.72 1.70
CA LEU A 533 -28.18 12.31 1.64
C LEU A 533 -28.48 11.79 0.24
N THR A 534 -27.44 11.53 -0.54
CA THR A 534 -27.61 11.06 -1.90
C THR A 534 -27.43 9.55 -1.97
N GLY A 535 -28.08 8.94 -2.94
CA GLY A 535 -27.92 7.51 -3.15
C GLY A 535 -28.76 7.08 -4.33
N THR A 536 -28.66 5.79 -4.66
CA THR A 536 -29.48 5.18 -5.68
C THR A 536 -30.22 4.02 -5.06
N GLY A 537 -31.53 3.95 -5.30
CA GLY A 537 -32.29 2.84 -4.77
C GLY A 537 -33.75 3.00 -5.11
N VAL A 538 -34.52 1.96 -4.80
CA VAL A 538 -35.97 1.98 -4.97
C VAL A 538 -36.59 2.23 -3.60
N LEU A 539 -37.49 3.20 -3.55
CA LEU A 539 -38.17 3.59 -2.32
C LEU A 539 -39.55 2.97 -2.29
N THR A 540 -39.91 2.39 -1.16
CA THR A 540 -41.24 1.82 -1.01
C THR A 540 -41.83 2.29 0.32
N GLU A 541 -43.14 2.11 0.46
CA GLU A 541 -43.77 2.35 1.75
C GLU A 541 -43.26 1.31 2.75
N SER A 542 -43.07 1.75 3.99
CA SER A 542 -42.51 0.90 5.03
C SER A 542 -43.44 0.86 6.23
N ASN A 543 -43.57 -0.32 6.82
CA ASN A 543 -44.46 -0.53 7.96
C ASN A 543 -43.73 -0.46 9.29
N LYS A 544 -42.50 0.07 9.31
CA LYS A 544 -41.78 0.25 10.55
C LYS A 544 -42.43 1.33 11.40
N LYS A 545 -42.08 1.34 12.67
CA LYS A 545 -42.57 2.36 13.62
C LYS A 545 -41.39 3.21 14.05
N PHE A 546 -41.15 4.31 13.35
CA PHE A 546 -40.12 5.24 13.75
C PHE A 546 -40.59 5.99 14.98
N LEU A 547 -39.74 6.02 16.00
CA LEU A 547 -40.06 6.80 17.19
C LEU A 547 -40.02 8.29 16.84
N PRO A 548 -40.80 9.12 17.55
CA PRO A 548 -41.02 10.50 17.09
C PRO A 548 -39.76 11.32 16.91
N PHE A 549 -38.67 10.99 17.57
CA PHE A 549 -37.45 11.79 17.47
C PHE A 549 -36.46 11.24 16.46
N GLN A 550 -36.80 10.18 15.73
CA GLN A 550 -35.87 9.52 14.82
C GLN A 550 -36.13 9.93 13.37
N GLN A 551 -35.04 10.11 12.62
CA GLN A 551 -35.12 10.46 11.21
C GLN A 551 -34.77 9.30 10.28
N PHE A 552 -33.58 8.72 10.43
CA PHE A 552 -33.12 7.70 9.51
C PHE A 552 -32.58 6.51 10.29
N GLY A 553 -32.91 5.31 9.80
CA GLY A 553 -32.57 4.10 10.50
C GLY A 553 -31.60 3.26 9.71
N ARG A 554 -30.94 2.33 10.41
CA ARG A 554 -29.98 1.44 9.78
C ARG A 554 -30.05 0.08 10.44
N ASP A 555 -30.06 -0.97 9.61
CA ASP A 555 -30.10 -2.35 10.08
C ASP A 555 -28.79 -3.09 9.86
N ILE A 556 -27.97 -2.66 8.90
CA ILE A 556 -26.77 -3.39 8.49
C ILE A 556 -25.49 -2.75 9.01
N ALA A 557 -25.58 -1.55 9.57
CA ALA A 557 -24.51 -0.73 10.14
C ALA A 557 -23.69 0.00 9.09
N ASP A 558 -24.00 -0.14 7.80
CA ASP A 558 -23.35 0.67 6.79
C ASP A 558 -24.29 1.17 5.70
N THR A 559 -25.57 0.81 5.73
CA THR A 559 -26.52 1.28 4.74
C THR A 559 -27.84 1.57 5.42
N THR A 560 -28.36 2.77 5.19
CA THR A 560 -29.57 3.24 5.86
C THR A 560 -30.78 2.74 5.07
N ASP A 561 -31.40 1.66 5.54
CA ASP A 561 -32.47 1.06 4.76
C ASP A 561 -33.78 1.82 4.86
N ALA A 562 -33.98 2.62 5.90
CA ALA A 562 -35.21 3.38 6.05
C ALA A 562 -34.91 4.86 6.24
N VAL A 563 -35.83 5.72 5.82
CA VAL A 563 -35.66 7.16 5.86
C VAL A 563 -37.02 7.79 6.10
N ARG A 564 -37.04 8.96 6.74
CA ARG A 564 -38.26 9.75 6.92
C ARG A 564 -38.17 11.00 6.07
N ASP A 565 -39.17 11.21 5.21
CA ASP A 565 -39.18 12.37 4.33
C ASP A 565 -39.52 13.63 5.12
N PRO A 566 -38.85 14.75 4.84
CA PRO A 566 -39.07 15.96 5.65
C PRO A 566 -40.35 16.71 5.32
N GLN A 567 -40.73 16.78 4.04
CA GLN A 567 -41.92 17.55 3.67
C GLN A 567 -43.18 16.92 4.23
N THR A 568 -43.48 15.68 3.81
CA THR A 568 -44.45 14.83 4.47
C THR A 568 -43.69 13.72 5.19
N LEU A 569 -44.01 13.51 6.46
CA LEU A 569 -43.18 12.67 7.32
C LEU A 569 -43.35 11.17 7.07
N GLU A 570 -44.04 10.76 6.02
CA GLU A 570 -44.18 9.34 5.73
C GLU A 570 -42.82 8.69 5.59
N ILE A 571 -42.66 7.51 6.19
CA ILE A 571 -41.38 6.82 6.26
C ILE A 571 -41.27 5.79 5.14
N LEU A 572 -40.19 5.88 4.37
CA LEU A 572 -39.97 5.07 3.18
C LEU A 572 -38.77 4.17 3.42
N ASP A 573 -38.85 2.91 3.02
CA ASP A 573 -37.70 2.05 3.12
C ASP A 573 -37.00 1.93 1.76
N ILE A 574 -35.69 1.68 1.82
CA ILE A 574 -34.79 1.78 0.68
C ILE A 574 -34.28 0.40 0.34
N THR A 575 -34.37 0.03 -0.94
CA THR A 575 -33.92 -1.26 -1.42
C THR A 575 -32.95 -1.06 -2.57
N PRO A 576 -31.88 -1.87 -2.65
CA PRO A 576 -30.89 -1.67 -3.71
C PRO A 576 -31.49 -1.85 -5.10
N CYS A 577 -30.89 -1.19 -6.06
CA CYS A 577 -31.40 -1.12 -7.43
C CYS A 577 -31.27 -2.42 -8.19
N SER A 578 -30.92 -3.55 -7.56
CA SER A 578 -30.81 -4.84 -8.23
C SER A 578 -29.66 -4.90 -9.21
N PHE A 579 -29.15 -6.10 -9.46
CA PHE A 579 -27.99 -6.31 -10.31
C PHE A 579 -27.71 -7.81 -10.40
N GLY A 580 -26.67 -8.19 -11.13
CA GLY A 580 -26.27 -9.58 -11.18
C GLY A 580 -25.47 -9.89 -12.42
N GLY A 581 -24.66 -10.94 -12.32
CA GLY A 581 -23.90 -11.38 -13.46
C GLY A 581 -24.78 -11.99 -14.53
N VAL A 582 -24.22 -12.07 -15.73
CA VAL A 582 -24.92 -12.65 -16.87
C VAL A 582 -24.04 -13.74 -17.47
N SER A 583 -24.57 -14.95 -17.55
CA SER A 583 -23.84 -16.11 -18.02
C SER A 583 -24.38 -16.54 -19.38
N VAL A 584 -23.52 -17.13 -20.19
CA VAL A 584 -23.88 -17.56 -21.53
C VAL A 584 -23.76 -19.07 -21.59
N ILE A 585 -24.85 -19.74 -21.97
CA ILE A 585 -24.89 -21.19 -22.08
C ILE A 585 -24.80 -21.53 -23.56
N THR A 586 -23.79 -22.32 -23.92
CA THR A 586 -23.57 -22.67 -25.30
C THR A 586 -23.13 -24.12 -25.44
N PRO A 587 -23.57 -24.81 -26.48
CA PRO A 587 -22.90 -26.03 -26.90
C PRO A 587 -21.63 -25.68 -27.67
N GLY A 588 -20.96 -26.68 -28.23
CA GLY A 588 -19.71 -26.41 -28.92
C GLY A 588 -19.85 -25.36 -30.01
N THR A 589 -18.75 -24.65 -30.27
CA THR A 589 -18.80 -23.56 -31.22
C THR A 589 -19.20 -24.06 -32.61
N ASN A 590 -18.62 -25.16 -33.04
CA ASN A 590 -18.93 -25.67 -34.37
C ASN A 590 -20.05 -26.71 -34.36
N THR A 591 -20.57 -27.07 -33.20
CA THR A 591 -21.78 -27.88 -33.17
C THR A 591 -22.99 -27.04 -33.57
N SER A 592 -23.11 -25.84 -33.00
CA SER A 592 -24.20 -24.94 -33.34
C SER A 592 -23.85 -23.54 -32.87
N ASN A 593 -24.53 -22.55 -33.44
CA ASN A 593 -24.30 -21.15 -33.11
C ASN A 593 -25.43 -20.55 -32.28
N GLN A 594 -26.29 -21.38 -31.68
CA GLN A 594 -27.33 -20.90 -30.79
C GLN A 594 -26.81 -20.82 -29.38
N VAL A 595 -27.38 -19.89 -28.61
CA VAL A 595 -26.90 -19.56 -27.29
C VAL A 595 -28.08 -19.17 -26.41
N ALA A 596 -28.08 -19.60 -25.16
CA ALA A 596 -29.06 -19.15 -24.18
C ALA A 596 -28.36 -18.24 -23.17
N VAL A 597 -29.13 -17.37 -22.52
CA VAL A 597 -28.55 -16.38 -21.63
C VAL A 597 -29.22 -16.48 -20.26
N LEU A 598 -28.42 -16.53 -19.20
CA LEU A 598 -28.92 -16.66 -17.84
C LEU A 598 -28.52 -15.43 -17.05
N TYR A 599 -29.51 -14.66 -16.61
CA TYR A 599 -29.28 -13.55 -15.70
C TYR A 599 -29.35 -14.07 -14.27
N GLN A 600 -28.26 -13.91 -13.51
CA GLN A 600 -28.17 -14.51 -12.19
C GLN A 600 -29.04 -13.77 -11.18
N GLY A 601 -29.90 -14.51 -10.49
CA GLY A 601 -30.57 -13.98 -9.31
C GLY A 601 -31.48 -12.80 -9.54
N VAL A 602 -32.25 -12.82 -10.63
CA VAL A 602 -33.30 -11.82 -10.86
C VAL A 602 -34.51 -12.54 -11.44
N ASN A 603 -35.71 -12.14 -11.02
CA ASN A 603 -36.92 -12.55 -11.72
C ASN A 603 -37.13 -11.60 -12.88
N CYS A 604 -37.18 -12.14 -14.09
CA CYS A 604 -37.11 -11.31 -15.30
C CYS A 604 -38.41 -10.54 -15.47
N THR A 605 -38.52 -9.47 -14.70
CA THR A 605 -39.43 -8.37 -14.94
C THR A 605 -38.69 -7.07 -15.17
N GLU A 606 -37.63 -6.81 -14.41
CA GLU A 606 -36.81 -5.62 -14.58
C GLU A 606 -35.76 -5.75 -15.67
N VAL A 607 -35.53 -6.95 -16.20
CA VAL A 607 -34.56 -7.07 -17.29
C VAL A 607 -35.10 -6.34 -18.50
N PRO A 608 -34.28 -5.59 -19.24
CA PRO A 608 -34.80 -4.91 -20.43
C PRO A 608 -35.39 -5.89 -21.42
N VAL A 609 -36.55 -5.52 -21.98
CA VAL A 609 -37.23 -6.38 -22.92
C VAL A 609 -36.55 -6.30 -24.28
N PRO A 618 -24.77 -0.03 -28.15
CA PRO A 618 -25.74 -0.69 -29.04
C PRO A 618 -25.59 -2.19 -29.04
N THR A 619 -25.46 -2.78 -27.86
CA THR A 619 -25.31 -4.22 -27.75
C THR A 619 -26.62 -4.93 -28.09
N TRP A 620 -26.55 -6.25 -28.12
CA TRP A 620 -27.74 -7.08 -28.25
C TRP A 620 -28.69 -6.80 -27.09
N ARG A 621 -29.98 -6.62 -27.40
CA ARG A 621 -30.93 -6.21 -26.39
C ARG A 621 -32.02 -7.23 -26.08
N VAL A 622 -32.15 -8.30 -26.87
CA VAL A 622 -33.12 -9.41 -26.78
C VAL A 622 -34.55 -8.91 -26.75
N TYR A 623 -35.46 -9.63 -27.40
CA TYR A 623 -36.88 -9.29 -27.43
C TYR A 623 -37.65 -10.41 -26.74
N SER A 624 -38.03 -10.21 -25.49
CA SER A 624 -38.81 -11.20 -24.77
C SER A 624 -40.21 -11.31 -25.38
N THR A 625 -40.64 -12.54 -25.65
CA THR A 625 -41.91 -12.77 -26.32
C THR A 625 -42.75 -13.84 -25.63
N GLY A 626 -42.35 -14.29 -24.46
CA GLY A 626 -43.08 -15.37 -23.81
C GLY A 626 -42.65 -16.73 -24.32
N SER A 627 -42.79 -17.73 -23.44
CA SER A 627 -42.35 -19.10 -23.72
C SER A 627 -40.86 -19.19 -24.00
N ASN A 628 -40.12 -18.11 -23.76
CA ASN A 628 -38.66 -18.13 -23.84
C ASN A 628 -38.00 -17.33 -22.73
N VAL A 629 -38.72 -16.96 -21.69
CA VAL A 629 -38.19 -16.19 -20.56
C VAL A 629 -38.28 -17.01 -19.29
N PHE A 630 -38.02 -18.32 -19.42
CA PHE A 630 -38.26 -19.24 -18.32
C PHE A 630 -37.54 -18.77 -17.06
N GLN A 631 -38.11 -19.09 -15.90
CA GLN A 631 -37.61 -18.61 -14.62
C GLN A 631 -37.09 -19.77 -13.79
N THR A 632 -35.84 -19.67 -13.35
CA THR A 632 -35.24 -20.68 -12.49
C THR A 632 -34.92 -20.06 -11.15
N ARG A 633 -34.71 -20.93 -10.15
CA ARG A 633 -34.28 -20.45 -8.84
C ARG A 633 -32.99 -19.66 -8.94
N ALA A 634 -32.17 -19.94 -9.96
CA ALA A 634 -30.90 -19.24 -10.15
C ALA A 634 -31.05 -17.93 -10.90
N GLY A 635 -32.22 -17.62 -11.45
CA GLY A 635 -32.38 -16.37 -12.16
C GLY A 635 -33.35 -16.47 -13.32
N CYS A 636 -33.08 -15.76 -14.42
CA CYS A 636 -33.93 -15.88 -15.59
C CYS A 636 -33.16 -16.45 -16.76
N LEU A 637 -33.72 -17.48 -17.38
CA LEU A 637 -33.13 -18.15 -18.53
C LEU A 637 -33.92 -17.73 -19.75
N ILE A 638 -33.28 -16.95 -20.62
CA ILE A 638 -33.89 -16.47 -21.85
C ILE A 638 -33.22 -17.17 -23.01
N GLY A 639 -33.98 -17.33 -24.09
CA GLY A 639 -33.50 -18.09 -25.22
C GLY A 639 -33.33 -19.57 -24.96
N ALA A 640 -34.25 -20.17 -24.21
CA ALA A 640 -34.22 -21.61 -23.98
C ALA A 640 -35.63 -22.12 -23.78
N GLU A 641 -35.79 -23.42 -23.98
CA GLU A 641 -37.08 -24.09 -23.90
C GLU A 641 -37.14 -24.93 -22.64
N HIS A 642 -38.35 -25.21 -22.17
CA HIS A 642 -38.56 -26.08 -21.02
C HIS A 642 -39.23 -27.36 -21.49
N VAL A 643 -38.75 -28.50 -21.01
CA VAL A 643 -39.31 -29.79 -21.37
C VAL A 643 -39.43 -30.64 -20.12
N ASN A 644 -40.26 -31.69 -20.21
CA ASN A 644 -40.50 -32.55 -19.06
C ASN A 644 -39.49 -33.69 -18.98
N ASN A 645 -39.05 -34.20 -20.13
CA ASN A 645 -38.14 -35.33 -20.14
C ASN A 645 -36.89 -35.03 -19.34
N SER A 646 -36.48 -35.97 -18.50
CA SER A 646 -35.34 -35.79 -17.63
C SER A 646 -34.15 -36.57 -18.16
N TYR A 647 -32.98 -35.94 -18.13
CA TYR A 647 -31.76 -36.53 -18.62
C TYR A 647 -30.65 -36.25 -17.63
N GLU A 648 -29.52 -36.94 -17.79
CA GLU A 648 -28.36 -36.66 -16.95
C GLU A 648 -27.88 -35.23 -17.20
N CYS A 649 -27.34 -34.60 -16.17
CA CYS A 649 -26.96 -33.21 -16.29
C CYS A 649 -25.89 -33.03 -17.34
N ASP A 650 -26.13 -32.13 -18.29
CA ASP A 650 -25.20 -31.88 -19.38
C ASP A 650 -24.43 -30.59 -19.18
N ILE A 651 -25.12 -29.46 -19.06
CA ILE A 651 -24.48 -28.19 -18.74
C ILE A 651 -25.12 -27.70 -17.45
N PRO A 652 -24.42 -27.76 -16.32
CA PRO A 652 -25.06 -27.44 -15.03
C PRO A 652 -25.44 -25.98 -14.94
N ILE A 653 -26.73 -25.71 -14.75
CA ILE A 653 -27.20 -24.35 -14.54
C ILE A 653 -27.31 -24.07 -13.04
N GLY A 654 -28.13 -24.84 -12.34
CA GLY A 654 -28.23 -24.65 -10.91
C GLY A 654 -29.61 -24.96 -10.38
N ALA A 655 -29.67 -25.19 -9.07
CA ALA A 655 -30.92 -25.50 -8.38
C ALA A 655 -31.64 -26.68 -9.02
N GLY A 656 -30.87 -27.66 -9.47
CA GLY A 656 -31.44 -28.83 -10.10
C GLY A 656 -31.82 -28.67 -11.55
N ILE A 657 -31.51 -27.53 -12.16
CA ILE A 657 -31.80 -27.28 -13.57
C ILE A 657 -30.51 -27.46 -14.37
N CYS A 658 -30.58 -28.29 -15.41
CA CYS A 658 -29.49 -28.50 -16.34
C CYS A 658 -29.98 -28.31 -17.77
N ALA A 659 -29.17 -27.68 -18.60
CA ALA A 659 -29.51 -27.35 -19.97
C ALA A 659 -28.69 -28.20 -20.94
N SER A 660 -29.28 -28.47 -22.09
CA SER A 660 -28.60 -29.28 -23.10
C SER A 660 -29.16 -28.97 -24.48
N TYR A 661 -28.37 -29.32 -25.49
CA TYR A 661 -28.74 -29.07 -26.87
C TYR A 661 -29.31 -30.34 -27.48
N GLN A 662 -30.49 -30.23 -28.07
CA GLN A 662 -31.13 -31.36 -28.73
C GLN A 662 -31.65 -30.92 -30.08
N THR A 663 -31.54 -31.81 -31.06
CA THR A 663 -31.97 -31.50 -32.41
C THR A 663 -33.44 -31.87 -32.61
N GLN A 677 -37.02 -24.05 -29.25
CA GLN A 677 -35.66 -23.63 -29.56
C GLN A 677 -34.73 -24.83 -29.64
N SER A 678 -33.42 -24.56 -29.66
CA SER A 678 -32.44 -25.63 -29.79
C SER A 678 -31.77 -25.99 -28.48
N ILE A 679 -31.86 -25.15 -27.47
CA ILE A 679 -31.34 -25.44 -26.14
C ILE A 679 -32.52 -25.58 -25.19
N ILE A 680 -32.58 -26.71 -24.47
CA ILE A 680 -33.66 -26.99 -23.55
C ILE A 680 -33.11 -26.99 -22.14
N ALA A 681 -34.00 -26.71 -21.18
CA ALA A 681 -33.68 -26.76 -19.76
C ALA A 681 -34.60 -27.76 -19.09
N TYR A 682 -34.05 -28.59 -18.21
CA TYR A 682 -34.83 -29.64 -17.58
C TYR A 682 -34.32 -29.86 -16.17
N THR A 683 -35.11 -30.59 -15.39
CA THR A 683 -34.69 -31.00 -14.05
C THR A 683 -33.91 -32.29 -14.14
N MET A 684 -32.68 -32.28 -13.63
CA MET A 684 -31.80 -33.43 -13.82
C MET A 684 -32.39 -34.67 -13.16
N SER A 685 -32.24 -35.81 -13.83
CA SER A 685 -32.61 -37.09 -13.25
C SER A 685 -31.38 -37.75 -12.66
N LEU A 686 -31.60 -38.55 -11.62
CA LEU A 686 -30.51 -39.18 -10.89
C LEU A 686 -30.12 -40.54 -11.44
N GLY A 687 -30.87 -41.08 -12.40
CA GLY A 687 -30.54 -42.36 -12.99
C GLY A 687 -31.72 -43.29 -13.14
N GLN B 1 -39.93 39.01 45.76
CA GLN B 1 -38.58 39.20 46.27
C GLN B 1 -38.06 37.90 46.88
N CYS B 2 -37.25 38.04 47.94
CA CYS B 2 -36.65 36.90 48.63
C CYS B 2 -37.02 36.89 50.10
N VAL B 3 -37.05 35.69 50.67
CA VAL B 3 -37.35 35.47 52.08
C VAL B 3 -36.32 34.50 52.65
N ASN B 4 -35.75 34.85 53.79
CA ASN B 4 -34.70 34.05 54.41
C ASN B 4 -35.34 33.00 55.31
N LEU B 5 -35.00 31.74 55.07
CA LEU B 5 -35.37 30.64 55.94
C LEU B 5 -34.22 30.35 56.91
N THR B 6 -34.35 29.27 57.65
CA THR B 6 -33.30 28.89 58.60
C THR B 6 -32.16 28.19 57.87
N THR B 7 -31.06 28.00 58.60
CA THR B 7 -29.85 27.42 58.02
C THR B 7 -30.04 25.93 57.74
N ARG B 8 -29.41 25.45 56.65
CA ARG B 8 -29.53 24.06 56.24
C ARG B 8 -28.85 23.10 57.21
N THR B 9 -27.92 23.59 58.03
CA THR B 9 -27.22 22.85 59.08
C THR B 9 -26.33 21.73 58.57
N GLN B 10 -26.19 21.59 57.25
CA GLN B 10 -25.27 20.62 56.65
C GLN B 10 -25.53 19.21 57.19
N LEU B 11 -26.76 18.74 56.99
CA LEU B 11 -27.17 17.45 57.52
C LEU B 11 -26.43 16.32 56.81
N PRO B 12 -26.04 15.28 57.52
CA PRO B 12 -25.38 14.13 56.87
C PRO B 12 -26.40 13.28 56.14
N PRO B 13 -26.29 13.19 54.82
CA PRO B 13 -27.35 12.55 54.03
C PRO B 13 -27.15 11.05 53.91
N ALA B 14 -28.28 10.36 53.78
CA ALA B 14 -28.22 8.95 53.41
C ALA B 14 -27.90 8.84 51.92
N TYR B 15 -27.46 7.65 51.52
CA TYR B 15 -27.12 7.38 50.14
C TYR B 15 -27.87 6.15 49.67
N THR B 16 -28.10 6.04 48.37
CA THR B 16 -28.65 4.82 47.81
C THR B 16 -27.96 4.59 46.48
N ASN B 17 -28.08 3.38 45.94
CA ASN B 17 -27.40 3.11 44.68
C ASN B 17 -28.40 2.70 43.61
N SER B 18 -28.13 3.14 42.39
CA SER B 18 -29.10 3.06 41.30
C SER B 18 -28.86 1.78 40.51
N PHE B 19 -29.67 0.77 40.78
CA PHE B 19 -29.49 -0.52 40.12
C PHE B 19 -29.97 -0.41 38.68
N THR B 20 -29.05 -0.23 37.75
CA THR B 20 -29.30 -0.22 36.31
C THR B 20 -30.41 0.78 35.94
N ARG B 21 -30.12 2.05 36.14
CA ARG B 21 -31.06 3.11 35.80
C ARG B 21 -30.37 4.13 34.92
N GLY B 22 -31.18 4.88 34.17
CA GLY B 22 -30.70 6.10 33.56
C GLY B 22 -29.92 5.93 32.28
N VAL B 23 -30.30 5.01 31.44
CA VAL B 23 -29.75 4.94 30.08
C VAL B 23 -30.79 5.47 29.12
N TYR B 24 -30.37 6.33 28.20
CA TYR B 24 -31.25 7.05 27.30
C TYR B 24 -30.90 6.67 25.86
N TYR B 25 -31.64 7.22 24.91
CA TYR B 25 -31.30 6.92 23.53
C TYR B 25 -30.15 7.80 23.11
N PRO B 26 -28.97 7.23 22.83
CA PRO B 26 -27.82 8.10 22.55
C PRO B 26 -27.90 8.77 21.19
N ASP B 27 -28.30 8.05 20.15
CA ASP B 27 -28.32 8.53 18.78
C ASP B 27 -29.75 8.84 18.35
N LYS B 28 -29.90 9.17 17.08
CA LYS B 28 -31.16 9.65 16.54
C LYS B 28 -31.66 8.73 15.43
N VAL B 29 -31.32 7.46 15.48
CA VAL B 29 -31.61 6.51 14.42
C VAL B 29 -32.58 5.46 14.95
N PHE B 30 -33.13 4.67 14.03
CA PHE B 30 -34.01 3.57 14.37
C PHE B 30 -33.28 2.27 14.09
N ARG B 31 -33.01 1.51 15.15
CA ARG B 31 -32.31 0.24 15.05
C ARG B 31 -33.19 -0.82 15.67
N SER B 32 -33.34 -1.95 14.99
CA SER B 32 -34.28 -2.99 15.41
C SER B 32 -33.59 -4.34 15.46
N SER B 33 -33.77 -5.03 16.59
CA SER B 33 -33.19 -6.37 16.81
C SER B 33 -31.67 -6.36 16.62
N VAL B 34 -31.00 -5.44 17.31
CA VAL B 34 -29.56 -5.30 17.19
C VAL B 34 -28.98 -5.20 18.60
N LEU B 35 -27.69 -5.53 18.72
CA LEU B 35 -26.90 -5.27 19.91
C LEU B 35 -25.84 -4.25 19.53
N HIS B 36 -25.98 -3.02 20.04
CA HIS B 36 -25.11 -1.92 19.65
C HIS B 36 -24.20 -1.52 20.80
N SER B 37 -22.94 -1.26 20.48
CA SER B 37 -21.98 -0.80 21.48
C SER B 37 -21.79 0.69 21.33
N THR B 38 -22.21 1.45 22.34
CA THR B 38 -22.21 2.90 22.28
C THR B 38 -21.27 3.45 23.34
N GLN B 39 -20.41 4.38 22.97
CA GLN B 39 -19.47 5.03 23.88
C GLN B 39 -19.98 6.44 24.07
N ASP B 40 -20.40 6.77 25.29
CA ASP B 40 -20.97 8.08 25.56
C ASP B 40 -21.10 8.27 27.08
N LEU B 41 -21.70 9.39 27.46
CA LEU B 41 -21.89 9.73 28.87
C LEU B 41 -23.10 8.99 29.41
N PHE B 42 -22.89 8.11 30.39
CA PHE B 42 -23.98 7.37 30.99
C PHE B 42 -23.76 7.32 32.49
N LEU B 43 -24.83 7.08 33.23
CA LEU B 43 -24.71 6.83 34.65
C LEU B 43 -24.25 5.39 34.87
N PRO B 44 -23.13 5.16 35.56
CA PRO B 44 -22.62 3.80 35.68
C PRO B 44 -23.59 2.88 36.41
N PHE B 45 -23.58 1.62 36.02
CA PHE B 45 -24.42 0.64 36.70
C PHE B 45 -23.96 0.46 38.14
N PHE B 46 -24.93 0.32 39.04
CA PHE B 46 -24.66 0.07 40.44
C PHE B 46 -23.77 1.15 41.05
N SER B 47 -24.04 2.40 40.71
CA SER B 47 -23.31 3.53 41.24
C SER B 47 -24.10 4.18 42.36
N ASN B 48 -23.38 4.81 43.27
CA ASN B 48 -23.97 5.46 44.42
C ASN B 48 -24.52 6.82 43.99
N VAL B 49 -25.83 7.01 44.15
CA VAL B 49 -26.47 8.31 44.01
C VAL B 49 -26.84 8.82 45.39
N THR B 50 -26.81 10.13 45.54
CA THR B 50 -27.11 10.78 46.81
C THR B 50 -28.53 11.28 46.82
N TRP B 51 -29.28 10.95 47.87
CA TRP B 51 -30.71 11.25 47.90
C TRP B 51 -31.03 12.19 49.03
N PHE B 52 -31.78 13.24 48.71
CA PHE B 52 -32.22 14.24 49.67
C PHE B 52 -33.72 14.14 49.83
N HIS B 53 -34.16 14.05 51.08
CA HIS B 53 -35.56 14.26 51.42
C HIS B 53 -35.90 15.73 51.20
N ALA B 54 -37.07 15.99 50.61
CA ALA B 54 -37.45 17.36 50.29
C ALA B 54 -37.55 18.20 51.55
N ILE B 55 -38.33 17.74 52.52
CA ILE B 55 -38.47 18.41 53.81
C ILE B 55 -38.08 17.41 54.87
N HIS B 56 -37.04 17.72 55.63
CA HIS B 56 -36.59 16.84 56.68
C HIS B 56 -37.02 17.35 58.04
N VAL B 57 -37.37 16.43 58.92
CA VAL B 57 -37.74 16.73 60.30
C VAL B 57 -36.49 16.51 61.14
N SER B 58 -35.78 17.59 61.44
CA SER B 58 -34.65 17.51 62.35
C SER B 58 -35.09 16.98 63.71
N GLY B 59 -36.36 17.12 64.03
CA GLY B 59 -36.96 16.39 65.13
C GLY B 59 -38.33 15.90 64.74
N THR B 60 -38.78 14.82 65.38
CA THR B 60 -40.13 14.34 65.11
C THR B 60 -41.22 15.35 65.51
N ASN B 61 -40.86 16.45 66.19
CA ASN B 61 -41.87 17.38 66.70
C ASN B 61 -42.64 18.02 65.55
N GLY B 62 -41.95 18.31 64.44
CA GLY B 62 -42.44 19.19 63.40
C GLY B 62 -41.35 20.14 62.94
N THR B 63 -40.12 19.99 63.45
CA THR B 63 -39.04 20.90 63.07
C THR B 63 -38.63 20.55 61.64
N LYS B 64 -39.27 21.20 60.67
CA LYS B 64 -39.17 20.82 59.27
C LYS B 64 -38.36 21.86 58.50
N ARG B 65 -37.42 21.39 57.68
CA ARG B 65 -36.59 22.29 56.91
C ARG B 65 -36.30 21.71 55.52
N PHE B 66 -36.09 22.59 54.55
CA PHE B 66 -35.80 22.18 53.19
C PHE B 66 -34.41 21.56 53.09
N ASP B 67 -34.25 20.70 52.08
CA ASP B 67 -32.94 20.21 51.67
C ASP B 67 -32.81 20.50 50.18
N ASN B 68 -32.32 21.70 49.85
CA ASN B 68 -32.06 22.08 48.47
C ASN B 68 -30.69 22.72 48.35
N PRO B 69 -29.62 21.96 48.61
CA PRO B 69 -28.28 22.52 48.51
C PRO B 69 -27.85 22.66 47.07
N VAL B 70 -26.96 23.60 46.81
CA VAL B 70 -26.39 23.76 45.47
C VAL B 70 -25.37 22.64 45.25
N LEU B 71 -25.39 22.08 44.05
CA LEU B 71 -24.64 20.88 43.73
C LEU B 71 -23.86 21.08 42.44
N PRO B 72 -22.73 20.40 42.29
CA PRO B 72 -21.93 20.57 41.07
C PRO B 72 -22.62 20.06 39.82
N PHE B 73 -21.93 20.22 38.69
CA PHE B 73 -22.44 19.83 37.38
C PHE B 73 -21.23 19.55 36.49
N ASN B 74 -20.84 18.29 36.40
CA ASN B 74 -19.72 17.90 35.55
C ASN B 74 -20.21 16.91 34.51
N ASP B 75 -20.43 17.41 33.29
CA ASP B 75 -20.79 16.58 32.15
C ASP B 75 -22.08 15.80 32.38
N GLY B 76 -23.13 16.50 32.79
CA GLY B 76 -24.45 15.90 32.87
C GLY B 76 -24.80 15.45 34.27
N VAL B 77 -26.10 15.37 34.52
CA VAL B 77 -26.66 15.00 35.82
C VAL B 77 -27.91 14.16 35.60
N TYR B 78 -27.95 12.99 36.23
CA TYR B 78 -29.15 12.17 36.27
C TYR B 78 -29.92 12.55 37.53
N PHE B 79 -31.13 13.03 37.35
CA PHE B 79 -31.96 13.56 38.42
C PHE B 79 -33.26 12.79 38.44
N ALA B 80 -33.51 12.06 39.51
CA ALA B 80 -34.77 11.35 39.64
C ALA B 80 -35.56 11.95 40.79
N SER B 81 -36.88 11.95 40.65
CA SER B 81 -37.75 12.48 41.68
C SER B 81 -38.90 11.53 41.90
N THR B 82 -39.07 11.06 43.13
CA THR B 82 -40.21 10.25 43.48
C THR B 82 -41.11 11.10 44.37
N GLU B 83 -42.34 11.32 43.92
CA GLU B 83 -43.14 12.34 44.55
C GLU B 83 -44.58 12.23 44.06
N LYS B 84 -45.50 12.79 44.86
CA LYS B 84 -46.92 12.65 44.58
C LYS B 84 -47.70 13.95 44.66
N SER B 85 -47.07 15.08 44.96
CA SER B 85 -47.81 16.33 45.06
C SER B 85 -47.07 17.50 44.43
N ASN B 86 -46.31 17.24 43.37
CA ASN B 86 -45.48 18.22 42.67
C ASN B 86 -44.79 19.18 43.64
N ILE B 87 -44.08 18.60 44.60
CA ILE B 87 -43.34 19.39 45.57
C ILE B 87 -42.05 19.95 44.96
N ILE B 88 -41.47 19.25 44.00
CA ILE B 88 -40.33 19.79 43.26
C ILE B 88 -40.84 20.46 42.00
N ARG B 89 -40.23 21.59 41.62
CA ARG B 89 -40.80 22.45 40.61
C ARG B 89 -39.86 22.87 39.50
N GLY B 90 -38.56 22.75 39.67
CA GLY B 90 -37.66 23.20 38.63
C GLY B 90 -36.25 23.38 39.15
N TRP B 91 -35.41 23.91 38.27
CA TRP B 91 -33.97 23.94 38.54
C TRP B 91 -33.37 25.20 37.92
N ILE B 92 -32.35 25.72 38.60
CA ILE B 92 -31.53 26.81 38.08
C ILE B 92 -30.14 26.26 37.78
N PHE B 93 -29.51 26.82 36.75
CA PHE B 93 -28.20 26.39 36.32
C PHE B 93 -27.33 27.61 36.08
N GLY B 94 -26.03 27.44 36.29
CA GLY B 94 -25.11 28.55 36.09
C GLY B 94 -23.74 28.20 36.63
N THR B 95 -22.92 29.24 36.75
CA THR B 95 -21.58 29.11 37.31
C THR B 95 -21.45 29.76 38.67
N THR B 96 -21.96 30.99 38.83
CA THR B 96 -21.90 31.70 40.10
C THR B 96 -23.27 32.01 40.69
N LEU B 97 -24.33 31.93 39.90
CA LEU B 97 -25.70 32.19 40.35
C LEU B 97 -25.82 33.57 41.00
N ASP B 98 -25.23 34.56 40.33
CA ASP B 98 -25.29 35.95 40.78
C ASP B 98 -25.46 36.83 39.55
N SER B 99 -25.23 38.13 39.72
CA SER B 99 -25.30 39.07 38.62
C SER B 99 -24.06 39.04 37.73
N LYS B 100 -23.01 38.32 38.12
CA LYS B 100 -21.79 38.30 37.34
C LYS B 100 -21.92 37.47 36.07
N THR B 101 -22.54 36.29 36.18
CA THR B 101 -22.59 35.33 35.09
C THR B 101 -24.03 34.97 34.73
N GLN B 102 -24.24 34.64 33.46
CA GLN B 102 -25.57 34.28 32.99
C GLN B 102 -26.06 33.00 33.66
N SER B 103 -27.36 32.96 33.93
CA SER B 103 -27.98 31.85 34.61
C SER B 103 -29.25 31.44 33.89
N LEU B 104 -29.48 30.13 33.84
CA LEU B 104 -30.61 29.52 33.15
C LEU B 104 -31.61 29.04 34.19
N LEU B 105 -32.89 29.08 33.84
CA LEU B 105 -33.95 28.81 34.80
C LEU B 105 -35.08 28.04 34.13
N ILE B 106 -35.41 26.88 34.71
CA ILE B 106 -36.61 26.13 34.36
C ILE B 106 -37.47 26.11 35.62
N VAL B 107 -38.74 26.48 35.50
CA VAL B 107 -39.62 26.35 36.67
C VAL B 107 -41.07 26.20 36.24
N ASN B 108 -41.79 25.40 37.01
CA ASN B 108 -43.25 25.33 36.97
C ASN B 108 -43.77 26.43 37.89
N ASN B 109 -44.46 27.41 37.32
CA ASN B 109 -45.17 28.43 38.08
C ASN B 109 -46.63 28.03 38.17
N ALA B 110 -47.02 27.44 39.30
CA ALA B 110 -48.40 27.06 39.55
C ALA B 110 -48.91 26.14 38.45
N THR B 111 -49.29 26.71 37.30
CA THR B 111 -49.83 25.94 36.18
C THR B 111 -48.98 26.01 34.92
N ASN B 112 -48.26 27.09 34.70
CA ASN B 112 -47.49 27.29 33.48
C ASN B 112 -46.04 26.87 33.70
N VAL B 113 -45.30 26.77 32.60
CA VAL B 113 -43.89 26.37 32.65
C VAL B 113 -43.09 27.45 31.95
N VAL B 114 -42.06 27.96 32.62
CA VAL B 114 -41.29 29.08 32.10
C VAL B 114 -39.80 28.74 32.11
N ILE B 115 -39.15 29.03 30.99
CA ILE B 115 -37.73 28.81 30.79
C ILE B 115 -37.10 30.13 30.38
N LYS B 116 -36.02 30.50 31.06
CA LYS B 116 -35.34 31.76 30.79
C LYS B 116 -33.83 31.55 30.86
N VAL B 117 -33.10 32.50 30.30
CA VAL B 117 -31.66 32.61 30.50
C VAL B 117 -31.33 34.09 30.62
N CYS B 118 -31.04 34.54 31.84
CA CYS B 118 -30.81 35.96 32.10
C CYS B 118 -29.77 36.10 33.19
N GLU B 119 -29.48 37.35 33.55
CA GLU B 119 -28.59 37.62 34.67
C GLU B 119 -29.40 37.73 35.96
N PHE B 120 -30.06 36.62 36.30
CA PHE B 120 -30.88 36.58 37.51
C PHE B 120 -30.03 36.82 38.75
N GLN B 121 -30.61 37.51 39.73
CA GLN B 121 -29.98 37.69 41.04
C GLN B 121 -30.64 36.71 42.00
N PHE B 122 -30.20 35.46 41.93
CA PHE B 122 -30.70 34.45 42.86
C PHE B 122 -30.20 34.73 44.27
N CYS B 123 -31.11 34.63 45.25
CA CYS B 123 -30.69 34.82 46.66
C CYS B 123 -30.11 33.50 47.20
N ASN B 124 -30.55 33.05 48.38
CA ASN B 124 -29.94 31.84 48.99
C ASN B 124 -30.98 30.73 49.15
N ASP B 125 -32.25 31.08 49.39
CA ASP B 125 -33.27 30.05 49.66
C ASP B 125 -34.51 30.29 48.80
N PRO B 126 -34.49 29.90 47.50
CA PRO B 126 -35.66 30.06 46.64
C PRO B 126 -36.75 29.05 47.05
N PHE B 127 -38.00 29.48 47.05
CA PHE B 127 -39.13 28.57 47.40
C PHE B 127 -40.42 29.07 46.74
N LEU B 128 -41.38 28.18 46.53
CA LEU B 128 -42.69 28.58 45.96
C LEU B 128 -43.80 28.16 46.94
N GLY B 129 -44.55 29.13 47.48
CA GLY B 129 -45.58 28.80 48.49
C GLY B 129 -46.86 28.29 47.86
N VAL B 130 -47.70 27.60 48.63
CA VAL B 130 -49.02 27.11 48.15
C VAL B 130 -49.85 26.74 49.37
N TYR B 131 -50.39 27.74 50.08
CA TYR B 131 -51.10 27.46 51.33
C TYR B 131 -52.59 27.62 51.11
N TYR B 132 -53.35 27.06 52.05
CA TYR B 132 -54.80 27.07 51.95
C TYR B 132 -55.41 27.24 53.33
N HIS B 133 -56.66 27.70 53.34
CA HIS B 133 -57.47 27.61 54.55
C HIS B 133 -58.92 27.42 54.14
N LYS B 134 -59.69 26.79 55.02
CA LYS B 134 -61.07 26.47 54.70
C LYS B 134 -61.91 27.73 54.59
N ASN B 135 -61.70 28.69 55.48
CA ASN B 135 -62.43 29.96 55.42
C ASN B 135 -62.02 30.75 54.19
N ASN B 136 -62.97 31.54 53.68
CA ASN B 136 -62.78 32.34 52.46
C ASN B 136 -62.41 31.38 51.32
N LYS B 137 -61.60 31.83 50.36
CA LYS B 137 -61.19 31.00 49.24
C LYS B 137 -59.71 31.26 48.99
N SER B 138 -58.85 30.42 49.58
CA SER B 138 -57.41 30.52 49.36
C SER B 138 -56.90 29.43 48.43
N TRP B 139 -57.12 28.16 48.76
CA TRP B 139 -56.90 27.01 47.85
C TRP B 139 -55.54 27.12 47.14
N MET B 140 -54.48 27.08 47.95
CA MET B 140 -53.12 27.32 47.48
C MET B 140 -52.96 28.70 46.84
N GLU B 141 -53.16 29.73 47.66
CA GLU B 141 -52.51 31.00 47.36
C GLU B 141 -51.01 30.81 47.45
N SER B 142 -50.28 31.47 46.56
CA SER B 142 -48.90 31.13 46.31
C SER B 142 -48.01 32.37 46.36
N GLU B 143 -46.75 32.13 46.68
CA GLU B 143 -45.67 33.11 46.67
C GLU B 143 -44.56 32.58 45.78
N PHE B 144 -44.03 33.45 44.92
CA PHE B 144 -43.01 33.10 43.94
C PHE B 144 -41.77 33.94 44.25
N ARG B 145 -40.80 33.34 44.93
CA ARG B 145 -39.67 34.06 45.54
C ARG B 145 -38.34 33.53 45.04
N VAL B 146 -38.19 33.40 43.72
CA VAL B 146 -37.00 32.76 43.17
C VAL B 146 -35.90 33.79 42.89
N TYR B 147 -36.22 34.83 42.14
CA TYR B 147 -35.23 35.79 41.69
C TYR B 147 -35.66 37.20 42.04
N SER B 148 -34.67 38.06 42.33
CA SER B 148 -34.96 39.46 42.63
C SER B 148 -35.30 40.24 41.36
N SER B 149 -34.52 40.06 40.30
CA SER B 149 -34.72 40.81 39.07
C SER B 149 -34.05 40.08 37.92
N ALA B 150 -34.42 40.48 36.70
CA ALA B 150 -33.89 39.90 35.48
C ALA B 150 -33.68 41.00 34.45
N ASN B 151 -32.58 40.93 33.71
CA ASN B 151 -32.24 41.95 32.73
C ASN B 151 -31.90 41.32 31.40
N ASN B 152 -32.28 42.02 30.32
CA ASN B 152 -32.03 41.70 28.91
C ASN B 152 -32.04 40.20 28.64
N CYS B 153 -33.14 39.54 28.99
CA CYS B 153 -33.29 38.12 28.77
C CYS B 153 -33.28 37.80 27.27
N THR B 154 -32.68 36.66 26.93
CA THR B 154 -32.51 36.26 25.54
C THR B 154 -33.50 35.19 25.11
N PHE B 155 -33.63 34.10 25.86
CA PHE B 155 -34.59 33.04 25.55
C PHE B 155 -35.82 33.18 26.43
N GLU B 156 -36.99 33.11 25.82
CA GLU B 156 -38.26 33.22 26.53
C GLU B 156 -39.12 32.02 26.24
N TYR B 157 -40.04 31.72 27.17
CA TYR B 157 -41.01 30.66 26.95
C TYR B 157 -42.09 30.75 28.01
N VAL B 158 -43.33 30.44 27.60
CA VAL B 158 -44.44 30.15 28.50
C VAL B 158 -45.24 29.05 27.83
N SER B 159 -46.07 28.34 28.59
CA SER B 159 -46.93 27.29 27.99
C SER B 159 -48.41 27.65 28.19
N GLN B 160 -49.22 26.69 28.63
CA GLN B 160 -50.68 26.93 28.79
C GLN B 160 -51.06 26.71 30.25
N PRO B 161 -52.28 27.10 30.72
CA PRO B 161 -52.69 26.82 32.10
C PRO B 161 -52.87 25.32 32.40
N PHE B 162 -52.92 24.96 33.69
CA PHE B 162 -53.05 23.54 34.09
C PHE B 162 -53.70 23.44 35.47
N LEU B 163 -53.24 22.50 36.30
CA LEU B 163 -53.83 22.29 37.66
C LEU B 163 -52.75 22.50 38.73
N MET B 164 -53.15 22.44 40.01
CA MET B 164 -52.20 22.72 41.11
C MET B 164 -52.09 21.50 42.04
N ASP B 165 -51.64 21.73 43.29
CA ASP B 165 -51.44 20.61 44.23
C ASP B 165 -52.74 20.26 44.95
N LEU B 166 -52.75 19.15 45.69
CA LEU B 166 -53.96 18.73 46.45
C LEU B 166 -54.04 19.56 47.73
N GLU B 167 -55.26 19.74 48.26
CA GLU B 167 -55.45 20.50 49.53
C GLU B 167 -54.21 20.32 50.42
N GLY B 171 -53.43 6.72 48.80
CA GLY B 171 -52.57 7.88 48.61
C GLY B 171 -51.10 7.51 48.52
N ASN B 172 -50.83 6.34 47.95
CA ASN B 172 -49.47 5.82 47.81
C ASN B 172 -49.03 5.75 46.35
N PHE B 173 -49.66 6.52 45.47
CA PHE B 173 -49.37 6.46 44.04
C PHE B 173 -48.24 7.40 43.66
N LYS B 174 -47.11 7.26 44.35
CA LYS B 174 -45.95 8.11 44.10
C LYS B 174 -45.44 7.90 42.67
N ASN B 175 -45.23 9.01 41.96
CA ASN B 175 -44.79 8.97 40.57
C ASN B 175 -43.29 9.18 40.48
N LEU B 176 -42.66 8.56 39.49
CA LEU B 176 -41.24 8.74 39.23
C LEU B 176 -41.08 9.63 38.01
N ARG B 177 -40.20 10.62 38.12
CA ARG B 177 -39.88 11.51 37.01
C ARG B 177 -38.37 11.56 36.90
N GLU B 178 -37.83 11.22 35.74
CA GLU B 178 -36.40 11.12 35.57
C GLU B 178 -35.91 12.01 34.46
N PHE B 179 -34.78 12.66 34.67
CA PHE B 179 -34.20 13.56 33.69
C PHE B 179 -32.70 13.36 33.68
N VAL B 180 -32.08 13.59 32.52
CA VAL B 180 -30.65 13.34 32.33
C VAL B 180 -29.95 14.59 31.81
N PHE B 181 -30.21 15.74 32.44
CA PHE B 181 -29.76 17.02 31.89
C PHE B 181 -28.30 16.96 31.46
N LYS B 182 -28.02 17.21 30.19
CA LYS B 182 -26.63 17.38 29.79
C LYS B 182 -26.49 18.56 28.83
N ASN B 183 -25.36 19.25 28.95
CA ASN B 183 -25.04 20.43 28.17
C ASN B 183 -23.79 20.15 27.34
N ILE B 184 -23.98 19.96 26.03
CA ILE B 184 -22.89 19.73 25.09
C ILE B 184 -23.07 20.66 23.91
N ASP B 185 -21.96 21.24 23.43
CA ASP B 185 -21.94 22.12 22.27
C ASP B 185 -22.94 23.26 22.42
N GLY B 186 -22.97 23.86 23.60
CA GLY B 186 -23.88 24.97 23.83
C GLY B 186 -25.34 24.63 23.69
N TYR B 187 -25.72 23.43 24.10
CA TYR B 187 -27.11 22.98 24.09
C TYR B 187 -27.50 22.55 25.50
N PHE B 188 -28.78 22.20 25.67
CA PHE B 188 -29.30 21.78 26.96
C PHE B 188 -30.16 20.54 26.80
N LYS B 189 -29.58 19.51 26.19
CA LYS B 189 -30.31 18.26 25.99
C LYS B 189 -30.98 17.80 27.28
N ILE B 190 -32.31 17.77 27.28
CA ILE B 190 -33.09 17.34 28.43
C ILE B 190 -33.79 16.03 28.11
N TYR B 191 -33.14 14.91 28.39
CA TYR B 191 -33.79 13.62 28.26
C TYR B 191 -34.70 13.42 29.45
N SER B 192 -35.94 13.02 29.21
CA SER B 192 -36.91 12.94 30.28
C SER B 192 -37.79 11.71 30.12
N LYS B 193 -38.37 11.27 31.24
CA LYS B 193 -39.32 10.16 31.21
C LYS B 193 -40.11 10.11 32.52
N HIS B 194 -41.41 9.92 32.42
CA HIS B 194 -42.29 9.78 33.57
C HIS B 194 -42.81 8.36 33.64
N THR B 195 -42.88 7.81 34.85
CA THR B 195 -43.51 6.50 35.00
C THR B 195 -44.35 6.45 36.27
N PRO B 196 -45.47 5.73 36.23
CA PRO B 196 -46.28 5.55 37.43
C PRO B 196 -45.91 4.29 38.19
N ILE B 197 -45.66 4.44 39.49
CA ILE B 197 -45.34 3.31 40.37
C ILE B 197 -46.18 3.51 41.62
N ASN B 198 -46.44 2.41 42.32
CA ASN B 198 -47.20 2.45 43.57
C ASN B 198 -46.57 1.49 44.57
N LEU B 199 -46.89 1.72 45.85
CA LEU B 199 -46.44 0.87 46.94
C LEU B 199 -44.91 0.83 47.02
N VAL B 200 -44.32 2.02 47.15
CA VAL B 200 -42.87 2.16 47.23
C VAL B 200 -42.48 3.18 48.28
N ARG B 201 -41.22 3.13 48.68
CA ARG B 201 -40.65 4.05 49.65
C ARG B 201 -39.37 4.71 49.15
N ASP B 202 -38.60 4.02 48.31
CA ASP B 202 -37.40 4.56 47.68
C ASP B 202 -37.51 4.36 46.17
N LEU B 203 -36.42 4.62 45.46
CA LEU B 203 -36.41 4.28 44.03
C LEU B 203 -36.16 2.79 43.88
N PRO B 204 -37.00 2.08 43.14
CA PRO B 204 -36.85 0.63 43.03
C PRO B 204 -35.94 0.23 41.88
N GLN B 205 -35.51 -1.03 41.91
CA GLN B 205 -34.73 -1.57 40.81
C GLN B 205 -35.62 -1.76 39.59
N GLY B 206 -35.14 -1.32 38.45
CA GLY B 206 -35.92 -1.42 37.24
C GLY B 206 -35.11 -0.90 36.08
N PHE B 207 -35.72 -0.99 34.90
CA PHE B 207 -35.12 -0.51 33.67
C PHE B 207 -36.09 0.39 32.94
N SER B 208 -35.60 1.53 32.47
CA SER B 208 -36.44 2.48 31.74
C SER B 208 -35.54 3.31 30.83
N ALA B 209 -35.61 3.06 29.53
CA ALA B 209 -34.92 3.92 28.58
C ALA B 209 -35.57 5.28 28.57
N LEU B 210 -34.77 6.33 28.45
CA LEU B 210 -35.25 7.71 28.53
C LEU B 210 -35.21 8.34 27.14
N GLU B 211 -36.33 8.93 26.72
CA GLU B 211 -36.46 9.55 25.41
C GLU B 211 -36.23 11.05 25.50
N PRO B 212 -35.57 11.65 24.50
CA PRO B 212 -35.33 13.09 24.54
C PRO B 212 -36.61 13.89 24.45
N LEU B 213 -36.59 15.08 25.03
CA LEU B 213 -37.76 15.93 25.11
C LEU B 213 -37.58 17.23 24.36
N VAL B 214 -36.44 17.90 24.53
CA VAL B 214 -36.22 19.16 23.83
C VAL B 214 -34.73 19.47 23.86
N ASP B 215 -34.25 20.13 22.81
CA ASP B 215 -32.93 20.73 22.80
C ASP B 215 -33.08 22.25 22.91
N LEU B 216 -32.34 22.84 23.85
CA LEU B 216 -32.37 24.29 24.03
C LEU B 216 -31.08 24.89 23.49
N PRO B 217 -31.14 25.73 22.46
CA PRO B 217 -29.93 26.47 22.08
C PRO B 217 -29.63 27.58 23.07
N ILE B 218 -28.64 27.35 23.95
CA ILE B 218 -28.37 28.23 25.07
C ILE B 218 -26.95 28.76 25.03
N GLY B 219 -25.96 27.86 24.93
CA GLY B 219 -24.58 28.26 24.75
C GLY B 219 -23.97 29.07 25.87
N ILE B 220 -24.16 28.62 27.12
CA ILE B 220 -23.57 29.29 28.26
C ILE B 220 -22.71 28.31 29.04
N ASN B 221 -21.84 28.87 29.88
CA ASN B 221 -20.96 28.10 30.73
C ASN B 221 -21.72 27.60 31.95
N ILE B 222 -21.73 26.29 32.16
CA ILE B 222 -22.52 25.69 33.22
C ILE B 222 -21.60 24.86 34.12
N THR B 223 -21.66 25.13 35.42
CA THR B 223 -20.85 24.40 36.41
C THR B 223 -21.64 23.96 37.64
N ARG B 224 -22.72 24.63 38.00
CA ARG B 224 -23.42 24.37 39.24
C ARG B 224 -24.92 24.47 39.00
N PHE B 225 -25.71 23.79 39.82
CA PHE B 225 -27.16 23.79 39.66
C PHE B 225 -27.83 23.59 41.00
N GLN B 226 -29.10 23.99 41.08
CA GLN B 226 -29.86 23.89 42.32
C GLN B 226 -31.18 23.18 42.06
N THR B 227 -32.11 23.25 43.01
CA THR B 227 -33.44 22.69 42.82
C THR B 227 -34.47 23.51 43.58
N LEU B 228 -35.57 23.82 42.90
CA LEU B 228 -36.64 24.65 43.44
C LEU B 228 -37.71 23.75 44.04
N LEU B 229 -38.08 24.03 45.28
CA LEU B 229 -38.99 23.17 46.03
C LEU B 229 -40.26 23.93 46.41
N ALA B 230 -41.39 23.26 46.27
CA ALA B 230 -42.67 23.86 46.61
C ALA B 230 -42.91 23.75 48.11
N LEU B 231 -43.07 24.88 48.76
CA LEU B 231 -43.31 24.92 50.19
C LEU B 231 -44.81 24.94 50.46
N HIS B 232 -45.20 24.27 51.54
CA HIS B 232 -46.60 24.10 51.89
C HIS B 232 -46.92 24.81 53.20
N ARG B 233 -46.39 26.01 53.35
CA ARG B 233 -46.36 26.68 54.64
C ARG B 233 -46.26 28.19 54.39
N SER B 234 -45.87 28.94 55.42
CA SER B 234 -45.51 30.34 55.27
C SER B 234 -44.56 30.69 56.40
N TYR B 235 -43.46 31.36 56.07
CA TYR B 235 -42.44 31.64 57.08
C TYR B 235 -42.96 32.55 58.18
N LEU B 236 -43.89 33.45 57.85
CA LEU B 236 -44.44 34.36 58.85
C LEU B 236 -45.16 33.58 59.96
N THR B 237 -45.92 32.56 59.58
CA THR B 237 -46.59 31.68 60.54
C THR B 237 -46.24 30.24 60.16
N PRO B 238 -45.05 29.78 60.53
CA PRO B 238 -44.60 28.44 60.13
C PRO B 238 -45.15 27.37 61.05
N GLY B 239 -45.90 26.42 60.48
CA GLY B 239 -46.39 25.30 61.25
C GLY B 239 -45.33 24.22 61.45
N ASP B 240 -45.54 23.40 62.48
CA ASP B 240 -44.59 22.34 62.79
C ASP B 240 -44.87 21.07 61.97
N SER B 241 -46.01 20.44 62.21
CA SER B 241 -46.32 19.15 61.61
C SER B 241 -47.67 19.24 60.90
N SER B 242 -47.79 18.47 59.82
CA SER B 242 -48.93 18.39 58.91
C SER B 242 -49.05 19.63 58.03
N SER B 243 -48.21 20.65 58.23
CA SER B 243 -48.18 21.77 57.29
C SER B 243 -47.60 21.33 55.96
N GLY B 244 -46.48 20.62 55.98
CA GLY B 244 -45.90 20.08 54.78
C GLY B 244 -46.58 18.79 54.35
N TRP B 245 -45.99 18.14 53.37
CA TRP B 245 -46.50 16.88 52.83
C TRP B 245 -45.77 15.73 53.51
N THR B 246 -46.42 15.17 54.53
CA THR B 246 -45.95 14.02 55.33
C THR B 246 -44.44 14.08 55.59
N ALA B 247 -44.00 15.22 56.14
CA ALA B 247 -42.61 15.44 56.56
C ALA B 247 -41.63 15.20 55.42
N GLY B 248 -41.99 15.70 54.23
CA GLY B 248 -41.12 15.62 53.07
C GLY B 248 -40.81 14.21 52.59
N ALA B 249 -41.83 13.36 52.50
CA ALA B 249 -41.61 12.02 51.96
C ALA B 249 -41.19 12.07 50.50
N ALA B 250 -41.74 13.03 49.74
CA ALA B 250 -41.28 13.25 48.38
C ALA B 250 -39.80 13.59 48.40
N ALA B 251 -39.04 12.99 47.48
CA ALA B 251 -37.59 13.15 47.58
C ALA B 251 -36.96 13.04 46.21
N TYR B 252 -35.68 13.42 46.15
CA TYR B 252 -34.98 13.42 44.88
C TYR B 252 -33.55 12.96 45.02
N TYR B 253 -33.08 12.30 43.96
CA TYR B 253 -31.83 11.57 43.92
C TYR B 253 -30.99 12.16 42.81
N VAL B 254 -29.71 12.36 43.07
CA VAL B 254 -28.80 12.96 42.11
C VAL B 254 -27.63 12.02 41.89
N GLY B 255 -27.29 11.80 40.62
CA GLY B 255 -26.09 11.07 40.27
C GLY B 255 -25.43 11.74 39.08
N TYR B 256 -24.14 11.45 38.90
CA TYR B 256 -23.33 12.19 37.93
C TYR B 256 -22.82 11.24 36.85
N LEU B 257 -23.00 11.63 35.60
CA LEU B 257 -22.64 10.75 34.50
C LEU B 257 -21.13 10.65 34.33
N GLN B 258 -20.69 9.56 33.71
CA GLN B 258 -19.30 9.33 33.36
C GLN B 258 -19.22 8.83 31.92
N PRO B 259 -18.08 9.06 31.26
CA PRO B 259 -17.91 8.53 29.90
C PRO B 259 -17.64 7.04 29.92
N ARG B 260 -18.61 6.22 29.52
CA ARG B 260 -18.47 4.78 29.54
C ARG B 260 -18.97 4.18 28.23
N THR B 261 -18.71 2.88 28.07
CA THR B 261 -19.16 2.10 26.93
C THR B 261 -20.24 1.13 27.37
N PHE B 262 -21.37 1.14 26.68
CA PHE B 262 -22.51 0.31 27.00
C PHE B 262 -22.81 -0.59 25.82
N LEU B 263 -23.43 -1.73 26.09
CA LEU B 263 -23.97 -2.60 25.06
C LEU B 263 -25.49 -2.58 25.21
N LEU B 264 -26.17 -1.91 24.29
CA LEU B 264 -27.61 -1.72 24.33
C LEU B 264 -28.29 -2.74 23.44
N LYS B 265 -29.39 -3.32 23.93
CA LYS B 265 -30.10 -4.35 23.19
C LYS B 265 -31.39 -3.76 22.64
N TYR B 266 -31.35 -3.33 21.38
CA TYR B 266 -32.55 -2.85 20.70
C TYR B 266 -33.37 -4.05 20.28
N ASN B 267 -34.60 -4.16 20.77
CA ASN B 267 -35.45 -5.27 20.36
C ASN B 267 -36.03 -4.97 18.98
N GLU B 268 -37.00 -5.77 18.53
CA GLU B 268 -37.50 -5.61 17.17
C GLU B 268 -38.21 -4.27 17.00
N ASN B 269 -38.78 -3.74 18.07
CA ASN B 269 -39.64 -2.56 18.02
C ASN B 269 -38.85 -1.25 18.07
N GLY B 270 -37.54 -1.32 18.25
CA GLY B 270 -36.73 -0.12 18.38
C GLY B 270 -36.66 0.47 19.76
N THR B 271 -37.24 -0.19 20.76
CA THR B 271 -37.23 0.29 22.13
C THR B 271 -36.12 -0.41 22.91
N ILE B 272 -35.25 0.38 23.53
CA ILE B 272 -34.14 -0.16 24.28
C ILE B 272 -34.69 -0.98 25.45
N THR B 273 -34.27 -2.24 25.56
CA THR B 273 -34.78 -3.13 26.57
C THR B 273 -33.76 -3.46 27.66
N ASP B 274 -32.54 -3.81 27.28
CA ASP B 274 -31.53 -4.19 28.25
C ASP B 274 -30.21 -3.52 27.90
N ALA B 275 -29.35 -3.40 28.91
CA ALA B 275 -28.03 -2.82 28.70
C ALA B 275 -27.02 -3.62 29.52
N VAL B 276 -25.79 -3.63 29.03
CA VAL B 276 -24.68 -4.29 29.72
C VAL B 276 -23.51 -3.33 29.78
N ASP B 277 -23.02 -3.06 30.98
CA ASP B 277 -21.94 -2.10 31.21
C ASP B 277 -20.62 -2.83 31.08
N CYS B 278 -19.82 -2.47 30.07
CA CYS B 278 -18.61 -3.24 29.79
C CYS B 278 -17.63 -3.21 30.95
N ALA B 279 -17.39 -2.03 31.52
CA ALA B 279 -16.29 -1.86 32.46
C ALA B 279 -16.66 -2.21 33.90
N LEU B 280 -17.66 -3.05 34.13
CA LEU B 280 -18.10 -3.35 35.48
C LEU B 280 -17.51 -4.64 36.03
N ASP B 281 -17.38 -5.67 35.20
CA ASP B 281 -16.98 -7.01 35.61
C ASP B 281 -16.09 -7.59 34.54
N PRO B 282 -15.33 -8.63 34.85
CA PRO B 282 -14.74 -9.42 33.76
C PRO B 282 -15.79 -10.03 32.86
N LEU B 283 -16.88 -10.53 33.44
CA LEU B 283 -17.92 -11.15 32.63
C LEU B 283 -18.54 -10.15 31.67
N SER B 284 -18.74 -8.92 32.13
CA SER B 284 -19.34 -7.91 31.27
C SER B 284 -18.41 -7.55 30.12
N GLU B 285 -17.10 -7.48 30.36
CA GLU B 285 -16.19 -7.28 29.25
C GLU B 285 -16.21 -8.44 28.28
N THR B 286 -16.36 -9.68 28.79
CA THR B 286 -16.47 -10.82 27.88
C THR B 286 -17.71 -10.70 27.00
N LYS B 287 -18.84 -10.30 27.60
CA LYS B 287 -20.05 -10.09 26.81
C LYS B 287 -19.85 -9.01 25.75
N CYS B 288 -19.20 -7.90 26.13
CA CYS B 288 -19.00 -6.82 25.18
C CYS B 288 -18.07 -7.23 24.05
N THR B 289 -17.06 -8.04 24.32
CA THR B 289 -16.17 -8.46 23.24
C THR B 289 -16.81 -9.50 22.35
N LEU B 290 -17.62 -10.39 22.89
CA LEU B 290 -18.29 -11.39 22.05
C LEU B 290 -19.56 -10.85 21.40
N LYS B 291 -20.02 -9.67 21.79
CA LYS B 291 -21.23 -9.05 21.24
C LYS B 291 -22.45 -9.96 21.43
N SER B 292 -22.63 -10.43 22.67
CA SER B 292 -23.81 -11.21 23.00
C SER B 292 -24.06 -11.09 24.49
N PHE B 293 -25.29 -11.41 24.90
CA PHE B 293 -25.67 -11.35 26.30
C PHE B 293 -25.46 -12.68 27.02
N THR B 294 -25.16 -13.76 26.32
CA THR B 294 -24.92 -15.06 26.93
C THR B 294 -23.64 -15.65 26.36
N VAL B 295 -22.80 -16.21 27.23
CA VAL B 295 -21.52 -16.77 26.83
C VAL B 295 -21.45 -18.21 27.33
N GLU B 296 -20.99 -19.10 26.46
CA GLU B 296 -20.88 -20.51 26.81
C GLU B 296 -19.56 -20.76 27.54
N LYS B 297 -19.38 -22.00 27.99
CA LYS B 297 -18.19 -22.38 28.74
C LYS B 297 -16.94 -22.24 27.89
N GLY B 298 -15.84 -21.85 28.52
CA GLY B 298 -14.55 -21.76 27.88
C GLY B 298 -13.78 -20.56 28.40
N ILE B 299 -12.67 -20.25 27.73
CA ILE B 299 -11.88 -19.07 28.05
C ILE B 299 -11.90 -18.14 26.85
N TYR B 300 -11.98 -16.84 27.13
CA TYR B 300 -11.99 -15.82 26.09
C TYR B 300 -10.96 -14.76 26.43
N GLN B 301 -10.22 -14.31 25.41
CA GLN B 301 -9.23 -13.26 25.57
C GLN B 301 -9.91 -11.92 25.38
N THR B 302 -10.01 -11.13 26.45
CA THR B 302 -10.72 -9.86 26.37
C THR B 302 -9.82 -8.70 25.95
N SER B 303 -8.80 -8.41 26.76
CA SER B 303 -7.95 -7.25 26.53
C SER B 303 -6.50 -7.60 26.84
N ASN B 304 -5.63 -6.60 26.77
CA ASN B 304 -4.22 -6.77 27.01
C ASN B 304 -3.80 -5.90 28.19
N PHE B 305 -3.09 -6.50 29.14
CA PHE B 305 -2.59 -5.81 30.32
C PHE B 305 -1.15 -5.42 30.07
N ARG B 306 -0.83 -4.14 30.32
CA ARG B 306 0.51 -3.60 30.09
C ARG B 306 0.91 -2.75 31.28
N VAL B 307 2.13 -2.94 31.76
CA VAL B 307 2.63 -2.13 32.85
C VAL B 307 2.94 -0.74 32.34
N GLN B 308 2.51 0.26 33.08
CA GLN B 308 2.79 1.60 32.58
C GLN B 308 4.04 2.19 33.24
N PRO B 309 4.81 3.01 32.53
CA PRO B 309 5.96 3.65 33.17
C PRO B 309 5.53 4.60 34.26
N THR B 310 6.22 4.55 35.40
CA THR B 310 5.81 5.33 36.55
C THR B 310 6.22 6.80 36.41
N GLU B 311 7.52 7.06 36.29
CA GLU B 311 8.03 8.40 36.12
C GLU B 311 9.10 8.40 35.05
N SER B 312 9.29 9.55 34.42
CA SER B 312 10.30 9.70 33.38
C SER B 312 11.57 10.31 33.97
N ILE B 313 12.71 9.73 33.60
CA ILE B 313 14.01 10.23 34.04
C ILE B 313 14.86 10.49 32.82
N VAL B 314 15.83 11.39 32.98
CA VAL B 314 16.76 11.75 31.92
C VAL B 314 18.18 11.50 32.44
N ARG B 315 19.17 11.43 31.56
CA ARG B 315 20.53 11.10 32.07
C ARG B 315 21.62 11.67 31.15
N PHE B 316 21.34 12.82 30.52
CA PHE B 316 22.32 13.41 29.58
C PHE B 316 23.65 13.71 30.29
N PRO B 317 23.69 14.35 31.48
CA PRO B 317 24.94 14.73 32.14
C PRO B 317 26.15 13.92 31.68
N ASN B 318 26.89 14.43 30.70
CA ASN B 318 28.13 13.74 30.28
C ASN B 318 29.12 13.83 31.45
N ILE B 319 29.12 14.97 32.15
CA ILE B 319 30.02 15.15 33.33
C ILE B 319 29.20 14.96 34.61
N THR B 510 29.93 20.31 30.19
CA THR B 510 31.28 20.58 29.63
C THR B 510 31.14 21.49 28.40
N VAL B 511 31.18 20.92 27.19
CA VAL B 511 31.04 21.72 25.94
C VAL B 511 29.59 22.17 25.82
N CYS B 512 29.31 23.11 24.91
CA CYS B 512 27.92 23.66 24.75
C CYS B 512 27.34 23.90 26.15
N GLY B 513 26.14 23.37 26.42
CA GLY B 513 25.53 23.51 27.75
C GLY B 513 25.28 22.15 28.39
N PRO B 514 26.16 21.64 29.27
CA PRO B 514 25.90 20.37 29.97
C PRO B 514 24.67 20.50 30.87
N LYS B 515 23.76 19.52 30.79
CA LYS B 515 22.50 19.59 31.59
C LYS B 515 22.61 18.67 32.81
N LYS B 516 21.52 18.52 33.57
CA LYS B 516 21.52 17.63 34.76
C LYS B 516 20.53 16.49 34.51
N SER B 517 20.49 15.50 35.41
CA SER B 517 19.63 14.35 35.18
C SER B 517 18.65 14.08 36.31
N THR B 518 18.59 14.96 37.30
CA THR B 518 17.88 14.71 38.56
C THR B 518 18.53 13.48 39.19
N ASN B 519 17.82 12.37 39.35
CA ASN B 519 18.36 11.19 40.01
C ASN B 519 18.35 10.02 39.03
N LEU B 520 18.70 8.84 39.55
CA LEU B 520 18.66 7.59 38.80
C LEU B 520 17.97 6.52 39.63
N VAL B 521 17.03 5.81 39.02
CA VAL B 521 16.26 4.77 39.70
C VAL B 521 16.42 3.47 38.93
N LYS B 522 16.47 2.36 39.68
CA LYS B 522 16.67 1.04 39.10
C LYS B 522 15.65 0.05 39.66
N ASN B 523 15.53 -1.09 38.99
CA ASN B 523 14.56 -2.12 39.35
C ASN B 523 13.14 -1.57 39.38
N LYS B 524 12.81 -0.75 38.39
CA LYS B 524 11.53 -0.05 38.39
C LYS B 524 11.24 0.37 36.96
N CYS B 525 10.06 0.01 36.46
CA CYS B 525 9.72 0.24 35.06
C CYS B 525 9.48 1.72 34.81
N VAL B 526 10.46 2.40 34.22
CA VAL B 526 10.43 3.84 34.02
C VAL B 526 10.72 4.17 32.57
N ASN B 527 10.37 5.41 32.20
CA ASN B 527 10.75 5.98 30.91
C ASN B 527 12.12 6.61 31.06
N PHE B 528 13.05 6.20 30.19
CA PHE B 528 14.45 6.58 30.33
C PHE B 528 14.93 7.25 29.04
N ASN B 529 15.81 8.23 29.21
CA ASN B 529 16.46 8.93 28.10
C ASN B 529 17.92 9.04 28.49
N PHE B 530 18.75 8.17 27.92
CA PHE B 530 20.19 8.17 28.15
C PHE B 530 20.86 8.80 26.94
N ASN B 531 21.37 10.02 27.11
CA ASN B 531 22.12 10.72 26.06
C ASN B 531 21.32 10.87 24.77
N GLY B 532 19.99 10.93 24.89
CA GLY B 532 19.11 11.04 23.73
C GLY B 532 18.47 9.73 23.31
N LEU B 533 18.99 8.59 23.76
CA LEU B 533 18.35 7.30 23.49
C LEU B 533 17.16 7.16 24.43
N THR B 534 15.94 7.18 23.87
CA THR B 534 14.73 7.16 24.67
C THR B 534 14.05 5.81 24.59
N GLY B 535 13.35 5.47 25.66
CA GLY B 535 12.61 4.22 25.69
C GLY B 535 11.92 4.05 27.03
N THR B 536 11.34 2.87 27.21
CA THR B 536 10.77 2.48 28.49
C THR B 536 11.32 1.13 28.88
N GLY B 537 11.52 0.92 30.17
CA GLY B 537 11.99 -0.38 30.63
C GLY B 537 12.35 -0.32 32.09
N VAL B 538 12.75 -1.48 32.60
CA VAL B 538 13.33 -1.58 33.93
C VAL B 538 14.84 -1.68 33.76
N LEU B 539 15.56 -0.83 34.48
CA LEU B 539 17.00 -0.75 34.41
C LEU B 539 17.55 -1.62 35.53
N THR B 540 18.55 -2.44 35.24
CA THR B 540 19.15 -3.24 36.28
C THR B 540 20.66 -3.27 36.11
N GLU B 541 21.33 -3.53 37.22
CA GLU B 541 22.79 -3.68 37.20
C GLU B 541 23.18 -4.95 36.45
N SER B 542 24.13 -4.83 35.54
CA SER B 542 24.52 -5.92 34.66
C SER B 542 25.96 -6.32 34.91
N ASN B 543 26.23 -7.61 34.73
CA ASN B 543 27.57 -8.15 34.92
C ASN B 543 28.36 -8.23 33.62
N LYS B 544 27.81 -7.74 32.50
CA LYS B 544 28.57 -7.68 31.27
C LYS B 544 29.73 -6.70 31.41
N LYS B 545 30.82 -6.98 30.69
CA LYS B 545 32.02 -6.15 30.76
C LYS B 545 32.22 -5.46 29.43
N PHE B 546 31.82 -4.19 29.37
CA PHE B 546 32.01 -3.40 28.16
C PHE B 546 33.49 -3.15 27.92
N LEU B 547 33.90 -3.15 26.66
CA LEU B 547 35.23 -2.70 26.31
C LEU B 547 35.29 -1.18 26.46
N PRO B 548 36.47 -0.63 26.76
CA PRO B 548 36.54 0.78 27.20
C PRO B 548 36.03 1.79 26.19
N PHE B 549 35.92 1.45 24.91
CA PHE B 549 35.50 2.41 23.91
C PHE B 549 34.05 2.23 23.47
N GLN B 550 33.29 1.39 24.16
CA GLN B 550 31.92 1.08 23.75
C GLN B 550 30.90 1.86 24.56
N GLN B 551 29.76 2.16 23.92
CA GLN B 551 28.68 2.88 24.56
C GLN B 551 27.48 1.99 24.86
N PHE B 552 26.90 1.34 23.87
CA PHE B 552 25.75 0.49 24.09
C PHE B 552 25.92 -0.84 23.37
N GLY B 553 25.16 -1.83 23.81
CA GLY B 553 25.25 -3.16 23.25
C GLY B 553 23.90 -3.62 22.73
N ARG B 554 23.94 -4.63 21.88
CA ARG B 554 22.70 -5.16 21.31
C ARG B 554 22.92 -6.65 20.99
N ASP B 555 22.58 -7.49 21.97
CA ASP B 555 22.75 -8.93 21.79
C ASP B 555 21.67 -9.53 20.90
N ILE B 556 20.56 -8.82 20.70
CA ILE B 556 19.40 -9.36 20.00
C ILE B 556 19.31 -8.87 18.56
N ALA B 557 20.08 -7.85 18.19
CA ALA B 557 20.17 -7.25 16.86
C ALA B 557 18.97 -6.39 16.51
N ASP B 558 18.01 -6.22 17.42
CA ASP B 558 16.91 -5.29 17.18
C ASP B 558 16.72 -4.27 18.30
N THR B 559 17.21 -4.52 19.49
CA THR B 559 17.02 -3.61 20.62
C THR B 559 18.29 -3.58 21.45
N THR B 560 18.67 -2.39 21.88
CA THR B 560 19.88 -2.21 22.68
C THR B 560 19.62 -2.72 24.09
N ASP B 561 20.07 -3.94 24.39
CA ASP B 561 19.71 -4.51 25.68
C ASP B 561 20.58 -3.97 26.81
N ALA B 562 21.72 -3.36 26.51
CA ALA B 562 22.59 -2.79 27.53
C ALA B 562 22.99 -1.36 27.18
N VAL B 563 23.33 -0.58 28.19
CA VAL B 563 23.67 0.83 28.04
C VAL B 563 24.67 1.20 29.12
N ARG B 564 25.54 2.18 28.83
CA ARG B 564 26.53 2.66 29.78
C ARG B 564 26.12 4.02 30.33
N ASP B 565 26.10 4.14 31.67
CA ASP B 565 25.63 5.34 32.34
C ASP B 565 26.72 6.41 32.31
N PRO B 566 26.42 7.63 31.86
CA PRO B 566 27.48 8.66 31.76
C PRO B 566 28.12 9.03 33.09
N GLN B 567 27.34 9.31 34.13
CA GLN B 567 27.88 9.68 35.45
C GLN B 567 28.83 8.63 35.99
N THR B 568 28.28 7.48 36.35
CA THR B 568 29.04 6.37 36.88
C THR B 568 29.06 5.25 35.84
N LEU B 569 30.22 4.69 35.60
CA LEU B 569 30.34 3.74 34.51
C LEU B 569 29.70 2.42 34.79
N GLU B 570 28.88 2.30 35.82
CA GLU B 570 28.07 1.10 35.99
C GLU B 570 27.23 0.86 34.75
N ILE B 571 27.26 -0.37 34.25
CA ILE B 571 26.61 -0.72 33.00
C ILE B 571 25.25 -1.32 33.31
N LEU B 572 24.19 -0.74 32.73
CA LEU B 572 22.82 -1.10 33.05
C LEU B 572 22.20 -1.84 31.87
N ASP B 573 21.63 -3.01 32.12
CA ASP B 573 20.84 -3.66 31.07
C ASP B 573 19.38 -3.33 31.27
N ILE B 574 18.70 -3.13 30.14
CA ILE B 574 17.26 -2.73 30.18
C ILE B 574 16.40 -3.92 29.78
N THR B 575 15.23 -4.07 30.42
CA THR B 575 14.30 -5.18 30.08
C THR B 575 12.92 -4.56 29.85
N PRO B 576 12.20 -4.91 28.76
CA PRO B 576 10.93 -4.28 28.45
C PRO B 576 9.93 -4.51 29.60
N CYS B 577 9.11 -3.49 29.90
CA CYS B 577 8.09 -3.63 30.96
C CYS B 577 7.15 -4.79 30.57
N SER B 578 6.68 -5.56 31.54
CA SER B 578 5.88 -6.78 31.22
C SER B 578 4.51 -6.48 30.61
N PHE B 579 3.97 -7.43 29.86
CA PHE B 579 2.62 -7.31 29.30
C PHE B 579 2.10 -8.71 28.99
N GLY B 580 0.82 -8.77 28.65
CA GLY B 580 0.24 -10.03 28.24
C GLY B 580 -1.27 -9.99 28.12
N GLY B 581 -1.86 -10.97 27.46
CA GLY B 581 -3.30 -11.00 27.34
C GLY B 581 -3.97 -11.32 28.66
N VAL B 582 -5.26 -10.99 28.75
CA VAL B 582 -6.07 -11.31 29.91
C VAL B 582 -7.20 -12.22 29.45
N SER B 583 -7.25 -13.43 29.98
CA SER B 583 -8.27 -14.40 29.61
C SER B 583 -9.25 -14.54 30.75
N VAL B 584 -10.54 -14.60 30.42
CA VAL B 584 -11.58 -14.73 31.43
C VAL B 584 -12.11 -16.16 31.37
N ILE B 585 -11.87 -16.93 32.43
CA ILE B 585 -12.33 -18.31 32.51
C ILE B 585 -13.71 -18.32 33.14
N THR B 586 -14.70 -18.84 32.43
CA THR B 586 -16.05 -18.86 32.94
C THR B 586 -16.71 -20.20 32.70
N PRO B 587 -17.53 -20.68 33.64
CA PRO B 587 -18.51 -21.70 33.29
C PRO B 587 -19.67 -21.05 32.57
N GLY B 588 -20.73 -21.79 32.27
CA GLY B 588 -21.86 -21.22 31.56
C GLY B 588 -22.41 -19.98 32.21
N THR B 589 -22.64 -18.92 31.43
CA THR B 589 -23.05 -17.66 32.02
C THR B 589 -24.35 -17.81 32.81
N ASN B 590 -25.21 -18.72 32.38
CA ASN B 590 -26.47 -18.90 33.08
C ASN B 590 -26.40 -19.99 34.13
N THR B 591 -25.21 -20.56 34.36
CA THR B 591 -25.00 -21.41 35.52
C THR B 591 -24.57 -20.58 36.73
N SER B 592 -23.59 -19.69 36.54
CA SER B 592 -23.15 -18.79 37.59
C SER B 592 -22.44 -17.60 36.98
N ASN B 593 -22.49 -16.47 37.68
CA ASN B 593 -21.87 -15.25 37.23
C ASN B 593 -20.45 -15.07 37.74
N GLN B 594 -19.90 -16.06 38.45
CA GLN B 594 -18.52 -15.98 38.93
C GLN B 594 -17.54 -16.45 37.87
N VAL B 595 -16.45 -15.70 37.71
CA VAL B 595 -15.43 -15.98 36.74
C VAL B 595 -14.07 -15.91 37.41
N ALA B 596 -13.06 -16.43 36.72
CA ALA B 596 -11.68 -16.28 37.16
C ALA B 596 -10.90 -15.58 36.05
N VAL B 597 -9.77 -14.99 36.40
CA VAL B 597 -9.01 -14.19 35.46
C VAL B 597 -7.59 -14.70 35.39
N LEU B 598 -7.13 -15.01 34.18
CA LEU B 598 -5.79 -15.50 33.94
C LEU B 598 -5.00 -14.43 33.20
N TYR B 599 -4.00 -13.85 33.86
CA TYR B 599 -3.06 -12.96 33.18
C TYR B 599 -2.00 -13.83 32.53
N GLN B 600 -1.98 -13.86 31.20
CA GLN B 600 -1.12 -14.78 30.47
C GLN B 600 0.31 -14.30 30.46
N GLY B 601 1.25 -15.21 30.75
CA GLY B 601 2.65 -14.95 30.57
C GLY B 601 3.20 -13.82 31.42
N VAL B 602 2.84 -13.78 32.70
CA VAL B 602 3.37 -12.80 33.62
C VAL B 602 3.31 -13.38 35.02
N ASN B 603 4.27 -13.00 35.86
CA ASN B 603 4.18 -13.26 37.27
C ASN B 603 3.32 -12.16 37.88
N CYS B 604 2.63 -12.50 38.96
CA CYS B 604 1.67 -11.59 39.57
C CYS B 604 2.13 -11.06 40.93
N THR B 605 3.39 -10.66 41.00
CA THR B 605 3.86 -9.69 41.98
C THR B 605 3.72 -8.26 41.46
N GLU B 606 3.15 -8.08 40.27
CA GLU B 606 3.00 -6.77 39.68
C GLU B 606 1.62 -6.46 39.14
N VAL B 607 0.65 -7.37 39.29
CA VAL B 607 -0.64 -7.17 38.65
C VAL B 607 -1.54 -6.12 39.31
N PRO B 608 -1.61 -6.01 40.65
CA PRO B 608 -2.66 -5.13 41.21
C PRO B 608 -2.36 -3.65 41.03
N VAL B 609 -1.09 -3.27 40.90
CA VAL B 609 -0.68 -1.88 40.94
C VAL B 609 -0.32 -1.35 39.55
N ALA B 610 0.31 -2.18 38.72
CA ALA B 610 0.80 -1.71 37.43
C ALA B 610 -0.34 -1.26 36.53
N ILE B 611 -1.42 -2.01 36.50
CA ILE B 611 -2.60 -1.63 35.71
C ILE B 611 -3.51 -0.77 36.57
N HIS B 612 -4.32 0.04 35.89
CA HIS B 612 -5.18 1.00 36.57
C HIS B 612 -6.54 0.39 36.91
N THR B 619 -12.56 0.64 35.87
CA THR B 619 -12.66 -0.79 35.60
C THR B 619 -12.80 -1.60 36.88
N TRP B 620 -12.51 -2.90 36.81
CA TRP B 620 -12.63 -3.76 37.98
C TRP B 620 -11.32 -3.83 38.74
N ARG B 621 -11.43 -4.10 40.03
CA ARG B 621 -10.30 -4.13 40.95
C ARG B 621 -10.21 -5.51 41.60
N VAL B 622 -8.98 -5.97 41.83
CA VAL B 622 -8.74 -7.34 42.24
C VAL B 622 -8.68 -7.50 43.76
N TYR B 623 -7.89 -6.65 44.43
CA TYR B 623 -7.65 -6.67 45.88
C TYR B 623 -6.80 -7.85 46.32
N SER B 624 -6.55 -8.81 45.42
CA SER B 624 -5.53 -9.84 45.58
C SER B 624 -5.55 -10.49 46.97
N THR B 625 -6.63 -11.20 47.24
CA THR B 625 -6.70 -12.00 48.45
C THR B 625 -5.58 -13.04 48.42
N GLY B 626 -4.93 -13.25 49.58
CA GLY B 626 -3.72 -14.03 49.60
C GLY B 626 -3.89 -15.45 49.10
N SER B 627 -5.01 -16.08 49.44
CA SER B 627 -5.18 -17.49 49.10
C SER B 627 -5.52 -17.72 47.64
N ASN B 628 -6.13 -16.76 46.96
CA ASN B 628 -6.67 -16.97 45.62
C ASN B 628 -5.84 -16.30 44.53
N VAL B 629 -4.52 -16.27 44.68
CA VAL B 629 -3.66 -15.72 43.63
C VAL B 629 -2.68 -16.82 43.23
N PHE B 630 -3.17 -18.05 43.19
CA PHE B 630 -2.41 -19.21 42.71
C PHE B 630 -1.66 -18.86 41.44
N GLN B 631 -0.41 -19.32 41.36
CA GLN B 631 0.49 -19.03 40.25
C GLN B 631 0.65 -20.26 39.37
N THR B 632 0.56 -20.07 38.06
CA THR B 632 0.72 -21.15 37.09
C THR B 632 1.97 -20.90 36.27
N ARG B 633 2.28 -21.85 35.39
CA ARG B 633 3.31 -21.59 34.40
C ARG B 633 2.82 -20.68 33.29
N ALA B 634 1.52 -20.73 32.97
CA ALA B 634 0.98 -19.95 31.87
C ALA B 634 0.71 -18.50 32.25
N GLY B 635 0.81 -18.16 33.51
CA GLY B 635 0.54 -16.81 33.99
C GLY B 635 0.09 -16.86 35.42
N CYS B 636 -0.69 -15.87 35.81
CA CYS B 636 -1.24 -15.82 37.16
C CYS B 636 -2.75 -15.95 37.13
N LEU B 637 -3.29 -16.73 38.06
CA LEU B 637 -4.72 -16.98 38.16
C LEU B 637 -5.28 -16.23 39.35
N ILE B 638 -6.37 -15.51 39.12
CA ILE B 638 -7.03 -14.71 40.15
C ILE B 638 -8.46 -15.21 40.27
N GLY B 639 -8.88 -15.50 41.49
CA GLY B 639 -10.25 -15.89 41.71
C GLY B 639 -10.52 -17.38 41.66
N ALA B 640 -9.48 -18.21 41.67
CA ALA B 640 -9.65 -19.65 41.70
C ALA B 640 -8.71 -20.23 42.74
N GLU B 641 -9.17 -21.28 43.42
CA GLU B 641 -8.39 -21.93 44.46
C GLU B 641 -7.65 -23.13 43.89
N HIS B 642 -6.89 -23.81 44.74
CA HIS B 642 -6.14 -24.99 44.33
C HIS B 642 -6.76 -26.23 44.96
N VAL B 643 -6.89 -27.29 44.18
CA VAL B 643 -7.41 -28.56 44.65
C VAL B 643 -6.43 -29.65 44.27
N ASN B 644 -6.08 -30.50 45.24
CA ASN B 644 -5.11 -31.56 44.98
C ASN B 644 -5.70 -32.68 44.13
N ASN B 645 -7.01 -32.91 44.24
CA ASN B 645 -7.65 -33.96 43.47
C ASN B 645 -7.45 -33.71 41.97
N SER B 646 -7.56 -34.78 41.20
CA SER B 646 -7.41 -34.69 39.75
C SER B 646 -8.68 -35.20 39.08
N TYR B 647 -9.07 -34.53 38.00
CA TYR B 647 -10.26 -34.89 37.23
C TYR B 647 -9.95 -34.72 35.75
N GLU B 648 -10.75 -35.37 34.91
CA GLU B 648 -10.67 -35.11 33.48
C GLU B 648 -11.03 -33.66 33.24
N CYS B 649 -10.15 -32.92 32.59
CA CYS B 649 -10.18 -31.47 32.75
C CYS B 649 -11.15 -30.83 31.78
N ASP B 650 -12.01 -29.95 32.32
CA ASP B 650 -13.06 -29.31 31.55
C ASP B 650 -12.50 -28.19 30.66
N ILE B 651 -12.06 -27.10 31.29
CA ILE B 651 -11.68 -25.90 30.57
C ILE B 651 -10.15 -25.85 30.53
N PRO B 652 -9.53 -25.98 29.38
CA PRO B 652 -8.06 -26.05 29.34
C PRO B 652 -7.39 -24.71 29.59
N ILE B 653 -6.70 -24.58 30.71
CA ILE B 653 -5.98 -23.34 31.01
C ILE B 653 -4.62 -23.34 30.36
N GLY B 654 -3.80 -24.35 30.63
CA GLY B 654 -2.50 -24.47 30.00
C GLY B 654 -1.45 -25.06 30.92
N ALA B 655 -0.36 -25.52 30.31
CA ALA B 655 0.78 -26.11 31.02
C ALA B 655 0.35 -27.25 31.93
N GLY B 656 -0.66 -28.01 31.51
CA GLY B 656 -1.15 -29.11 32.31
C GLY B 656 -2.08 -28.73 33.42
N ILE B 657 -2.62 -27.51 33.42
CA ILE B 657 -3.57 -27.07 34.42
C ILE B 657 -4.90 -26.79 33.73
N CYS B 658 -5.98 -27.30 34.32
CA CYS B 658 -7.33 -27.02 33.83
C CYS B 658 -8.25 -26.68 34.99
N ALA B 659 -9.26 -25.88 34.69
CA ALA B 659 -10.19 -25.35 35.68
C ALA B 659 -11.59 -25.88 35.44
N SER B 660 -12.40 -25.86 36.49
CA SER B 660 -13.76 -26.37 36.43
C SER B 660 -14.57 -25.70 37.54
N TYR B 661 -15.86 -26.02 37.57
CA TYR B 661 -16.81 -25.40 38.49
C TYR B 661 -17.29 -26.43 39.51
N GLN B 662 -17.23 -26.06 40.79
CA GLN B 662 -17.77 -26.87 41.86
C GLN B 662 -18.41 -25.96 42.89
N THR B 663 -19.58 -26.36 43.39
CA THR B 663 -20.38 -25.49 44.27
C THR B 663 -19.70 -25.29 45.62
N SER B 676 -12.80 -20.29 49.73
CA SER B 676 -13.42 -21.20 48.77
C SER B 676 -14.15 -20.44 47.67
N GLN B 677 -13.64 -20.54 46.45
CA GLN B 677 -14.30 -19.99 45.28
C GLN B 677 -14.92 -21.13 44.47
N SER B 678 -16.02 -20.82 43.78
CA SER B 678 -16.75 -21.85 43.06
C SER B 678 -15.93 -22.41 41.90
N ILE B 679 -14.98 -21.65 41.39
CA ILE B 679 -14.12 -22.10 40.31
C ILE B 679 -12.82 -22.62 40.90
N ILE B 680 -12.41 -23.81 40.49
CA ILE B 680 -11.17 -24.40 40.98
C ILE B 680 -10.27 -24.72 39.81
N ALA B 681 -8.97 -24.76 40.08
CA ALA B 681 -7.96 -25.13 39.10
C ALA B 681 -7.15 -26.30 39.65
N TYR B 682 -6.81 -27.23 38.77
CA TYR B 682 -6.11 -28.44 39.20
C TYR B 682 -5.22 -28.92 38.07
N THR B 683 -4.43 -29.94 38.37
CA THR B 683 -3.56 -30.56 37.37
C THR B 683 -4.29 -31.69 36.68
N MET B 684 -4.32 -31.66 35.36
CA MET B 684 -5.13 -32.59 34.59
C MET B 684 -4.69 -34.02 34.83
N SER B 685 -5.65 -34.93 34.89
CA SER B 685 -5.39 -36.35 35.01
C SER B 685 -5.67 -37.04 33.69
N LEU B 686 -4.87 -38.05 33.37
CA LEU B 686 -4.94 -38.71 32.08
C LEU B 686 -6.00 -39.81 32.02
N GLY B 687 -6.58 -40.19 33.15
CA GLY B 687 -7.60 -41.24 33.14
C GLY B 687 -7.46 -42.22 34.29
N GLN C 1 67.64 21.95 12.77
CA GLN C 1 67.80 22.18 11.34
C GLN C 1 67.66 20.89 10.55
N CYS C 2 68.11 20.90 9.30
CA CYS C 2 68.01 19.76 8.41
C CYS C 2 69.37 19.44 7.82
N VAL C 3 69.64 18.15 7.63
CA VAL C 3 70.92 17.67 7.14
C VAL C 3 70.66 16.70 5.98
N ASN C 4 71.37 16.90 4.87
CA ASN C 4 71.16 16.09 3.69
C ASN C 4 71.87 14.76 3.83
N LEU C 5 71.19 13.70 3.40
CA LEU C 5 71.77 12.36 3.33
C LEU C 5 71.90 11.95 1.87
N THR C 6 72.53 10.79 1.66
CA THR C 6 72.74 10.34 0.29
C THR C 6 71.41 9.95 -0.35
N THR C 7 71.39 9.97 -1.68
CA THR C 7 70.16 9.79 -2.44
C THR C 7 69.62 8.36 -2.27
N ARG C 8 68.29 8.24 -2.26
CA ARG C 8 67.64 6.95 -2.04
C ARG C 8 67.89 5.97 -3.17
N THR C 9 68.18 6.45 -4.37
CA THR C 9 68.49 5.64 -5.55
C THR C 9 67.33 4.76 -5.99
N GLN C 10 66.14 4.94 -5.43
CA GLN C 10 64.92 4.27 -5.87
C GLN C 10 65.09 2.74 -5.86
N LEU C 11 65.28 2.22 -4.65
CA LEU C 11 65.53 0.79 -4.48
C LEU C 11 64.31 -0.01 -4.92
N PRO C 12 64.50 -1.11 -5.65
CA PRO C 12 63.37 -1.92 -6.07
C PRO C 12 62.64 -2.51 -4.87
N PRO C 13 61.33 -2.65 -4.94
CA PRO C 13 60.58 -3.16 -3.80
C PRO C 13 60.71 -4.66 -3.64
N ALA C 14 60.40 -5.13 -2.43
CA ALA C 14 60.26 -6.54 -2.12
C ALA C 14 58.95 -6.73 -1.38
N TYR C 15 58.16 -7.71 -1.78
CA TYR C 15 56.78 -7.84 -1.34
C TYR C 15 56.61 -9.03 -0.40
N THR C 16 55.49 -9.05 0.33
CA THR C 16 55.16 -10.18 1.17
C THR C 16 53.66 -10.24 1.38
N ASN C 17 53.21 -11.29 2.06
CA ASN C 17 51.81 -11.61 2.20
C ASN C 17 51.25 -11.01 3.48
N SER C 18 49.95 -10.73 3.49
CA SER C 18 49.26 -10.27 4.71
C SER C 18 48.21 -11.30 5.09
N PHE C 19 48.62 -12.34 5.83
CA PHE C 19 47.72 -13.45 6.10
C PHE C 19 46.62 -13.09 7.08
N THR C 20 45.51 -12.54 6.61
CA THR C 20 44.35 -12.25 7.45
C THR C 20 44.70 -11.39 8.65
N ARG C 21 45.23 -10.21 8.38
CA ARG C 21 45.55 -9.24 9.41
C ARG C 21 44.74 -7.97 9.20
N GLY C 22 44.63 -7.18 10.25
CA GLY C 22 44.11 -5.83 10.11
C GLY C 22 42.61 -5.74 10.15
N VAL C 23 41.98 -6.38 11.12
CA VAL C 23 40.55 -6.25 11.36
C VAL C 23 40.37 -5.50 12.67
N TYR C 24 39.74 -4.34 12.60
CA TYR C 24 39.56 -3.48 13.76
C TYR C 24 38.09 -3.41 14.14
N TYR C 25 37.83 -3.03 15.38
CA TYR C 25 36.45 -2.90 15.83
C TYR C 25 35.80 -1.76 15.07
N PRO C 26 34.92 -2.02 14.11
CA PRO C 26 34.42 -0.93 13.27
C PRO C 26 33.53 0.05 14.01
N ASP C 27 32.84 -0.40 15.06
CA ASP C 27 31.82 0.40 15.72
C ASP C 27 32.13 0.53 17.21
N LYS C 28 31.19 1.14 17.94
CA LYS C 28 31.35 1.34 19.37
C LYS C 28 30.23 0.60 20.09
N VAL C 29 30.00 -0.64 19.70
CA VAL C 29 28.90 -1.46 20.20
C VAL C 29 29.48 -2.72 20.81
N PHE C 30 28.81 -3.23 21.85
CA PHE C 30 29.18 -4.49 22.47
C PHE C 30 28.25 -5.58 22.00
N ARG C 31 28.79 -6.65 21.45
CA ARG C 31 28.00 -7.80 21.04
C ARG C 31 28.65 -9.06 21.58
N SER C 32 27.85 -10.11 21.75
CA SER C 32 28.33 -11.32 22.40
C SER C 32 27.76 -12.54 21.69
N SER C 33 28.64 -13.42 21.24
CA SER C 33 28.25 -14.65 20.55
C SER C 33 27.33 -14.36 19.37
N VAL C 34 27.71 -13.38 18.57
CA VAL C 34 26.94 -12.96 17.41
C VAL C 34 27.86 -12.94 16.21
N LEU C 35 27.36 -13.42 15.07
CA LEU C 35 28.07 -13.38 13.80
C LEU C 35 27.49 -12.21 13.01
N HIS C 36 28.18 -11.08 13.03
CA HIS C 36 27.64 -9.82 12.51
C HIS C 36 28.35 -9.46 11.22
N SER C 37 27.59 -8.97 10.25
CA SER C 37 28.11 -8.63 8.93
C SER C 37 28.33 -7.13 8.82
N THR C 38 29.55 -6.73 8.45
CA THR C 38 29.92 -5.33 8.37
C THR C 38 30.42 -4.99 6.98
N GLN C 39 30.38 -3.70 6.65
CA GLN C 39 30.92 -3.18 5.40
C GLN C 39 31.68 -1.90 5.71
N ASP C 40 32.98 -1.87 5.41
CA ASP C 40 33.79 -0.69 5.70
C ASP C 40 35.12 -0.83 5.00
N LEU C 41 36.06 0.05 5.34
CA LEU C 41 37.41 -0.01 4.81
C LEU C 41 38.18 -1.10 5.56
N PHE C 42 38.61 -2.13 4.86
CA PHE C 42 39.44 -3.17 5.48
C PHE C 42 40.57 -3.57 4.55
N LEU C 43 41.61 -4.12 5.13
CA LEU C 43 42.68 -4.71 4.34
C LEU C 43 42.25 -6.08 3.86
N PRO C 44 42.19 -6.33 2.54
CA PRO C 44 41.68 -7.61 2.06
C PRO C 44 42.52 -8.77 2.56
N PHE C 45 41.86 -9.91 2.76
CA PHE C 45 42.56 -11.11 3.17
C PHE C 45 43.51 -11.55 2.07
N PHE C 46 44.73 -11.93 2.46
CA PHE C 46 45.77 -12.39 1.54
C PHE C 46 46.08 -11.33 0.48
N SER C 47 46.63 -10.22 0.96
CA SER C 47 46.97 -9.10 0.10
C SER C 47 48.48 -8.89 0.07
N ASN C 48 48.93 -8.30 -1.04
CA ASN C 48 50.28 -7.76 -1.14
C ASN C 48 50.49 -6.68 -0.09
N VAL C 49 51.55 -6.82 0.69
CA VAL C 49 52.02 -5.74 1.55
C VAL C 49 53.49 -5.55 1.25
N THR C 50 53.88 -4.31 0.98
CA THR C 50 55.26 -4.03 0.61
C THR C 50 56.07 -3.74 1.86
N TRP C 51 57.22 -4.40 2.00
CA TRP C 51 57.97 -4.34 3.23
C TRP C 51 59.35 -3.73 3.00
N PHE C 52 59.70 -2.76 3.84
CA PHE C 52 60.96 -2.04 3.73
C PHE C 52 61.84 -2.35 4.94
N HIS C 53 63.11 -2.58 4.67
CA HIS C 53 64.11 -2.69 5.73
C HIS C 53 64.54 -1.29 6.15
N ALA C 54 64.90 -1.16 7.43
CA ALA C 54 65.25 0.16 7.96
C ALA C 54 66.50 0.71 7.30
N ILE C 55 67.58 -0.06 7.31
CA ILE C 55 68.85 0.37 6.73
C ILE C 55 69.30 -0.73 5.79
N HIS C 56 69.42 -0.41 4.51
CA HIS C 56 69.78 -1.39 3.50
C HIS C 56 71.30 -1.44 3.40
N VAL C 57 71.88 -2.54 3.85
CA VAL C 57 73.32 -2.79 3.70
C VAL C 57 73.47 -3.47 2.34
N SER C 58 73.49 -2.65 1.29
CA SER C 58 73.51 -3.17 -0.07
C SER C 58 74.80 -3.93 -0.35
N GLY C 59 75.94 -3.40 0.08
CA GLY C 59 77.20 -4.11 -0.07
C GLY C 59 77.46 -5.00 1.13
N THR C 60 78.10 -6.14 0.87
CA THR C 60 78.41 -7.07 1.96
C THR C 60 79.37 -6.44 2.96
N ASN C 61 80.20 -5.49 2.53
CA ASN C 61 81.05 -4.77 3.47
C ASN C 61 80.27 -3.72 4.26
N GLY C 62 79.23 -3.14 3.66
CA GLY C 62 78.39 -2.22 4.39
C GLY C 62 77.97 -0.94 3.67
N THR C 63 76.67 -0.74 3.55
CA THR C 63 76.08 0.53 3.16
C THR C 63 75.08 0.94 4.22
N LYS C 64 74.98 2.23 4.47
CA LYS C 64 74.34 2.75 5.68
C LYS C 64 73.36 3.87 5.35
N ARG C 65 72.48 3.63 4.40
CA ARG C 65 71.45 4.58 4.01
C ARG C 65 70.08 4.14 4.54
N PHE C 66 69.18 5.12 4.67
CA PHE C 66 67.84 4.88 5.18
C PHE C 66 66.86 4.59 4.04
N ASP C 67 65.81 3.86 4.38
CA ASP C 67 64.75 3.50 3.42
C ASP C 67 63.46 4.09 3.96
N ASN C 68 63.17 5.34 3.61
CA ASN C 68 61.96 6.04 4.05
C ASN C 68 61.32 6.75 2.88
N PRO C 69 60.75 6.01 1.93
CA PRO C 69 60.11 6.64 0.78
C PRO C 69 58.77 7.24 1.13
N VAL C 70 58.38 8.25 0.35
CA VAL C 70 57.06 8.85 0.49
C VAL C 70 56.06 7.99 -0.28
N LEU C 71 55.02 7.53 0.41
CA LEU C 71 54.05 6.59 -0.10
C LEU C 71 52.66 7.20 -0.13
N PRO C 72 51.81 6.80 -1.07
CA PRO C 72 50.45 7.34 -1.12
C PRO C 72 49.62 6.87 0.07
N PHE C 73 48.59 7.65 0.36
CA PHE C 73 47.63 7.38 1.42
C PHE C 73 46.26 7.41 0.76
N ASN C 74 45.73 6.23 0.43
CA ASN C 74 44.46 6.14 -0.28
C ASN C 74 43.42 5.52 0.64
N ASP C 75 42.62 6.38 1.27
CA ASP C 75 41.50 5.96 2.12
C ASP C 75 41.93 5.01 3.24
N GLY C 76 43.07 5.28 3.84
CA GLY C 76 43.47 4.49 4.99
C GLY C 76 44.67 3.62 4.69
N VAL C 77 45.45 3.34 5.73
CA VAL C 77 46.68 2.57 5.59
C VAL C 77 46.82 1.63 6.77
N TYR C 78 47.17 0.38 6.50
CA TYR C 78 47.56 -0.58 7.53
C TYR C 78 49.09 -0.60 7.57
N PHE C 79 49.65 -0.20 8.71
CA PHE C 79 51.08 -0.04 8.86
C PHE C 79 51.54 -0.92 10.02
N ALA C 80 52.32 -1.94 9.72
CA ALA C 80 52.87 -2.78 10.78
C ALA C 80 54.37 -2.56 10.87
N SER C 81 54.92 -2.74 12.06
CA SER C 81 56.35 -2.53 12.21
C SER C 81 56.90 -3.51 13.23
N THR C 82 57.94 -4.24 12.85
CA THR C 82 58.58 -5.18 13.75
C THR C 82 59.98 -4.66 14.04
N GLU C 83 60.30 -4.51 15.33
CA GLU C 83 61.60 -4.01 15.69
C GLU C 83 61.93 -4.42 17.11
N LYS C 84 63.22 -4.36 17.42
CA LYS C 84 63.74 -4.75 18.72
C LYS C 84 64.50 -3.64 19.42
N SER C 85 64.79 -2.53 18.74
CA SER C 85 65.58 -1.45 19.32
C SER C 85 64.91 -0.10 19.19
N ASN C 86 63.62 -0.05 18.86
CA ASN C 86 62.86 1.18 18.74
C ASN C 86 63.48 2.12 17.70
N ILE C 87 63.51 1.64 16.47
CA ILE C 87 64.26 2.33 15.42
C ILE C 87 63.36 3.27 14.61
N ILE C 88 62.11 2.91 14.33
CA ILE C 88 61.20 3.85 13.71
C ILE C 88 60.53 4.66 14.82
N ARG C 89 60.27 5.94 14.55
CA ARG C 89 59.80 6.83 15.58
C ARG C 89 58.43 7.44 15.32
N GLY C 90 58.04 7.64 14.09
CA GLY C 90 56.80 8.35 13.82
C GLY C 90 56.62 8.58 12.34
N TRP C 91 55.60 9.35 12.02
CA TRP C 91 55.08 9.47 10.67
C TRP C 91 54.79 10.92 10.35
N ILE C 92 54.87 11.26 9.07
CA ILE C 92 54.55 12.59 8.56
C ILE C 92 53.37 12.46 7.62
N PHE C 93 52.32 13.24 7.87
CA PHE C 93 51.12 13.18 7.05
C PHE C 93 50.86 14.53 6.40
N GLY C 94 50.44 14.52 5.15
CA GLY C 94 50.17 15.75 4.45
C GLY C 94 49.79 15.49 3.01
N THR C 95 49.72 16.57 2.24
CA THR C 95 49.40 16.51 0.82
C THR C 95 50.56 16.91 -0.06
N THR C 96 51.23 18.02 0.26
CA THR C 96 52.40 18.47 -0.47
C THR C 96 53.68 18.45 0.34
N LEU C 97 53.58 18.41 1.67
CA LEU C 97 54.73 18.39 2.57
C LEU C 97 55.64 19.61 2.34
N ASP C 98 55.05 20.79 2.44
CA ASP C 98 55.78 22.04 2.34
C ASP C 98 55.09 23.07 3.23
N SER C 99 55.38 24.35 2.99
CA SER C 99 54.73 25.41 3.74
C SER C 99 53.38 25.81 3.17
N LYS C 100 53.00 25.27 2.01
CA LYS C 100 51.73 25.66 1.40
C LYS C 100 50.54 24.93 2.02
N THR C 101 50.76 23.70 2.48
CA THR C 101 49.69 22.87 3.01
C THR C 101 50.01 22.41 4.41
N GLN C 102 48.98 22.35 5.26
CA GLN C 102 49.15 21.92 6.63
C GLN C 102 49.57 20.45 6.69
N SER C 103 50.36 20.12 7.71
CA SER C 103 50.87 18.76 7.85
C SER C 103 50.86 18.34 9.31
N LEU C 104 50.77 17.03 9.53
CA LEU C 104 50.77 16.40 10.83
C LEU C 104 52.12 15.74 11.09
N LEU C 105 52.69 16.02 12.25
CA LEU C 105 53.91 15.35 12.71
C LEU C 105 53.56 14.58 13.98
N ILE C 106 53.74 13.27 13.93
CA ILE C 106 53.42 12.40 15.06
C ILE C 106 54.66 11.79 15.69
N VAL C 107 55.85 12.15 15.18
CA VAL C 107 57.09 11.57 15.69
C VAL C 107 57.18 11.76 17.20
N ASN C 108 57.66 10.73 17.89
CA ASN C 108 58.11 10.91 19.25
C ASN C 108 59.62 11.04 19.25
N ASN C 109 60.12 11.95 20.06
CA ASN C 109 61.52 11.96 20.40
C ASN C 109 61.69 11.26 21.74
N ALA C 110 62.86 11.40 22.35
CA ALA C 110 63.14 10.63 23.57
C ALA C 110 62.11 10.88 24.66
N THR C 111 61.50 12.06 24.71
CA THR C 111 60.65 12.40 25.85
C THR C 111 59.19 12.00 25.63
N ASN C 112 58.61 12.36 24.49
CA ASN C 112 57.17 12.21 24.35
C ASN C 112 56.77 12.24 22.88
N VAL C 113 55.47 12.21 22.63
CA VAL C 113 54.95 11.89 21.30
C VAL C 113 54.75 13.10 20.41
N VAL C 114 54.57 14.29 20.99
CA VAL C 114 54.60 15.55 20.24
C VAL C 114 53.71 15.54 19.02
N ILE C 115 52.42 15.29 19.18
CA ILE C 115 51.53 15.37 18.02
C ILE C 115 51.31 16.84 17.66
N LYS C 116 51.72 17.22 16.45
CA LYS C 116 51.83 18.63 16.09
C LYS C 116 51.27 18.83 14.69
N VAL C 117 50.12 19.52 14.59
CA VAL C 117 49.47 19.73 13.31
C VAL C 117 49.60 21.20 12.93
N CYS C 118 50.51 21.52 12.03
CA CYS C 118 50.94 22.91 11.91
C CYS C 118 51.29 23.16 10.45
N GLU C 119 52.02 24.24 10.18
CA GLU C 119 52.67 24.41 8.88
C GLU C 119 54.18 24.18 9.07
N PHE C 120 54.65 23.05 8.58
CA PHE C 120 56.05 22.65 8.69
C PHE C 120 56.74 22.84 7.35
N GLN C 121 58.00 23.27 7.42
CA GLN C 121 58.88 23.25 6.26
C GLN C 121 59.72 21.97 6.36
N PHE C 122 59.21 20.91 5.75
CA PHE C 122 59.87 19.61 5.81
C PHE C 122 61.02 19.55 4.83
N CYS C 123 62.14 18.96 5.26
CA CYS C 123 63.25 18.72 4.38
C CYS C 123 63.11 17.34 3.73
N ASN C 124 64.04 17.04 2.81
CA ASN C 124 63.92 15.85 1.99
C ASN C 124 64.04 14.56 2.83
N ASP C 125 65.01 14.50 3.73
CA ASP C 125 65.27 13.28 4.50
C ASP C 125 65.08 13.54 5.99
N PRO C 126 63.92 13.24 6.56
CA PRO C 126 63.72 13.44 7.99
C PRO C 126 64.19 12.22 8.78
N PHE C 127 64.73 12.49 9.97
CA PHE C 127 65.20 11.43 10.85
C PHE C 127 65.52 12.03 12.22
N LEU C 128 65.83 11.13 13.16
CA LEU C 128 66.20 11.50 14.52
C LEU C 128 67.53 10.81 14.83
N GLY C 129 68.59 11.59 14.97
CA GLY C 129 69.89 11.00 15.21
C GLY C 129 70.11 10.62 16.65
N VAL C 130 70.38 9.34 16.90
CA VAL C 130 70.67 8.82 18.23
C VAL C 130 72.08 8.27 18.23
N TYR C 131 72.90 8.74 19.15
CA TYR C 131 74.31 8.37 19.20
C TYR C 131 74.60 7.74 20.55
N TYR C 132 74.98 6.46 20.52
CA TYR C 132 75.66 5.83 21.65
C TYR C 132 77.03 6.44 21.81
N HIS C 133 77.47 6.59 23.06
CA HIS C 133 78.82 7.07 23.30
C HIS C 133 79.82 5.96 23.01
N LYS C 134 80.90 6.30 22.31
CA LYS C 134 81.90 5.32 21.92
C LYS C 134 82.79 4.88 23.08
N ASN C 135 82.70 5.54 24.23
CA ASN C 135 83.54 5.18 25.38
C ASN C 135 82.72 4.68 26.55
N ASN C 136 81.81 5.49 27.08
CA ASN C 136 81.04 5.09 28.27
C ASN C 136 79.82 4.25 27.91
N LYS C 137 79.22 4.47 26.74
CA LYS C 137 78.08 3.70 26.28
C LYS C 137 76.91 3.78 27.26
N SER C 138 76.80 4.88 27.98
CA SER C 138 75.76 5.06 28.98
C SER C 138 74.71 6.09 28.59
N TRP C 139 75.11 7.20 27.99
CA TRP C 139 74.19 8.26 27.58
C TRP C 139 73.98 8.20 26.07
N MET C 140 72.72 8.16 25.66
CA MET C 140 72.35 8.07 24.25
C MET C 140 71.80 9.44 23.85
N GLU C 141 72.60 10.19 23.10
CA GLU C 141 72.22 11.56 22.75
C GLU C 141 71.32 11.58 21.52
N SER C 142 70.21 12.29 21.63
CA SER C 142 69.17 12.33 20.60
C SER C 142 69.02 13.74 20.05
N GLU C 143 68.93 13.85 18.74
CA GLU C 143 68.77 15.15 18.07
C GLU C 143 67.85 14.99 16.87
N PHE C 144 66.69 15.63 16.92
CA PHE C 144 65.75 15.59 15.81
C PHE C 144 66.26 16.39 14.63
N ARG C 145 65.88 15.99 13.42
CA ARG C 145 66.29 16.70 12.22
C ARG C 145 65.13 16.78 11.24
N VAL C 146 63.93 17.07 11.74
CA VAL C 146 62.71 16.87 10.98
C VAL C 146 62.30 18.10 10.17
N TYR C 147 62.05 19.21 10.85
CA TYR C 147 61.49 20.40 10.20
C TYR C 147 62.41 21.58 10.40
N SER C 148 62.58 22.38 9.34
CA SER C 148 63.35 23.61 9.45
C SER C 148 62.60 24.65 10.26
N SER C 149 61.30 24.78 10.02
CA SER C 149 60.49 25.77 10.74
C SER C 149 59.06 25.25 10.87
N ALA C 150 58.40 25.62 11.95
CA ALA C 150 57.02 25.25 12.20
C ALA C 150 56.27 26.51 12.57
N ASN C 151 55.15 26.76 11.89
CA ASN C 151 54.39 27.99 12.04
C ASN C 151 52.92 27.71 12.31
N ASN C 152 52.38 28.44 13.29
CA ASN C 152 50.96 28.80 13.41
C ASN C 152 50.06 27.56 13.36
N CYS C 153 50.12 26.86 14.49
CA CYS C 153 49.52 25.55 14.68
C CYS C 153 48.01 25.60 14.89
N THR C 154 47.33 24.49 14.61
CA THR C 154 45.93 24.30 14.97
C THR C 154 45.70 23.18 15.97
N PHE C 155 46.76 22.51 16.43
CA PHE C 155 46.64 21.42 17.39
C PHE C 155 48.00 21.20 18.04
N GLU C 156 47.99 20.67 19.26
CA GLU C 156 49.23 20.18 19.86
C GLU C 156 48.90 19.25 21.00
N TYR C 157 49.54 18.09 21.00
CA TYR C 157 49.54 17.18 22.15
C TYR C 157 50.98 16.90 22.54
N VAL C 158 51.22 16.85 23.84
CA VAL C 158 52.51 16.49 24.41
C VAL C 158 52.23 15.51 25.55
N SER C 159 53.26 14.75 25.93
CA SER C 159 53.16 13.83 27.06
C SER C 159 54.17 14.22 28.13
N GLN C 160 53.70 14.41 29.35
CA GLN C 160 54.60 14.79 30.43
C GLN C 160 55.67 13.76 30.73
N PRO C 161 55.37 12.48 30.92
CA PRO C 161 56.41 11.53 31.34
C PRO C 161 57.44 11.31 30.24
N PHE C 162 58.62 10.85 30.66
CA PHE C 162 59.72 10.52 29.77
C PHE C 162 59.80 9.02 29.57
N LEU C 163 60.23 8.60 28.39
CA LEU C 163 60.38 7.19 28.09
C LEU C 163 61.82 6.87 27.74
N MET C 164 62.29 5.73 28.25
CA MET C 164 63.67 5.33 28.03
C MET C 164 63.88 4.98 26.55
N ASP C 165 65.13 5.07 26.13
CA ASP C 165 65.52 4.80 24.74
C ASP C 165 65.66 3.30 24.51
N GLY C 171 69.03 -11.59 21.91
CA GLY C 171 69.07 -10.49 20.96
C GLY C 171 68.06 -10.63 19.85
N ASN C 172 67.09 -11.52 20.05
CA ASN C 172 66.03 -11.78 19.09
C ASN C 172 64.64 -11.50 19.67
N PHE C 173 64.55 -10.53 20.59
CA PHE C 173 63.31 -10.26 21.31
C PHE C 173 62.48 -9.21 20.57
N LYS C 174 62.22 -9.50 19.30
CA LYS C 174 61.52 -8.53 18.44
C LYS C 174 60.08 -8.35 18.90
N ASN C 175 59.57 -7.14 18.70
CA ASN C 175 58.22 -6.77 19.12
C ASN C 175 57.50 -6.12 17.94
N LEU C 176 56.18 -6.33 17.89
CA LEU C 176 55.37 -5.98 16.73
C LEU C 176 54.32 -4.95 17.11
N ARG C 177 54.34 -3.80 16.46
CA ARG C 177 53.37 -2.74 16.67
C ARG C 177 52.58 -2.57 15.38
N GLU C 178 51.25 -2.67 15.46
CA GLU C 178 50.42 -2.54 14.27
C GLU C 178 49.47 -1.36 14.45
N PHE C 179 49.33 -0.55 13.41
CA PHE C 179 48.46 0.61 13.43
C PHE C 179 47.64 0.67 12.16
N VAL C 180 46.47 1.27 12.26
CA VAL C 180 45.63 1.54 11.10
C VAL C 180 45.23 3.01 11.15
N PHE C 181 45.49 3.75 10.08
CA PHE C 181 45.13 5.15 9.99
C PHE C 181 43.99 5.35 9.01
N LYS C 182 42.95 6.07 9.44
CA LYS C 182 41.87 6.45 8.55
C LYS C 182 41.58 7.93 8.70
N ASN C 183 40.96 8.49 7.66
CA ASN C 183 40.52 9.89 7.65
C ASN C 183 39.05 9.91 7.26
N ILE C 184 38.17 10.17 8.24
CA ILE C 184 36.73 10.20 7.97
C ILE C 184 36.13 11.42 8.66
N ASP C 185 35.47 12.27 7.88
CA ASP C 185 34.73 13.43 8.40
C ASP C 185 35.65 14.35 9.20
N GLY C 186 36.86 14.58 8.68
CA GLY C 186 37.81 15.41 9.39
C GLY C 186 38.38 14.81 10.65
N TYR C 187 38.07 13.55 10.94
CA TYR C 187 38.61 12.83 12.08
C TYR C 187 39.70 11.89 11.62
N PHE C 188 40.89 12.04 12.20
CA PHE C 188 41.99 11.11 12.00
C PHE C 188 41.87 10.00 13.03
N LYS C 189 41.47 8.83 12.59
CA LYS C 189 41.34 7.68 13.49
C LYS C 189 42.64 6.89 13.46
N ILE C 190 43.24 6.69 14.64
CA ILE C 190 44.39 5.81 14.79
C ILE C 190 43.96 4.65 15.65
N TYR C 191 44.05 3.43 15.10
CA TYR C 191 43.83 2.20 15.82
C TYR C 191 45.18 1.53 16.04
N SER C 192 45.37 0.89 17.19
CA SER C 192 46.68 0.36 17.55
C SER C 192 46.57 -1.02 18.17
N LYS C 193 47.70 -1.74 18.16
CA LYS C 193 47.80 -3.05 18.79
C LYS C 193 49.29 -3.37 18.95
N HIS C 194 49.61 -4.12 20.00
CA HIS C 194 50.98 -4.51 20.31
C HIS C 194 51.05 -6.00 20.61
N THR C 195 52.11 -6.66 20.14
CA THR C 195 52.26 -8.10 20.40
C THR C 195 53.72 -8.52 20.39
N PRO C 196 54.12 -9.36 21.35
CA PRO C 196 55.45 -9.98 21.27
C PRO C 196 55.51 -11.05 20.20
N ILE C 197 56.70 -11.23 19.62
CA ILE C 197 56.95 -12.21 18.58
C ILE C 197 58.34 -12.80 18.76
N ASN C 198 58.66 -13.79 17.94
CA ASN C 198 59.95 -14.46 18.00
C ASN C 198 60.21 -15.24 16.72
N LEU C 199 61.39 -15.06 16.15
CA LEU C 199 61.89 -15.90 15.06
C LEU C 199 61.00 -15.84 13.81
N VAL C 200 60.32 -14.73 13.60
CA VAL C 200 59.53 -14.52 12.39
C VAL C 200 60.01 -13.22 11.77
N ARG C 201 60.62 -13.32 10.58
CA ARG C 201 61.16 -12.14 9.92
C ARG C 201 60.08 -11.31 9.23
N ASP C 202 59.13 -11.98 8.58
CA ASP C 202 58.03 -11.28 7.92
C ASP C 202 56.83 -11.22 8.85
N LEU C 203 55.69 -10.84 8.29
CA LEU C 203 54.46 -10.86 9.07
C LEU C 203 54.10 -12.29 9.43
N PRO C 204 53.93 -12.60 10.71
CA PRO C 204 53.58 -13.97 11.09
C PRO C 204 52.14 -14.32 10.74
N GLN C 205 51.89 -15.61 10.61
CA GLN C 205 50.55 -16.13 10.39
C GLN C 205 49.73 -15.92 11.67
N GLY C 206 48.59 -15.25 11.54
CA GLY C 206 47.73 -15.09 12.69
C GLY C 206 46.68 -14.03 12.49
N PHE C 207 45.87 -13.87 13.53
CA PHE C 207 44.80 -12.89 13.58
C PHE C 207 44.94 -12.03 14.83
N SER C 208 44.59 -10.75 14.72
CA SER C 208 44.67 -9.85 15.86
C SER C 208 43.76 -8.66 15.61
N ALA C 209 42.68 -8.58 16.36
CA ALA C 209 41.79 -7.43 16.27
C ALA C 209 42.47 -6.18 16.79
N LEU C 210 42.12 -5.03 16.21
CA LEU C 210 42.74 -3.76 16.55
C LEU C 210 41.75 -2.88 17.29
N GLU C 211 42.16 -2.37 18.44
CA GLU C 211 41.38 -1.55 19.36
C GLU C 211 41.58 -0.08 19.05
N PRO C 212 40.51 0.71 18.91
CA PRO C 212 40.69 2.14 18.64
C PRO C 212 41.49 2.82 19.73
N LEU C 213 42.48 3.61 19.33
CA LEU C 213 43.33 4.32 20.27
C LEU C 213 42.96 5.79 20.38
N VAL C 214 42.81 6.49 19.26
CA VAL C 214 42.50 7.91 19.34
C VAL C 214 41.75 8.36 18.09
N ASP C 215 40.83 9.29 18.28
CA ASP C 215 40.13 9.96 17.19
C ASP C 215 40.48 11.44 17.27
N LEU C 216 41.43 11.87 16.43
CA LEU C 216 42.01 13.20 16.53
C LEU C 216 41.26 14.16 15.62
N PRO C 217 40.66 15.24 16.13
CA PRO C 217 39.88 16.16 15.28
C PRO C 217 40.73 17.04 14.38
N ILE C 218 41.15 16.46 13.25
CA ILE C 218 42.05 17.17 12.34
C ILE C 218 41.29 18.13 11.45
N GLY C 219 40.44 17.59 10.57
CA GLY C 219 39.73 18.41 9.60
C GLY C 219 40.57 18.96 8.47
N ILE C 220 41.63 18.25 8.06
CA ILE C 220 42.42 18.62 6.89
C ILE C 220 42.54 17.41 5.98
N ASN C 221 43.09 17.63 4.80
CA ASN C 221 43.30 16.56 3.83
C ASN C 221 44.67 15.92 4.01
N ILE C 222 44.73 14.61 3.78
CA ILE C 222 45.98 13.87 3.75
C ILE C 222 45.98 12.98 2.51
N THR C 223 47.11 12.99 1.79
CA THR C 223 47.26 12.15 0.60
C THR C 223 48.59 11.43 0.52
N ARG C 224 49.62 11.85 1.23
CA ARG C 224 50.91 11.18 1.23
C ARG C 224 51.41 11.08 2.66
N PHE C 225 52.25 10.08 2.92
CA PHE C 225 52.80 9.93 4.26
C PHE C 225 54.21 9.37 4.17
N GLN C 226 54.95 9.49 5.27
CA GLN C 226 56.38 9.28 5.28
C GLN C 226 56.75 8.70 6.64
N THR C 227 57.86 7.98 6.69
CA THR C 227 58.30 7.32 7.92
C THR C 227 59.63 7.90 8.41
N LEU C 228 59.71 8.18 9.71
CA LEU C 228 60.88 8.77 10.32
C LEU C 228 61.65 7.73 11.13
N LEU C 229 62.96 7.68 10.92
CA LEU C 229 63.79 6.62 11.47
C LEU C 229 64.85 7.20 12.41
N ALA C 230 65.41 6.33 13.23
CA ALA C 230 66.45 6.69 14.18
C ALA C 230 67.80 6.37 13.56
N LEU C 231 68.58 7.41 13.30
CA LEU C 231 69.89 7.27 12.66
C LEU C 231 70.92 6.96 13.73
N HIS C 232 71.47 5.75 13.71
CA HIS C 232 72.46 5.37 14.70
C HIS C 232 73.86 5.87 14.36
N ARG C 233 74.14 6.13 13.10
CA ARG C 233 75.50 6.42 12.66
C ARG C 233 75.73 7.91 12.52
N SER C 234 76.94 8.26 12.11
CA SER C 234 77.36 9.65 11.94
C SER C 234 77.31 10.00 10.46
N TYR C 235 76.49 11.00 10.11
CA TYR C 235 76.43 11.45 8.73
C TYR C 235 77.69 12.23 8.34
N LEU C 236 78.30 12.94 9.28
CA LEU C 236 79.55 13.64 9.00
C LEU C 236 80.68 12.66 8.71
N THR C 237 80.79 11.62 9.52
CA THR C 237 81.82 10.58 9.36
C THR C 237 81.13 9.22 9.40
N PRO C 238 80.55 8.79 8.27
CA PRO C 238 79.95 7.45 8.23
C PRO C 238 81.01 6.37 8.35
N GLY C 239 80.80 5.46 9.30
CA GLY C 239 81.75 4.40 9.55
C GLY C 239 81.70 3.30 8.51
N ASP C 240 82.67 2.39 8.60
CA ASP C 240 82.74 1.29 7.65
C ASP C 240 81.65 0.25 7.89
N SER C 241 81.44 -0.13 9.15
CA SER C 241 80.48 -1.18 9.47
C SER C 241 80.08 -1.09 10.92
N SER C 242 78.96 -1.73 11.25
CA SER C 242 78.37 -1.85 12.57
C SER C 242 77.89 -0.52 13.15
N SER C 243 77.97 0.58 12.40
CA SER C 243 77.46 1.85 12.89
C SER C 243 75.95 1.80 13.07
N GLY C 244 75.24 1.13 12.16
CA GLY C 244 73.81 0.94 12.29
C GLY C 244 73.48 -0.18 13.26
N TRP C 245 72.22 -0.60 13.23
CA TRP C 245 71.72 -1.68 14.08
C TRP C 245 71.66 -2.96 13.26
N THR C 246 72.70 -3.79 13.39
CA THR C 246 72.83 -5.10 12.76
C THR C 246 72.25 -5.12 11.34
N ALA C 247 72.72 -4.17 10.53
CA ALA C 247 72.41 -4.10 9.09
C ALA C 247 70.95 -3.76 8.83
N GLY C 248 70.42 -2.81 9.60
CA GLY C 248 69.05 -2.35 9.42
C GLY C 248 68.00 -3.41 9.63
N ALA C 249 68.08 -4.14 10.75
CA ALA C 249 67.22 -5.30 10.95
C ALA C 249 65.75 -4.90 11.07
N ALA C 250 65.45 -3.82 11.79
CA ALA C 250 64.07 -3.43 12.01
C ALA C 250 63.37 -3.15 10.69
N ALA C 251 62.10 -3.52 10.58
CA ALA C 251 61.43 -3.46 9.29
C ALA C 251 59.99 -3.00 9.46
N TYR C 252 59.41 -2.54 8.36
CA TYR C 252 58.04 -2.09 8.42
C TYR C 252 57.30 -2.33 7.11
N TYR C 253 56.05 -2.77 7.23
CA TYR C 253 55.22 -3.27 6.15
C TYR C 253 54.03 -2.34 5.97
N VAL C 254 53.70 -2.04 4.72
CA VAL C 254 52.62 -1.11 4.40
C VAL C 254 51.64 -1.79 3.46
N GLY C 255 50.35 -1.65 3.76
CA GLY C 255 49.30 -2.08 2.87
C GLY C 255 48.17 -1.08 2.89
N TYR C 256 47.34 -1.10 1.84
CA TYR C 256 46.32 -0.08 1.65
C TYR C 256 44.95 -0.69 1.80
N LEU C 257 44.10 -0.05 2.60
CA LEU C 257 42.76 -0.54 2.82
C LEU C 257 41.93 -0.43 1.55
N GLN C 258 40.75 -1.04 1.57
CA GLN C 258 39.89 -1.08 0.40
C GLN C 258 38.46 -1.32 0.88
N PRO C 259 37.46 -0.74 0.23
CA PRO C 259 36.07 -0.93 0.68
C PRO C 259 35.62 -2.36 0.49
N ARG C 260 35.25 -3.02 1.58
CA ARG C 260 34.94 -4.44 1.53
C ARG C 260 33.93 -4.79 2.62
N THR C 261 33.15 -5.83 2.37
CA THR C 261 32.31 -6.41 3.40
C THR C 261 33.02 -7.60 4.06
N PHE C 262 32.57 -7.93 5.26
CA PHE C 262 33.28 -8.84 6.16
C PHE C 262 32.23 -9.50 7.06
N LEU C 263 32.29 -10.81 7.22
CA LEU C 263 31.52 -11.48 8.26
C LEU C 263 32.40 -11.60 9.48
N LEU C 264 32.00 -10.98 10.58
CA LEU C 264 32.85 -10.78 11.74
C LEU C 264 32.28 -11.57 12.91
N LYS C 265 33.12 -12.34 13.61
CA LYS C 265 32.65 -13.24 14.66
C LYS C 265 33.03 -12.68 16.02
N TYR C 266 32.04 -12.31 16.81
CA TYR C 266 32.23 -11.87 18.19
C TYR C 266 32.04 -13.05 19.12
N ASN C 267 32.94 -13.24 20.07
CA ASN C 267 32.80 -14.35 20.99
C ASN C 267 31.99 -13.92 22.21
N GLU C 268 32.02 -14.72 23.28
CA GLU C 268 31.19 -14.43 24.45
C GLU C 268 31.61 -13.16 25.16
N ASN C 269 32.89 -12.80 25.11
CA ASN C 269 33.38 -11.62 25.81
C ASN C 269 33.26 -10.35 24.99
N GLY C 270 32.81 -10.44 23.74
CA GLY C 270 32.77 -9.27 22.89
C GLY C 270 34.09 -8.93 22.24
N THR C 271 35.00 -9.90 22.13
CA THR C 271 36.29 -9.71 21.48
C THR C 271 36.23 -10.38 20.12
N ILE C 272 36.49 -9.61 19.06
CA ILE C 272 36.52 -10.16 17.72
C ILE C 272 37.57 -11.25 17.65
N THR C 273 37.19 -12.40 17.10
CA THR C 273 38.13 -13.50 17.03
C THR C 273 38.35 -14.06 15.62
N ASP C 274 37.32 -14.13 14.78
CA ASP C 274 37.47 -14.61 13.41
C ASP C 274 36.77 -13.69 12.43
N ALA C 275 37.17 -13.80 11.17
CA ALA C 275 36.56 -13.00 10.11
C ALA C 275 36.54 -13.79 8.82
N VAL C 276 35.68 -13.36 7.89
CA VAL C 276 35.51 -14.03 6.61
C VAL C 276 35.22 -12.98 5.53
N ASP C 277 35.90 -13.10 4.39
CA ASP C 277 35.71 -12.18 3.26
C ASP C 277 34.55 -12.64 2.39
N CYS C 278 33.49 -11.84 2.34
CA CYS C 278 32.36 -12.18 1.49
C CYS C 278 32.66 -11.96 0.00
N ALA C 279 33.90 -11.64 -0.35
CA ALA C 279 34.24 -11.45 -1.75
C ALA C 279 35.61 -12.02 -2.09
N LEU C 280 35.94 -13.22 -1.62
CA LEU C 280 37.26 -13.78 -1.86
C LEU C 280 37.24 -15.04 -2.70
N ASP C 281 36.29 -15.93 -2.46
CA ASP C 281 36.11 -17.14 -3.26
C ASP C 281 34.71 -17.69 -2.97
N PRO C 282 34.18 -18.56 -3.82
CA PRO C 282 32.78 -18.96 -3.66
C PRO C 282 32.42 -19.48 -2.29
N LEU C 283 33.30 -20.28 -1.66
CA LEU C 283 32.99 -20.81 -0.35
C LEU C 283 32.68 -19.69 0.63
N SER C 284 33.47 -18.63 0.60
CA SER C 284 33.26 -17.53 1.53
C SER C 284 31.97 -16.78 1.25
N GLU C 285 31.59 -16.67 -0.02
CA GLU C 285 30.29 -16.06 -0.34
C GLU C 285 29.14 -16.89 0.20
N THR C 286 29.24 -18.22 0.10
CA THR C 286 28.19 -19.06 0.68
C THR C 286 28.16 -18.94 2.20
N LYS C 287 29.34 -18.84 2.83
CA LYS C 287 29.39 -18.63 4.28
C LYS C 287 28.67 -17.35 4.66
N CYS C 288 28.91 -16.27 3.93
CA CYS C 288 28.24 -15.01 4.25
C CYS C 288 26.75 -15.09 3.97
N THR C 289 26.35 -15.80 2.91
CA THR C 289 24.93 -15.92 2.60
C THR C 289 24.18 -16.68 3.68
N LEU C 290 24.74 -17.80 4.13
CA LEU C 290 24.10 -18.57 5.19
C LEU C 290 24.20 -17.90 6.55
N LYS C 291 25.06 -16.89 6.69
CA LYS C 291 25.31 -16.21 7.96
C LYS C 291 25.80 -17.20 9.02
N SER C 292 26.76 -18.04 8.61
CA SER C 292 27.42 -18.96 9.53
C SER C 292 28.80 -19.25 8.99
N PHE C 293 29.68 -19.72 9.88
CA PHE C 293 31.05 -19.99 9.49
C PHE C 293 31.27 -21.38 8.92
N THR C 294 30.34 -22.30 9.13
CA THR C 294 30.47 -23.65 8.63
C THR C 294 29.26 -24.00 7.78
N VAL C 295 29.49 -24.70 6.67
CA VAL C 295 28.44 -25.07 5.74
C VAL C 295 28.43 -26.58 5.56
N GLU C 296 27.24 -27.14 5.36
CA GLU C 296 27.06 -28.57 5.15
C GLU C 296 26.92 -28.84 3.66
N LYS C 297 27.03 -30.11 3.29
CA LYS C 297 27.05 -30.47 1.89
C LYS C 297 25.71 -30.14 1.23
N GLY C 298 25.77 -29.77 -0.04
CA GLY C 298 24.59 -29.44 -0.78
C GLY C 298 24.89 -28.37 -1.82
N ILE C 299 23.83 -27.80 -2.37
CA ILE C 299 23.93 -26.76 -3.39
C ILE C 299 23.24 -25.51 -2.88
N TYR C 300 23.96 -24.39 -2.88
CA TYR C 300 23.46 -23.14 -2.33
C TYR C 300 23.47 -22.07 -3.41
N GLN C 301 22.36 -21.35 -3.53
CA GLN C 301 22.28 -20.22 -4.45
C GLN C 301 22.78 -18.96 -3.75
N THR C 302 23.85 -18.36 -4.25
CA THR C 302 24.46 -17.22 -3.59
C THR C 302 23.99 -15.89 -4.18
N SER C 303 24.23 -15.67 -5.46
CA SER C 303 23.98 -14.38 -6.06
C SER C 303 23.45 -14.55 -7.48
N ASN C 304 23.28 -13.43 -8.17
CA ASN C 304 22.78 -13.41 -9.53
C ASN C 304 23.82 -12.83 -10.46
N PHE C 305 23.82 -13.33 -11.69
CA PHE C 305 24.80 -12.99 -12.71
C PHE C 305 24.09 -12.37 -13.90
N ARG C 306 24.61 -11.24 -14.38
CA ARG C 306 24.02 -10.59 -15.54
C ARG C 306 25.10 -9.92 -16.38
N VAL C 307 24.98 -10.06 -17.70
CA VAL C 307 25.94 -9.43 -18.59
C VAL C 307 25.67 -7.94 -18.65
N GLN C 308 26.74 -7.16 -18.60
CA GLN C 308 26.52 -5.72 -18.61
C GLN C 308 26.69 -5.16 -20.01
N PRO C 309 25.94 -4.12 -20.39
CA PRO C 309 26.15 -3.52 -21.72
C PRO C 309 27.44 -2.72 -21.73
N THR C 310 28.32 -3.05 -22.67
CA THR C 310 29.64 -2.43 -22.71
C THR C 310 29.70 -1.19 -23.59
N GLU C 311 28.61 -0.80 -24.23
CA GLU C 311 28.62 0.39 -25.08
C GLU C 311 27.20 0.87 -25.32
N SER C 312 27.08 2.00 -26.00
CA SER C 312 25.80 2.59 -26.34
C SER C 312 25.78 2.99 -27.81
N ILE C 313 24.60 2.92 -28.42
CA ILE C 313 24.40 3.34 -29.80
C ILE C 313 23.13 4.18 -29.88
N VAL C 314 23.17 5.20 -30.73
CA VAL C 314 22.02 6.07 -30.95
C VAL C 314 21.77 6.15 -32.45
N ARG C 315 20.51 6.00 -32.85
CA ARG C 315 20.12 6.13 -34.25
C ARG C 315 19.01 7.16 -34.35
N PHE C 316 19.33 8.33 -34.87
CA PHE C 316 18.40 9.43 -35.02
C PHE C 316 18.17 9.69 -36.50
N PRO C 317 17.01 10.24 -36.89
CA PRO C 317 16.67 10.29 -38.31
C PRO C 317 17.53 11.28 -39.07
N ASN C 318 17.68 11.01 -40.37
CA ASN C 318 18.61 11.76 -41.23
C ASN C 318 17.94 13.02 -41.78
N ILE C 319 17.48 13.86 -40.85
CA ILE C 319 16.83 15.13 -41.15
C ILE C 319 17.18 16.06 -39.99
N THR C 320 17.26 17.36 -40.28
CA THR C 320 17.79 18.32 -39.30
C THR C 320 16.76 18.63 -38.22
N ASN C 321 15.69 19.36 -38.58
CA ASN C 321 14.54 19.62 -37.72
C ASN C 321 14.92 19.77 -36.25
N LEU C 322 15.85 20.67 -35.95
CA LEU C 322 16.46 20.77 -34.63
C LEU C 322 17.12 19.45 -34.25
N ALA C 509 8.68 10.65 -34.27
CA ALA C 509 9.11 11.93 -33.71
C ALA C 509 10.08 12.63 -34.66
N THR C 510 9.82 13.90 -34.93
CA THR C 510 10.68 14.70 -35.79
C THR C 510 11.25 15.92 -35.10
N VAL C 511 10.94 16.13 -33.82
CA VAL C 511 11.40 17.30 -33.08
C VAL C 511 12.46 16.78 -32.11
N CYS C 512 13.14 15.72 -32.49
CA CYS C 512 14.13 15.10 -31.61
C CYS C 512 15.26 16.09 -31.32
N GLY C 513 15.74 16.05 -30.08
CA GLY C 513 16.70 17.02 -29.62
C GLY C 513 18.05 16.85 -30.29
N PRO C 514 18.94 17.81 -30.04
CA PRO C 514 20.26 17.76 -30.67
C PRO C 514 21.15 16.68 -30.09
N LYS C 515 21.31 15.58 -30.82
CA LYS C 515 22.19 14.50 -30.41
C LYS C 515 22.71 13.83 -31.68
N LYS C 516 23.91 13.26 -31.58
CA LYS C 516 24.61 12.70 -32.73
C LYS C 516 24.31 11.21 -32.84
N SER C 517 23.90 10.79 -34.03
CA SER C 517 23.60 9.38 -34.28
C SER C 517 24.89 8.64 -34.63
N THR C 518 25.29 7.71 -33.77
CA THR C 518 26.50 6.93 -33.94
C THR C 518 26.23 5.68 -34.77
N ASN C 519 27.30 4.94 -35.07
CA ASN C 519 27.18 3.78 -35.94
C ASN C 519 26.40 2.67 -35.23
N LEU C 520 26.17 1.59 -35.95
CA LEU C 520 25.35 0.47 -35.48
C LEU C 520 26.19 -0.78 -35.33
N VAL C 521 25.99 -1.49 -34.22
CA VAL C 521 26.70 -2.73 -33.91
C VAL C 521 25.68 -3.85 -33.69
N LYS C 522 26.13 -5.09 -33.90
CA LYS C 522 25.23 -6.23 -33.86
C LYS C 522 25.90 -7.42 -33.17
N ASN C 523 25.07 -8.33 -32.68
CA ASN C 523 25.52 -9.53 -31.96
C ASN C 523 26.35 -9.17 -30.74
N LYS C 524 25.81 -8.28 -29.90
CA LYS C 524 26.50 -7.84 -28.69
C LYS C 524 25.56 -7.05 -27.80
N CYS C 525 25.53 -7.35 -26.50
CA CYS C 525 24.58 -6.69 -25.59
C CYS C 525 24.96 -5.23 -25.41
N VAL C 526 24.18 -4.33 -26.01
CA VAL C 526 24.42 -2.90 -25.96
C VAL C 526 23.17 -2.18 -25.50
N ASN C 527 23.36 -0.93 -25.10
CA ASN C 527 22.29 -0.03 -24.74
C ASN C 527 21.87 0.74 -26.00
N PHE C 528 20.65 0.52 -26.46
CA PHE C 528 20.20 1.09 -27.72
C PHE C 528 19.18 2.19 -27.48
N ASN C 529 19.16 3.16 -28.38
CA ASN C 529 18.20 4.26 -28.36
C ASN C 529 17.78 4.48 -29.81
N PHE C 530 16.65 3.91 -30.18
CA PHE C 530 16.10 4.01 -31.54
C PHE C 530 14.95 5.01 -31.51
N ASN C 531 15.18 6.18 -32.10
CA ASN C 531 14.15 7.22 -32.21
C ASN C 531 13.60 7.64 -30.84
N GLY C 532 14.46 7.66 -29.83
CA GLY C 532 14.05 7.98 -28.48
C GLY C 532 13.61 6.78 -27.66
N LEU C 533 13.30 5.66 -28.30
CA LEU C 533 12.95 4.42 -27.62
C LEU C 533 14.22 3.78 -27.07
N THR C 534 14.37 3.78 -25.75
CA THR C 534 15.59 3.32 -25.13
C THR C 534 15.42 1.91 -24.58
N GLY C 535 16.53 1.20 -24.46
CA GLY C 535 16.51 -0.13 -23.88
C GLY C 535 17.89 -0.74 -23.90
N THR C 536 17.96 -2.00 -23.47
CA THR C 536 19.19 -2.76 -23.55
C THR C 536 18.90 -4.11 -24.20
N GLY C 537 19.87 -4.63 -24.93
CA GLY C 537 19.69 -5.93 -25.53
C GLY C 537 20.75 -6.20 -26.56
N VAL C 538 20.67 -7.39 -27.15
CA VAL C 538 21.51 -7.80 -28.26
C VAL C 538 20.66 -7.73 -29.51
N LEU C 539 21.19 -7.08 -30.55
CA LEU C 539 20.49 -6.89 -31.80
C LEU C 539 20.96 -7.93 -32.82
N THR C 540 20.02 -8.40 -33.63
CA THR C 540 20.34 -9.37 -34.66
C THR C 540 19.55 -9.03 -35.91
N GLU C 541 20.04 -9.48 -37.06
CA GLU C 541 19.26 -9.33 -38.29
C GLU C 541 18.02 -10.22 -38.18
N SER C 542 16.87 -9.67 -38.56
CA SER C 542 15.59 -10.34 -38.39
C SER C 542 14.98 -10.70 -39.74
N ASN C 543 14.30 -11.85 -39.78
CA ASN C 543 13.60 -12.29 -40.97
C ASN C 543 12.12 -11.94 -40.96
N LYS C 544 11.64 -11.24 -39.93
CA LYS C 544 10.23 -10.88 -39.86
C LYS C 544 9.89 -9.88 -40.96
N LYS C 545 8.99 -10.26 -41.87
CA LYS C 545 8.61 -9.39 -42.97
C LYS C 545 7.72 -8.27 -42.46
N PHE C 546 8.29 -7.07 -42.32
CA PHE C 546 7.53 -5.93 -41.85
C PHE C 546 6.68 -5.37 -42.97
N LEU C 547 5.50 -4.92 -42.64
CA LEU C 547 4.76 -4.20 -43.66
C LEU C 547 5.26 -2.77 -43.76
N PRO C 548 5.11 -2.14 -44.92
CA PRO C 548 5.80 -0.85 -45.15
C PRO C 548 5.46 0.24 -44.15
N PHE C 549 4.31 0.18 -43.49
CA PHE C 549 3.94 1.26 -42.59
C PHE C 549 4.25 0.97 -41.12
N GLN C 550 4.73 -0.22 -40.77
CA GLN C 550 4.91 -0.58 -39.37
C GLN C 550 6.33 -0.30 -38.88
N GLN C 551 6.44 0.02 -37.59
CA GLN C 551 7.70 0.40 -36.94
C GLN C 551 8.20 -0.60 -35.92
N PHE C 552 7.43 -0.90 -34.88
CA PHE C 552 7.86 -1.82 -33.86
C PHE C 552 7.31 -3.21 -34.14
N GLY C 553 7.53 -4.11 -33.20
CA GLY C 553 6.94 -5.43 -33.23
C GLY C 553 6.86 -5.96 -31.82
N ARG C 554 5.73 -6.53 -31.42
CA ARG C 554 5.55 -6.95 -30.03
C ARG C 554 4.72 -8.22 -29.98
N ASP C 555 5.28 -9.26 -29.38
CA ASP C 555 4.60 -10.54 -29.31
C ASP C 555 3.82 -10.73 -28.01
N ILE C 556 4.28 -10.11 -26.92
CA ILE C 556 3.71 -10.35 -25.60
C ILE C 556 2.92 -9.15 -25.07
N ALA C 557 2.88 -8.05 -25.81
CA ALA C 557 2.10 -6.84 -25.57
C ALA C 557 2.69 -5.95 -24.49
N ASP C 558 3.86 -6.29 -23.94
CA ASP C 558 4.57 -5.36 -23.08
C ASP C 558 6.07 -5.32 -23.36
N THR C 559 6.55 -6.01 -24.39
CA THR C 559 7.96 -5.98 -24.75
C THR C 559 8.08 -5.96 -26.26
N THR C 560 8.87 -5.01 -26.77
CA THR C 560 9.05 -4.84 -28.22
C THR C 560 10.07 -5.87 -28.69
N ASP C 561 9.68 -6.70 -29.65
CA ASP C 561 10.56 -7.76 -30.10
C ASP C 561 11.51 -7.30 -31.20
N ALA C 562 10.99 -6.69 -32.27
CA ALA C 562 11.80 -6.26 -33.38
C ALA C 562 11.68 -4.75 -33.52
N VAL C 563 12.51 -4.17 -34.39
CA VAL C 563 12.60 -2.71 -34.54
C VAL C 563 13.13 -2.45 -35.94
N ARG C 564 12.78 -1.28 -36.48
CA ARG C 564 13.25 -0.81 -37.78
C ARG C 564 14.13 0.42 -37.60
N ASP C 565 15.36 0.37 -38.14
CA ASP C 565 16.29 1.48 -37.95
C ASP C 565 15.86 2.68 -38.80
N PRO C 566 15.87 3.88 -38.23
CA PRO C 566 15.36 5.04 -38.98
C PRO C 566 16.24 5.47 -40.15
N GLN C 567 17.56 5.34 -40.05
CA GLN C 567 18.44 5.82 -41.12
C GLN C 567 18.56 4.80 -42.24
N THR C 568 19.08 3.61 -41.94
CA THR C 568 19.08 2.50 -42.88
C THR C 568 17.94 1.56 -42.48
N LEU C 569 16.87 1.59 -43.26
CA LEU C 569 15.62 0.96 -42.85
C LEU C 569 15.73 -0.55 -43.04
N GLU C 570 16.31 -1.19 -42.02
CA GLU C 570 16.44 -2.63 -41.95
C GLU C 570 15.80 -3.11 -40.67
N ILE C 571 15.19 -4.29 -40.72
CA ILE C 571 14.47 -4.86 -39.60
C ILE C 571 15.44 -5.70 -38.79
N LEU C 572 15.58 -5.39 -37.50
CA LEU C 572 16.46 -6.13 -36.62
C LEU C 572 15.75 -6.40 -35.31
N ASP C 573 15.94 -7.58 -34.77
CA ASP C 573 15.24 -7.99 -33.55
C ASP C 573 16.13 -7.86 -32.33
N ILE C 574 15.48 -7.82 -31.17
CA ILE C 574 16.10 -7.49 -29.90
C ILE C 574 15.93 -8.67 -28.94
N THR C 575 17.00 -9.05 -28.25
CA THR C 575 16.93 -10.12 -27.27
C THR C 575 17.59 -9.70 -25.98
N PRO C 576 17.01 -10.03 -24.82
CA PRO C 576 17.72 -9.80 -23.55
C PRO C 576 18.97 -10.65 -23.51
N CYS C 577 20.11 -10.00 -23.28
CA CYS C 577 21.39 -10.66 -23.58
C CYS C 577 21.62 -11.89 -22.70
N SER C 578 21.53 -11.74 -21.38
CA SER C 578 21.75 -12.89 -20.51
C SER C 578 21.49 -12.50 -19.06
N PHE C 579 21.19 -13.51 -18.25
CA PHE C 579 21.06 -13.41 -16.81
C PHE C 579 20.79 -14.79 -16.23
N GLY C 580 21.10 -14.95 -14.96
CA GLY C 580 20.88 -16.22 -14.29
C GLY C 580 21.28 -16.13 -12.84
N GLY C 581 21.23 -17.28 -12.17
CA GLY C 581 21.64 -17.38 -10.78
C GLY C 581 22.86 -18.26 -10.65
N VAL C 582 23.69 -17.95 -9.66
CA VAL C 582 24.93 -18.68 -9.45
C VAL C 582 24.76 -19.58 -8.23
N SER C 583 24.92 -20.88 -8.41
CA SER C 583 24.87 -21.84 -7.32
C SER C 583 26.26 -22.38 -7.07
N VAL C 584 26.51 -22.77 -5.82
CA VAL C 584 27.83 -23.24 -5.42
C VAL C 584 27.71 -24.67 -4.94
N ILE C 585 28.21 -25.61 -5.74
CA ILE C 585 28.27 -27.02 -5.35
C ILE C 585 29.40 -27.17 -4.33
N THR C 586 29.10 -27.73 -3.16
CA THR C 586 30.12 -27.94 -2.17
C THR C 586 29.85 -29.15 -1.30
N PRO C 587 30.85 -29.98 -1.04
CA PRO C 587 30.76 -30.91 0.09
C PRO C 587 31.05 -30.18 1.39
N GLY C 588 30.99 -30.92 2.49
CA GLY C 588 31.04 -30.29 3.80
C GLY C 588 32.36 -29.58 4.04
N THR C 589 32.32 -28.59 4.93
CA THR C 589 33.50 -27.80 5.21
C THR C 589 34.56 -28.61 5.97
N ASN C 590 34.19 -29.73 6.58
CA ASN C 590 35.23 -30.60 7.12
C ASN C 590 36.08 -31.18 6.00
N THR C 591 35.45 -31.59 4.90
CA THR C 591 36.12 -32.47 3.95
C THR C 591 37.15 -31.70 3.12
N SER C 592 36.73 -30.63 2.46
CA SER C 592 37.66 -29.83 1.68
C SER C 592 37.03 -28.47 1.40
N ASN C 593 37.88 -27.52 1.05
CA ASN C 593 37.44 -26.18 0.68
C ASN C 593 37.35 -26.01 -0.83
N GLN C 594 37.41 -27.11 -1.59
CA GLN C 594 37.14 -27.06 -3.02
C GLN C 594 35.64 -26.94 -3.25
N VAL C 595 35.26 -26.15 -4.25
CA VAL C 595 33.86 -25.98 -4.63
C VAL C 595 33.78 -26.02 -6.14
N ALA C 596 32.54 -26.02 -6.64
CA ALA C 596 32.27 -25.85 -8.06
C ALA C 596 31.19 -24.82 -8.20
N VAL C 597 31.13 -24.15 -9.34
CA VAL C 597 30.17 -23.07 -9.52
C VAL C 597 29.31 -23.38 -10.74
N LEU C 598 27.99 -23.28 -10.59
CA LEU C 598 27.09 -23.56 -11.68
C LEU C 598 26.25 -22.33 -11.96
N TYR C 599 26.40 -21.79 -13.17
CA TYR C 599 25.55 -20.69 -13.63
C TYR C 599 24.31 -21.28 -14.26
N GLN C 600 23.14 -20.97 -13.70
CA GLN C 600 21.90 -21.64 -14.09
C GLN C 600 21.40 -21.09 -15.42
N GLY C 601 21.07 -22.01 -16.33
CA GLY C 601 20.33 -21.66 -17.52
C GLY C 601 20.99 -20.61 -18.38
N VAL C 602 22.29 -20.75 -18.63
CA VAL C 602 23.01 -19.81 -19.48
C VAL C 602 24.04 -20.58 -20.28
N ASN C 603 24.21 -20.17 -21.54
CA ASN C 603 25.38 -20.59 -22.30
C ASN C 603 26.61 -20.08 -21.58
N CYS C 604 27.72 -20.79 -21.73
CA CYS C 604 28.97 -20.32 -21.14
C CYS C 604 30.08 -20.21 -22.17
N THR C 605 29.71 -19.82 -23.38
CA THR C 605 30.62 -19.13 -24.28
C THR C 605 30.67 -17.64 -24.00
N GLU C 606 29.85 -17.14 -23.07
CA GLU C 606 29.82 -15.73 -22.72
C GLU C 606 29.97 -15.45 -21.24
N VAL C 607 30.15 -16.48 -20.41
CA VAL C 607 30.44 -16.24 -18.99
C VAL C 607 31.78 -15.53 -18.89
N PRO C 608 31.98 -14.57 -17.97
CA PRO C 608 33.25 -13.83 -17.97
C PRO C 608 34.47 -14.73 -17.85
N VAL C 609 35.28 -14.75 -18.92
CA VAL C 609 36.45 -15.62 -19.02
C VAL C 609 37.62 -14.80 -19.54
N ALA C 610 38.82 -15.35 -19.36
CA ALA C 610 40.07 -14.72 -19.82
C ALA C 610 40.22 -13.32 -19.24
N ILE C 611 40.07 -13.22 -17.92
CA ILE C 611 40.18 -11.94 -17.22
C ILE C 611 41.66 -11.65 -17.00
N HIS C 612 42.20 -10.68 -17.73
CA HIS C 612 43.61 -10.28 -17.62
C HIS C 612 44.54 -11.46 -17.87
N THR C 617 38.15 -6.20 -5.76
CA THR C 617 37.09 -6.72 -6.62
C THR C 617 37.34 -8.20 -6.90
N PRO C 618 36.34 -9.03 -6.64
CA PRO C 618 36.48 -10.50 -6.75
C PRO C 618 36.40 -11.01 -8.19
N THR C 619 37.49 -10.80 -8.93
CA THR C 619 37.55 -11.23 -10.33
C THR C 619 38.02 -12.69 -10.44
N TRP C 620 37.40 -13.57 -9.65
CA TRP C 620 37.87 -14.95 -9.63
C TRP C 620 37.45 -15.72 -10.87
N ARG C 621 36.29 -15.40 -11.44
CA ARG C 621 35.67 -16.06 -12.59
C ARG C 621 36.37 -17.36 -12.99
N VAL C 622 37.05 -17.36 -14.14
CA VAL C 622 38.01 -18.43 -14.41
C VAL C 622 39.34 -17.86 -14.88
N TYR C 623 39.30 -16.95 -15.87
CA TYR C 623 40.43 -16.32 -16.54
C TYR C 623 41.48 -17.33 -16.99
N SER C 624 41.10 -18.61 -17.02
CA SER C 624 41.93 -19.65 -17.60
C SER C 624 41.09 -20.91 -17.82
N THR C 625 41.05 -21.44 -19.04
CA THR C 625 40.19 -22.59 -19.28
C THR C 625 40.85 -23.89 -18.81
N GLY C 626 41.53 -23.83 -17.67
CA GLY C 626 42.09 -24.98 -17.03
C GLY C 626 41.13 -25.75 -16.17
N SER C 627 39.91 -25.21 -15.99
CA SER C 627 38.84 -25.93 -15.32
C SER C 627 38.05 -26.82 -16.26
N ASN C 628 38.13 -26.57 -17.56
CA ASN C 628 37.36 -27.30 -18.57
C ASN C 628 35.87 -27.31 -18.23
N VAL C 629 35.29 -26.11 -18.36
CA VAL C 629 33.85 -25.97 -18.24
C VAL C 629 33.17 -26.86 -19.27
N PHE C 630 31.95 -27.29 -18.97
CA PHE C 630 31.16 -28.03 -19.93
C PHE C 630 29.68 -27.79 -19.67
N GLN C 631 28.94 -27.51 -20.74
CA GLN C 631 27.54 -27.17 -20.64
C GLN C 631 26.72 -28.37 -20.19
N THR C 632 25.63 -28.09 -19.47
CA THR C 632 24.57 -29.04 -19.17
C THR C 632 23.25 -28.32 -19.44
N ARG C 633 22.17 -29.11 -19.48
CA ARG C 633 20.86 -28.50 -19.66
C ARG C 633 20.56 -27.49 -18.57
N ALA C 634 21.19 -27.62 -17.40
CA ALA C 634 20.94 -26.70 -16.30
C ALA C 634 21.80 -25.44 -16.35
N GLY C 635 22.77 -25.37 -17.25
CA GLY C 635 23.63 -24.21 -17.32
C GLY C 635 25.07 -24.64 -17.44
N CYS C 636 26.00 -23.74 -17.11
CA CYS C 636 27.41 -24.06 -17.24
C CYS C 636 28.02 -24.33 -15.88
N LEU C 637 28.68 -25.47 -15.75
CA LEU C 637 29.30 -25.90 -14.50
C LEU C 637 30.80 -25.79 -14.66
N ILE C 638 31.42 -24.99 -13.80
CA ILE C 638 32.82 -24.63 -13.88
C ILE C 638 33.51 -25.07 -12.60
N GLY C 639 34.64 -25.76 -12.75
CA GLY C 639 35.41 -26.18 -11.62
C GLY C 639 35.30 -27.65 -11.27
N ALA C 640 34.48 -28.41 -12.00
CA ALA C 640 34.31 -29.82 -11.71
C ALA C 640 34.64 -30.65 -12.93
N GLU C 641 35.03 -31.90 -12.68
CA GLU C 641 35.46 -32.83 -13.72
C GLU C 641 34.28 -33.64 -14.22
N HIS C 642 34.39 -34.12 -15.46
CA HIS C 642 33.39 -35.01 -16.03
C HIS C 642 33.89 -36.45 -15.95
N VAL C 643 33.02 -37.36 -15.51
CA VAL C 643 33.38 -38.76 -15.34
C VAL C 643 32.24 -39.63 -15.86
N ASN C 644 32.60 -40.72 -16.53
CA ASN C 644 31.60 -41.62 -17.10
C ASN C 644 30.95 -42.51 -16.07
N ASN C 645 31.64 -42.82 -14.99
CA ASN C 645 31.09 -43.72 -13.98
C ASN C 645 29.79 -43.15 -13.42
N SER C 646 28.89 -44.06 -13.04
CA SER C 646 27.59 -43.68 -12.50
C SER C 646 27.45 -44.16 -11.07
N TYR C 647 26.86 -43.32 -10.23
CA TYR C 647 26.67 -43.65 -8.83
C TYR C 647 25.33 -43.10 -8.36
N GLU C 648 24.90 -43.54 -7.18
CA GLU C 648 23.72 -42.99 -6.54
C GLU C 648 24.03 -41.55 -6.17
N CYS C 649 23.52 -40.61 -6.96
CA CYS C 649 24.05 -39.26 -6.92
C CYS C 649 23.64 -38.53 -5.65
N ASP C 650 24.58 -37.78 -5.08
CA ASP C 650 24.43 -37.18 -3.76
C ASP C 650 23.99 -35.72 -3.82
N ILE C 651 24.68 -34.89 -4.59
CA ILE C 651 24.30 -33.48 -4.73
C ILE C 651 23.48 -33.37 -6.01
N PRO C 652 22.17 -33.11 -5.93
CA PRO C 652 21.36 -33.01 -7.14
C PRO C 652 21.60 -31.70 -7.85
N ILE C 653 22.00 -31.78 -9.12
CA ILE C 653 22.27 -30.59 -9.93
C ILE C 653 21.15 -30.31 -10.90
N GLY C 654 20.79 -31.28 -11.74
CA GLY C 654 19.65 -31.11 -12.62
C GLY C 654 19.82 -31.81 -13.96
N ALA C 655 18.69 -32.04 -14.62
CA ALA C 655 18.65 -32.69 -15.93
C ALA C 655 19.37 -34.03 -15.92
N GLY C 656 19.25 -34.76 -14.81
CA GLY C 656 19.90 -36.04 -14.70
C GLY C 656 21.38 -36.00 -14.38
N ILE C 657 21.92 -34.82 -14.08
CA ILE C 657 23.33 -34.67 -13.72
C ILE C 657 23.41 -34.40 -12.23
N CYS C 658 24.28 -35.15 -11.54
CA CYS C 658 24.58 -34.88 -10.14
C CYS C 658 26.09 -34.93 -9.92
N ALA C 659 26.55 -34.17 -8.93
CA ALA C 659 27.96 -34.04 -8.61
C ALA C 659 28.25 -34.67 -7.26
N SER C 660 29.52 -35.01 -7.06
CA SER C 660 29.96 -35.62 -5.82
C SER C 660 31.45 -35.42 -5.66
N TYR C 661 31.91 -35.58 -4.42
CA TYR C 661 33.31 -35.39 -4.06
C TYR C 661 33.96 -36.75 -3.97
N GLN C 662 35.02 -36.97 -4.74
CA GLN C 662 35.61 -38.30 -4.83
C GLN C 662 37.12 -38.22 -4.72
N THR C 663 37.70 -39.34 -4.29
CA THR C 663 39.14 -39.47 -4.19
C THR C 663 39.73 -39.99 -5.50
N SER C 676 44.30 -35.46 -4.88
CA SER C 676 43.75 -36.74 -4.47
C SER C 676 42.24 -36.78 -4.68
N GLN C 677 41.54 -35.81 -4.09
CA GLN C 677 40.10 -35.74 -4.12
C GLN C 677 39.65 -34.42 -4.74
N SER C 678 38.57 -34.45 -5.51
CA SER C 678 37.98 -33.23 -6.07
C SER C 678 36.52 -33.51 -6.42
N ILE C 679 35.91 -32.54 -7.09
CA ILE C 679 34.50 -32.59 -7.46
C ILE C 679 34.37 -33.19 -8.85
N ILE C 680 33.38 -34.07 -9.02
CA ILE C 680 33.08 -34.63 -10.33
C ILE C 680 31.58 -34.52 -10.57
N ALA C 681 31.20 -34.52 -11.84
CA ALA C 681 29.81 -34.47 -12.27
C ALA C 681 29.54 -35.64 -13.20
N TYR C 682 28.39 -36.30 -12.99
CA TYR C 682 28.09 -37.51 -13.75
C TYR C 682 26.58 -37.66 -13.85
N THR C 683 26.15 -38.43 -14.85
CA THR C 683 24.73 -38.73 -15.00
C THR C 683 24.33 -39.83 -14.03
N MET C 684 23.29 -39.58 -13.25
CA MET C 684 22.93 -40.51 -12.19
C MET C 684 22.41 -41.82 -12.77
N SER C 685 22.68 -42.90 -12.04
CA SER C 685 22.13 -44.21 -12.35
C SER C 685 21.10 -44.58 -11.29
N LEU C 686 20.11 -45.35 -11.70
CA LEU C 686 19.00 -45.70 -10.82
C LEU C 686 19.24 -46.97 -10.01
N GLY C 687 20.34 -47.68 -10.25
CA GLY C 687 20.63 -48.87 -9.47
C GLY C 687 20.90 -50.11 -10.30
N VAL D 2 -45.30 -5.98 -31.10
CA VAL D 2 -43.86 -5.72 -31.14
C VAL D 2 -43.15 -6.90 -31.80
N GLN D 3 -41.96 -6.63 -32.34
CA GLN D 3 -41.13 -7.62 -33.00
C GLN D 3 -41.78 -8.21 -34.24
N LEU D 4 -41.38 -9.43 -34.59
CA LEU D 4 -41.77 -10.08 -35.83
C LEU D 4 -43.26 -10.40 -35.81
N GLN D 5 -44.05 -9.58 -36.49
CA GLN D 5 -45.50 -9.78 -36.60
C GLN D 5 -45.87 -9.98 -38.06
N GLU D 6 -46.88 -10.80 -38.30
CA GLU D 6 -47.36 -11.07 -39.64
C GLU D 6 -48.73 -10.45 -39.86
N SER D 7 -49.10 -10.30 -41.12
CA SER D 7 -50.41 -9.77 -41.48
C SER D 7 -50.74 -10.17 -42.91
N GLY D 8 -52.01 -10.50 -43.15
CA GLY D 8 -52.46 -10.85 -44.48
C GLY D 8 -53.38 -12.05 -44.58
N GLY D 9 -53.80 -12.58 -43.44
CA GLY D 9 -54.62 -13.78 -43.44
C GLY D 9 -56.10 -13.52 -43.66
N GLY D 10 -56.83 -14.60 -43.91
CA GLY D 10 -58.28 -14.50 -44.09
C GLY D 10 -58.80 -15.64 -44.94
N LEU D 11 -59.96 -15.37 -45.55
CA LEU D 11 -60.64 -16.31 -46.42
C LEU D 11 -60.51 -15.85 -47.86
N VAL D 12 -60.12 -16.77 -48.74
CA VAL D 12 -59.89 -16.48 -50.15
C VAL D 12 -60.57 -17.56 -50.97
N GLN D 13 -60.72 -17.28 -52.26
CA GLN D 13 -61.32 -18.21 -53.20
C GLN D 13 -60.24 -18.92 -54.01
N ALA D 14 -60.53 -20.16 -54.39
CA ALA D 14 -59.51 -21.02 -54.98
C ALA D 14 -59.00 -20.45 -56.31
N GLY D 15 -57.68 -20.42 -56.44
CA GLY D 15 -57.06 -19.83 -57.61
C GLY D 15 -56.76 -18.36 -57.49
N GLY D 16 -56.86 -17.78 -56.30
CA GLY D 16 -56.58 -16.38 -56.08
C GLY D 16 -55.11 -16.11 -55.85
N SER D 17 -54.83 -14.86 -55.48
CA SER D 17 -53.48 -14.41 -55.18
C SER D 17 -53.49 -13.56 -53.93
N LEU D 18 -52.48 -13.73 -53.09
CA LEU D 18 -52.40 -13.01 -51.82
C LEU D 18 -50.95 -12.95 -51.38
N ARG D 19 -50.69 -12.16 -50.34
CA ARG D 19 -49.34 -11.90 -49.90
C ARG D 19 -49.25 -12.01 -48.38
N LEU D 20 -48.08 -12.44 -47.91
CA LEU D 20 -47.77 -12.44 -46.49
C LEU D 20 -46.50 -11.64 -46.27
N SER D 21 -46.54 -10.75 -45.27
CA SER D 21 -45.58 -9.67 -45.16
C SER D 21 -45.11 -9.48 -43.73
N CYS D 22 -44.66 -10.55 -43.08
CA CYS D 22 -44.28 -10.42 -41.68
C CYS D 22 -43.03 -9.56 -41.55
N ALA D 23 -43.17 -8.44 -40.84
CA ALA D 23 -42.14 -7.41 -40.75
C ALA D 23 -41.43 -7.50 -39.41
N ALA D 24 -40.12 -7.27 -39.41
CA ALA D 24 -39.29 -7.42 -38.25
C ALA D 24 -38.77 -6.08 -37.77
N SER D 25 -38.78 -5.86 -36.45
CA SER D 25 -38.20 -4.64 -35.91
C SER D 25 -36.68 -4.67 -35.99
N GLU D 26 -36.07 -5.79 -35.63
CA GLU D 26 -34.64 -5.97 -35.82
C GLU D 26 -34.32 -6.07 -37.30
N SER D 27 -33.18 -5.50 -37.70
CA SER D 27 -32.81 -5.49 -39.11
C SER D 27 -32.72 -6.91 -39.65
N ILE D 28 -33.27 -7.13 -40.84
CA ILE D 28 -33.28 -8.45 -41.45
C ILE D 28 -31.89 -8.79 -41.96
N PHE D 29 -30.95 -7.87 -41.79
CA PHE D 29 -29.57 -8.15 -42.20
C PHE D 29 -28.87 -9.07 -41.23
N ARG D 30 -29.23 -9.03 -39.95
CA ARG D 30 -28.61 -9.88 -38.94
C ARG D 30 -29.50 -11.04 -38.51
N MET D 31 -30.39 -11.50 -39.40
CA MET D 31 -31.19 -12.68 -39.08
C MET D 31 -30.45 -13.96 -39.44
N GLU D 32 -29.93 -14.05 -40.65
CA GLU D 32 -29.08 -15.15 -41.08
C GLU D 32 -29.88 -16.43 -41.32
N LEU D 33 -31.15 -16.43 -40.95
CA LEU D 33 -32.09 -17.44 -41.41
C LEU D 33 -33.51 -17.05 -41.06
N MET D 34 -34.39 -16.99 -42.06
CA MET D 34 -35.78 -16.65 -41.80
C MET D 34 -36.63 -17.29 -42.88
N GLU D 35 -37.70 -17.96 -42.47
CA GLU D 35 -38.40 -18.88 -43.35
C GLU D 35 -39.91 -18.80 -43.18
N TRP D 36 -40.63 -19.77 -43.74
CA TRP D 36 -42.07 -19.89 -43.58
C TRP D 36 -42.45 -21.36 -43.43
N TYR D 37 -43.19 -21.66 -42.36
CA TYR D 37 -43.87 -22.94 -42.14
C TYR D 37 -45.38 -22.74 -42.25
N HIS D 38 -46.07 -23.83 -42.56
CA HIS D 38 -47.53 -23.83 -42.48
C HIS D 38 -48.00 -25.17 -41.94
N GLN D 39 -49.00 -25.13 -41.07
CA GLN D 39 -49.56 -26.34 -40.47
C GLN D 39 -51.05 -26.39 -40.74
N ALA D 40 -51.49 -27.49 -41.36
CA ALA D 40 -52.92 -27.59 -41.60
C ALA D 40 -53.59 -28.41 -40.49
N PRO D 41 -54.88 -28.20 -40.25
CA PRO D 41 -55.58 -29.03 -39.26
C PRO D 41 -55.56 -30.49 -39.67
N GLY D 42 -55.36 -31.37 -38.68
CA GLY D 42 -55.34 -32.79 -38.92
C GLY D 42 -54.00 -33.36 -39.31
N LYS D 43 -52.95 -32.55 -39.42
CA LYS D 43 -51.63 -33.07 -39.76
C LYS D 43 -50.57 -32.17 -39.15
N GLN D 44 -49.34 -32.68 -39.11
CA GLN D 44 -48.24 -32.04 -38.43
C GLN D 44 -47.68 -30.88 -39.26
N ARG D 45 -47.03 -29.94 -38.57
CA ARG D 45 -46.45 -28.78 -39.21
C ARG D 45 -45.29 -29.17 -40.11
N GLU D 46 -45.21 -28.54 -41.28
CA GLU D 46 -44.15 -28.79 -42.24
C GLU D 46 -43.55 -27.47 -42.72
N LEU D 47 -42.42 -27.56 -43.40
CA LEU D 47 -41.69 -26.39 -43.86
C LEU D 47 -42.13 -26.00 -45.27
N VAL D 48 -42.38 -24.71 -45.46
CA VAL D 48 -42.78 -24.23 -46.78
C VAL D 48 -41.55 -23.72 -47.52
N ALA D 49 -40.96 -22.63 -47.04
CA ALA D 49 -39.93 -21.94 -47.82
C ALA D 49 -38.87 -21.37 -46.89
N THR D 50 -37.69 -21.08 -47.46
CA THR D 50 -36.58 -20.58 -46.67
C THR D 50 -35.62 -19.78 -47.52
N ILE D 51 -34.98 -18.79 -46.88
CA ILE D 51 -33.98 -17.93 -47.51
C ILE D 51 -32.94 -17.51 -46.47
N ASN D 52 -31.69 -17.94 -46.66
CA ASN D 52 -30.66 -17.59 -45.70
C ASN D 52 -30.16 -16.18 -46.00
N ARG D 53 -29.03 -15.82 -45.38
CA ARG D 53 -28.55 -14.45 -45.53
C ARG D 53 -27.96 -14.20 -46.90
N CYS D 54 -27.16 -15.15 -47.41
CA CYS D 54 -26.44 -14.92 -48.66
C CYS D 54 -27.41 -14.74 -49.83
N GLY D 55 -28.49 -15.52 -49.86
CA GLY D 55 -29.47 -15.38 -50.92
C GLY D 55 -30.01 -16.72 -51.40
N SER D 56 -29.43 -17.81 -50.92
CA SER D 56 -29.91 -19.13 -51.30
C SER D 56 -31.36 -19.30 -50.90
N THR D 57 -32.18 -19.76 -51.84
CA THR D 57 -33.61 -19.87 -51.64
C THR D 57 -34.06 -21.30 -51.88
N ASN D 58 -34.89 -21.82 -50.98
CA ASN D 58 -35.40 -23.17 -51.11
C ASN D 58 -36.90 -23.19 -50.83
N TYR D 59 -37.58 -24.12 -51.49
CA TYR D 59 -38.99 -24.37 -51.24
C TYR D 59 -39.19 -25.88 -51.09
N SER D 60 -40.38 -26.26 -50.65
CA SER D 60 -40.75 -27.67 -50.62
C SER D 60 -41.29 -28.11 -51.98
N ASP D 61 -41.56 -29.41 -52.11
CA ASP D 61 -41.94 -29.97 -53.39
C ASP D 61 -43.26 -29.39 -53.91
N SER D 62 -44.24 -29.24 -53.03
CA SER D 62 -45.54 -28.70 -53.42
C SER D 62 -45.55 -27.18 -53.54
N VAL D 63 -44.37 -26.56 -53.62
CA VAL D 63 -44.25 -25.11 -53.62
C VAL D 63 -43.68 -24.56 -54.91
N LYS D 64 -43.00 -25.36 -55.73
CA LYS D 64 -42.32 -24.85 -56.91
C LYS D 64 -43.29 -24.13 -57.85
N GLY D 65 -42.93 -22.91 -58.21
CA GLY D 65 -43.64 -22.17 -59.22
C GLY D 65 -44.94 -21.52 -58.79
N ARG D 66 -45.33 -21.67 -57.53
CA ARG D 66 -46.60 -21.12 -57.06
C ARG D 66 -46.46 -20.16 -55.90
N PHE D 67 -45.58 -20.44 -54.93
CA PHE D 67 -45.25 -19.50 -53.87
C PHE D 67 -43.85 -18.97 -54.10
N ILE D 68 -43.68 -17.65 -53.94
CA ILE D 68 -42.39 -17.02 -54.18
C ILE D 68 -42.02 -16.16 -52.97
N ILE D 69 -40.78 -16.31 -52.49
CA ILE D 69 -40.28 -15.58 -51.33
C ILE D 69 -39.26 -14.55 -51.77
N SER D 70 -39.35 -13.36 -51.17
CA SER D 70 -38.47 -12.23 -51.48
C SER D 70 -38.26 -11.44 -50.19
N SER D 71 -37.43 -10.39 -50.26
CA SER D 71 -37.25 -9.49 -49.13
C SER D 71 -36.69 -8.17 -49.65
N ASP D 72 -37.54 -7.14 -49.72
CA ASP D 72 -37.08 -5.83 -50.17
C ASP D 72 -36.46 -5.05 -49.01
N ASN D 73 -35.30 -4.45 -49.29
CA ASN D 73 -34.54 -3.78 -48.24
C ASN D 73 -34.89 -2.30 -48.12
N ALA D 74 -36.18 -1.99 -48.09
CA ALA D 74 -36.62 -0.63 -47.83
C ALA D 74 -37.50 -0.54 -46.60
N LYS D 75 -38.44 -1.47 -46.47
CA LYS D 75 -39.06 -1.80 -45.19
C LYS D 75 -38.54 -3.19 -44.84
N ASN D 76 -37.91 -3.32 -43.68
CA ASN D 76 -37.30 -4.59 -43.32
C ASN D 76 -38.38 -5.65 -43.21
N SER D 77 -38.48 -6.51 -44.22
CA SER D 77 -39.60 -7.42 -44.31
C SER D 77 -39.25 -8.56 -45.25
N VAL D 78 -39.97 -9.66 -45.10
CA VAL D 78 -39.85 -10.81 -45.99
C VAL D 78 -41.22 -11.07 -46.58
N TYR D 79 -41.29 -11.17 -47.90
CA TYR D 79 -42.55 -11.30 -48.60
C TYR D 79 -42.71 -12.73 -49.10
N LEU D 80 -43.94 -13.24 -49.00
CA LEU D 80 -44.28 -14.55 -49.57
C LEU D 80 -45.58 -14.34 -50.36
N GLN D 81 -45.47 -14.38 -51.69
CA GLN D 81 -46.61 -14.24 -52.56
C GLN D 81 -47.12 -15.62 -52.95
N MET D 82 -48.44 -15.81 -52.86
CA MET D 82 -49.09 -17.08 -53.17
C MET D 82 -50.12 -16.84 -54.26
N ASN D 83 -50.04 -17.62 -55.34
CA ASN D 83 -51.01 -17.56 -56.42
C ASN D 83 -51.54 -18.95 -56.74
N SER D 84 -52.67 -18.99 -57.45
CA SER D 84 -53.34 -20.24 -57.80
C SER D 84 -53.59 -21.09 -56.57
N LEU D 85 -54.17 -20.46 -55.54
CA LEU D 85 -54.37 -21.17 -54.25
C LEU D 85 -55.31 -22.35 -54.42
N LYS D 86 -54.94 -23.51 -53.89
CA LYS D 86 -55.81 -24.72 -53.95
C LYS D 86 -56.43 -24.92 -52.56
N ASP D 87 -57.61 -25.54 -52.49
CA ASP D 87 -58.30 -25.69 -51.18
C ASP D 87 -57.30 -26.22 -50.14
N GLU D 88 -56.55 -27.26 -50.48
CA GLU D 88 -55.63 -27.89 -49.50
C GLU D 88 -54.69 -26.84 -48.88
N ASP D 89 -54.41 -25.76 -49.61
CA ASP D 89 -53.51 -24.70 -49.12
C ASP D 89 -53.99 -24.23 -47.74
N THR D 90 -55.31 -24.28 -47.49
CA THR D 90 -55.85 -23.76 -46.20
C THR D 90 -55.02 -24.32 -45.04
N ALA D 91 -54.55 -23.44 -44.15
CA ALA D 91 -53.71 -23.86 -43.00
C ALA D 91 -53.32 -22.64 -42.19
N VAL D 92 -52.48 -22.82 -41.16
CA VAL D 92 -51.97 -21.65 -40.40
C VAL D 92 -50.54 -21.39 -40.89
N TYR D 93 -50.16 -20.13 -41.07
CA TYR D 93 -48.84 -19.82 -41.61
C TYR D 93 -48.05 -19.01 -40.60
N SER D 94 -46.79 -19.39 -40.39
CA SER D 94 -45.91 -18.68 -39.47
C SER D 94 -44.55 -18.51 -40.12
N CYS D 95 -43.83 -17.47 -39.71
CA CYS D 95 -42.50 -17.18 -40.25
C CYS D 95 -41.49 -17.16 -39.13
N HIS D 96 -40.43 -17.96 -39.28
CA HIS D 96 -39.33 -18.11 -38.35
C HIS D 96 -38.23 -17.09 -38.65
N ALA D 97 -37.41 -16.80 -37.65
CA ALA D 97 -36.28 -15.89 -37.83
C ALA D 97 -35.27 -16.04 -36.72
N ARG D 98 -34.07 -16.52 -37.03
CA ARG D 98 -33.14 -17.03 -36.03
C ARG D 98 -31.85 -16.22 -36.01
N THR D 99 -31.84 -15.14 -35.23
CA THR D 99 -30.63 -14.32 -35.14
C THR D 99 -29.57 -14.96 -34.24
N TRP D 100 -29.85 -15.11 -32.96
CA TRP D 100 -29.09 -16.00 -32.10
C TRP D 100 -30.00 -16.86 -31.25
N THR D 101 -31.31 -16.62 -31.27
CA THR D 101 -32.32 -17.51 -30.72
C THR D 101 -33.52 -17.47 -31.66
N SER D 102 -34.25 -18.57 -31.74
CA SER D 102 -35.41 -18.63 -32.61
C SER D 102 -36.49 -17.65 -32.14
N TYR D 103 -37.03 -16.88 -33.08
CA TYR D 103 -38.15 -15.99 -32.84
C TYR D 103 -39.37 -16.50 -33.60
N TRP D 104 -40.55 -16.04 -33.19
CA TRP D 104 -41.77 -16.54 -33.79
C TRP D 104 -42.84 -15.46 -33.82
N GLY D 105 -43.78 -15.61 -34.75
CA GLY D 105 -44.90 -14.70 -34.86
C GLY D 105 -46.15 -15.48 -35.22
N ARG D 106 -47.30 -14.86 -34.95
CA ARG D 106 -48.58 -15.52 -35.10
C ARG D 106 -49.50 -14.71 -36.01
N GLY D 107 -50.40 -15.41 -36.68
CA GLY D 107 -51.42 -14.83 -37.53
C GLY D 107 -51.47 -15.53 -38.87
N THR D 108 -52.18 -14.90 -39.82
CA THR D 108 -52.28 -15.35 -41.21
C THR D 108 -52.80 -16.78 -41.30
N GLN D 109 -54.04 -16.94 -40.86
CA GLN D 109 -54.77 -18.19 -41.02
C GLN D 109 -55.53 -18.04 -42.33
N VAL D 110 -55.15 -18.84 -43.32
CA VAL D 110 -55.69 -18.76 -44.68
C VAL D 110 -56.67 -19.91 -44.91
N THR D 111 -57.86 -19.58 -45.41
CA THR D 111 -58.87 -20.57 -45.75
C THR D 111 -59.22 -20.45 -47.22
N VAL D 112 -58.94 -21.50 -47.99
CA VAL D 112 -59.27 -21.53 -49.41
C VAL D 112 -60.66 -22.14 -49.56
N SER D 113 -61.55 -21.44 -50.26
CA SER D 113 -62.92 -21.88 -50.44
C SER D 113 -63.03 -22.73 -51.69
N SER D 114 -63.55 -23.94 -51.54
CA SER D 114 -63.72 -24.86 -52.66
C SER D 114 -64.97 -25.72 -52.45
N VAL E 2 37.35 10.03 25.51
CA VAL E 2 36.47 9.49 26.55
C VAL E 2 37.15 8.35 27.29
N GLN E 3 37.18 7.18 26.64
CA GLN E 3 37.64 5.95 27.25
C GLN E 3 37.19 5.82 28.70
N LEU E 4 38.01 6.28 29.64
CA LEU E 4 37.70 6.05 31.04
C LEU E 4 36.89 7.23 31.59
N GLN E 5 36.63 7.24 32.90
CA GLN E 5 35.90 8.30 33.56
C GLN E 5 36.29 8.33 35.03
N GLU E 6 36.25 9.53 35.62
CA GLU E 6 36.65 9.72 37.00
C GLU E 6 36.24 11.09 37.52
N SER E 7 35.44 11.11 38.59
CA SER E 7 34.99 12.36 39.18
C SER E 7 34.48 12.06 40.59
N GLY E 8 34.09 13.12 41.29
CA GLY E 8 33.52 12.98 42.61
C GLY E 8 34.56 13.04 43.71
N GLY E 9 34.12 13.47 44.89
CA GLY E 9 35.00 13.70 46.02
C GLY E 9 34.43 14.82 46.87
N GLY E 10 34.71 14.76 48.17
CA GLY E 10 34.11 15.66 49.13
C GLY E 10 35.09 16.66 49.70
N LEU E 11 34.60 17.86 50.02
CA LEU E 11 35.42 18.87 50.65
C LEU E 11 35.74 18.47 52.09
N VAL E 12 36.92 18.87 52.55
CA VAL E 12 37.44 18.47 53.86
C VAL E 12 38.08 19.69 54.52
N GLN E 13 38.38 19.55 55.81
CA GLN E 13 39.03 20.55 56.63
C GLN E 13 40.43 20.08 57.04
N PRO E 14 41.32 20.99 57.40
CA PRO E 14 42.71 20.59 57.70
C PRO E 14 42.78 19.55 58.80
N GLY E 15 43.65 18.56 58.60
CA GLY E 15 43.76 17.44 59.50
C GLY E 15 42.85 16.28 59.20
N GLY E 16 41.96 16.41 58.20
CA GLY E 16 41.03 15.36 57.88
C GLY E 16 41.63 14.26 57.03
N SER E 17 40.79 13.28 56.70
CA SER E 17 41.20 12.12 55.93
C SER E 17 40.20 11.87 54.81
N LEU E 18 40.69 11.26 53.73
CA LEU E 18 39.83 10.88 52.61
C LEU E 18 40.54 9.78 51.84
N ARG E 19 39.78 9.07 51.02
CA ARG E 19 40.33 8.00 50.18
C ARG E 19 39.82 8.21 48.75
N LEU E 20 40.62 8.87 47.93
CA LEU E 20 40.26 9.08 46.53
C LEU E 20 40.35 7.76 45.77
N SER E 21 39.38 7.53 44.89
CA SER E 21 39.26 6.28 44.15
C SER E 21 39.09 6.55 42.67
N CYS E 22 39.80 5.77 41.86
CA CYS E 22 39.77 5.90 40.42
C CYS E 22 38.64 5.03 39.89
N VAL E 23 37.62 5.67 39.33
CA VAL E 23 36.40 5.01 38.94
C VAL E 23 36.69 3.83 38.02
N ALA E 24 36.15 2.66 38.35
CA ALA E 24 36.42 1.45 37.61
C ALA E 24 35.88 1.54 36.19
N SER E 25 36.76 1.67 35.22
CA SER E 25 36.39 1.90 33.83
C SER E 25 36.43 0.64 32.99
N GLY E 26 36.71 -0.50 33.59
CA GLY E 26 36.87 -1.76 32.90
C GLY E 26 38.31 -2.22 32.95
N SER E 27 38.55 -3.36 32.31
CA SER E 27 39.91 -3.86 32.20
C SER E 27 40.67 -3.05 31.15
N VAL E 28 41.84 -2.56 31.52
CA VAL E 28 42.68 -1.77 30.64
C VAL E 28 44.14 -2.10 30.94
N THR E 29 44.97 -2.10 29.92
CA THR E 29 46.37 -2.46 30.08
C THR E 29 47.16 -1.25 30.56
N PHE E 30 47.99 -1.46 31.59
CA PHE E 30 48.71 -0.37 32.23
C PHE E 30 49.97 -0.94 32.85
N ASN E 31 50.89 -0.04 33.20
CA ASN E 31 52.01 -0.39 34.05
C ASN E 31 52.28 0.61 35.17
N SER E 32 51.65 1.77 35.16
CA SER E 32 51.89 2.77 36.19
C SER E 32 50.68 3.69 36.31
N MET E 33 50.04 3.65 37.47
CA MET E 33 48.92 4.50 37.83
C MET E 33 49.47 5.75 38.48
N GLY E 34 49.14 6.92 37.92
CA GLY E 34 49.62 8.18 38.43
C GLY E 34 48.53 9.07 39.00
N TRP E 35 48.94 9.88 39.97
CA TRP E 35 48.09 10.86 40.62
C TRP E 35 48.83 12.19 40.60
N TYR E 36 48.27 13.17 39.90
CA TYR E 36 48.74 14.53 39.80
C TYR E 36 47.81 15.45 40.58
N ARG E 37 48.32 16.62 40.95
CA ARG E 37 47.55 17.63 41.65
C ARG E 37 47.89 19.00 41.08
N GLN E 38 46.86 19.85 40.91
CA GLN E 38 47.09 21.15 40.31
C GLN E 38 46.05 22.13 40.83
N ALA E 39 46.48 23.36 41.10
CA ALA E 39 45.61 24.43 41.56
C ALA E 39 45.82 25.63 40.64
N PRO E 40 44.80 26.49 40.51
CA PRO E 40 44.95 27.65 39.62
C PRO E 40 46.10 28.53 40.07
N GLY E 41 46.83 29.06 39.08
CA GLY E 41 48.01 29.87 39.35
C GLY E 41 49.30 29.10 39.41
N LYS E 42 49.28 27.79 39.24
CA LYS E 42 50.50 26.99 39.30
C LYS E 42 50.34 25.76 38.42
N GLN E 43 51.47 25.13 38.10
CA GLN E 43 51.51 24.03 37.17
C GLN E 43 51.06 22.73 37.83
N ARG E 44 50.77 21.73 36.98
CA ARG E 44 50.52 20.39 37.45
C ARG E 44 51.79 19.80 38.06
N GLU E 45 51.63 19.07 39.17
CA GLU E 45 52.77 18.48 39.85
C GLU E 45 52.54 16.99 40.07
N LEU E 46 53.63 16.24 39.97
CA LEU E 46 53.60 14.79 40.14
C LEU E 46 53.51 14.46 41.62
N VAL E 47 52.47 13.73 42.02
CA VAL E 47 52.19 13.46 43.43
C VAL E 47 52.50 12.02 43.80
N ALA E 48 51.79 11.07 43.19
CA ALA E 48 51.89 9.67 43.65
C ALA E 48 51.87 8.73 42.46
N GLN E 49 52.88 7.86 42.36
CA GLN E 49 53.02 6.92 41.26
C GLN E 49 53.11 5.50 41.82
N ILE E 50 52.31 4.59 41.26
CA ILE E 50 52.42 3.16 41.57
C ILE E 50 52.69 2.41 40.28
N THR E 51 53.70 1.54 40.31
CA THR E 51 54.03 0.71 39.16
C THR E 51 53.39 -0.65 39.32
N ALA E 52 53.08 -1.28 38.17
CA ALA E 52 52.48 -2.61 38.20
C ALA E 52 53.32 -3.59 39.01
N GLY E 53 54.64 -3.44 38.95
CA GLY E 53 55.50 -4.27 39.78
C GLY E 53 55.34 -3.97 41.26
N GLY E 54 55.22 -2.69 41.61
CA GLY E 54 55.07 -2.32 43.01
C GLY E 54 55.84 -1.10 43.43
N ASP E 55 56.55 -0.47 42.49
CA ASP E 55 57.31 0.73 42.82
C ASP E 55 56.38 1.86 43.22
N THR E 56 56.69 2.51 44.34
CA THR E 56 55.86 3.58 44.89
C THR E 56 56.69 4.85 44.91
N HIS E 57 56.51 5.68 43.89
CA HIS E 57 57.17 6.98 43.83
C HIS E 57 56.28 8.03 44.49
N TYR E 58 56.90 8.90 45.28
CA TYR E 58 56.17 9.91 46.03
C TYR E 58 56.96 11.21 46.02
N ALA E 59 56.24 12.33 45.92
CA ALA E 59 56.87 13.63 46.03
C ALA E 59 57.31 13.89 47.46
N ASP E 60 58.32 14.75 47.61
CA ASP E 60 58.84 15.05 48.94
C ASP E 60 57.78 15.72 49.82
N SER E 61 56.87 16.49 49.21
CA SER E 61 55.87 17.23 49.96
C SER E 61 54.73 16.35 50.46
N VAL E 62 54.63 15.11 49.99
CA VAL E 62 53.53 14.23 50.36
C VAL E 62 54.03 12.96 51.05
N LYS E 63 55.25 12.99 51.59
CA LYS E 63 55.80 11.83 52.26
C LYS E 63 55.16 11.63 53.63
N GLY E 64 54.80 10.39 53.94
CA GLY E 64 54.27 10.04 55.24
C GLY E 64 52.82 10.41 55.46
N ARG E 65 52.11 10.87 54.44
CA ARG E 65 50.72 11.26 54.63
C ARG E 65 49.80 10.60 53.60
N PHE E 66 50.35 10.24 52.44
CA PHE E 66 49.56 9.68 51.34
C PHE E 66 49.96 8.22 51.14
N THR E 67 48.97 7.36 50.95
CA THR E 67 49.19 5.94 50.71
C THR E 67 48.50 5.54 49.41
N ILE E 68 49.26 4.98 48.48
CA ILE E 68 48.73 4.57 47.18
C ILE E 68 48.66 3.04 47.14
N SER E 69 47.56 2.51 46.63
CA SER E 69 47.38 1.06 46.56
C SER E 69 46.53 0.74 45.34
N GLU E 70 46.51 -0.54 44.97
CA GLU E 70 45.75 -1.00 43.82
C GLU E 70 44.87 -2.17 44.20
N HIS E 71 43.72 -2.27 43.53
CA HIS E 71 42.81 -3.40 43.70
C HIS E 71 42.45 -3.92 42.31
N ARG E 72 42.95 -5.10 41.98
CA ARG E 72 42.74 -5.66 40.65
C ARG E 72 41.40 -6.36 40.49
N GLY E 73 40.68 -6.60 41.59
CA GLY E 73 39.35 -7.17 41.47
C GLY E 73 38.39 -6.23 40.77
N LYS E 74 38.40 -4.97 41.17
CA LYS E 74 37.63 -3.93 40.49
C LYS E 74 38.50 -2.98 39.69
N ASN E 75 39.81 -3.25 39.60
CA ASN E 75 40.77 -2.53 38.76
C ASN E 75 40.76 -1.02 39.02
N ALA E 76 40.96 -0.68 40.29
CA ALA E 76 40.99 0.71 40.73
C ALA E 76 42.16 0.95 41.68
N VAL E 77 42.82 2.09 41.50
CA VAL E 77 43.93 2.54 42.33
C VAL E 77 43.46 3.61 43.30
N TYR E 78 43.71 3.39 44.60
CA TYR E 78 43.25 4.27 45.67
C TYR E 78 44.40 5.11 46.21
N LEU E 79 44.10 6.36 46.55
CA LEU E 79 45.04 7.26 47.22
C LEU E 79 44.39 7.72 48.52
N GLU E 80 44.91 7.25 49.65
CA GLU E 80 44.46 7.68 50.96
C GLU E 80 45.25 8.93 51.32
N MET E 81 44.54 10.02 51.53
CA MET E 81 45.12 11.33 51.83
C MET E 81 44.75 11.68 53.26
N HIS E 82 45.75 12.08 54.05
CA HIS E 82 45.60 12.19 55.50
C HIS E 82 46.63 13.20 55.99
N SER E 83 46.38 13.76 57.18
CA SER E 83 47.18 14.86 57.74
C SER E 83 47.18 16.05 56.77
N LEU E 84 45.99 16.55 56.50
CA LEU E 84 45.77 17.52 55.45
C LEU E 84 46.07 18.94 55.93
N LYS E 85 46.53 19.76 55.00
CA LYS E 85 46.92 21.15 55.24
C LYS E 85 46.38 22.00 54.11
N PRO E 86 46.29 23.32 54.31
CA PRO E 86 45.71 24.18 53.25
C PRO E 86 46.45 24.12 51.92
N GLU E 87 47.63 23.52 51.86
CA GLU E 87 48.38 23.41 50.61
C GLU E 87 47.80 22.38 49.65
N ASP E 88 46.81 21.60 50.09
CA ASP E 88 46.20 20.57 49.26
C ASP E 88 44.95 21.05 48.52
N THR E 89 44.62 22.33 48.62
CA THR E 89 43.46 22.88 47.92
C THR E 89 43.72 22.91 46.42
N ALA E 90 43.13 21.99 45.68
CA ALA E 90 43.44 21.85 44.26
C ALA E 90 42.43 20.91 43.61
N VAL E 91 42.73 20.53 42.36
CA VAL E 91 42.06 19.45 41.67
C VAL E 91 43.06 18.32 41.49
N TYR E 92 42.60 17.09 41.71
CA TYR E 92 43.41 15.90 41.55
C TYR E 92 43.02 15.15 40.28
N TYR E 93 44.05 14.67 39.57
CA TYR E 93 43.91 14.07 38.25
C TYR E 93 44.60 12.70 38.30
N CYS E 94 43.94 11.66 37.80
CA CYS E 94 44.57 10.34 37.72
C CYS E 94 44.91 10.01 36.28
N HIS E 95 46.18 9.73 36.02
CA HIS E 95 46.65 9.43 34.68
C HIS E 95 46.98 7.94 34.55
N LEU E 96 46.58 7.37 33.42
CA LEU E 96 46.75 5.96 33.09
C LEU E 96 48.06 5.76 32.34
N GLN E 97 48.33 4.55 31.87
CA GLN E 97 49.64 4.20 31.35
C GLN E 97 49.61 3.63 29.93
N VAL E 98 48.44 3.55 29.29
CA VAL E 98 48.26 2.84 28.02
C VAL E 98 49.42 3.08 27.06
N PRO E 99 50.19 2.04 26.72
CA PRO E 99 51.33 2.23 25.83
C PRO E 99 50.89 2.69 24.46
N PHE E 100 51.63 3.65 23.91
CA PHE E 100 51.40 4.16 22.57
C PHE E 100 52.76 4.47 21.97
N LEU E 101 53.15 3.74 20.93
CA LEU E 101 54.36 4.04 20.18
C LEU E 101 55.58 4.01 21.11
N GLY E 102 55.52 3.15 22.11
CA GLY E 102 56.43 3.19 23.23
C GLY E 102 55.82 3.77 24.49
N GLY E 103 54.74 4.54 24.38
CA GLY E 103 54.09 5.11 25.54
C GLY E 103 53.67 6.56 25.33
N GLY E 104 52.42 6.86 25.64
CA GLY E 104 51.89 8.19 25.39
C GLY E 104 50.39 8.21 25.52
N TYR E 105 49.85 9.42 25.45
CA TYR E 105 48.45 9.68 25.74
C TYR E 105 47.98 8.98 27.01
N ASP E 106 48.47 9.43 28.16
CA ASP E 106 47.89 9.03 29.43
C ASP E 106 46.51 9.68 29.60
N TYR E 107 45.78 9.25 30.62
CA TYR E 107 44.36 9.54 30.77
C TYR E 107 44.02 10.33 32.03
N TRP E 108 44.75 11.42 32.29
CA TRP E 108 44.48 12.24 33.46
C TRP E 108 43.30 13.19 33.27
N GLY E 109 42.72 13.27 32.07
CA GLY E 109 41.73 14.30 31.79
C GLY E 109 40.55 14.28 32.73
N GLN E 110 40.27 13.14 33.35
CA GLN E 110 39.17 13.01 34.29
C GLN E 110 39.67 13.31 35.70
N GLY E 111 39.08 14.32 36.35
CA GLY E 111 39.57 14.83 37.61
C GLY E 111 38.49 15.03 38.65
N THR E 112 38.95 15.39 39.86
CA THR E 112 38.07 15.64 41.00
C THR E 112 38.56 16.87 41.74
N GLN E 113 37.64 17.77 42.11
CA GLN E 113 38.01 18.97 42.85
C GLN E 113 37.95 18.71 44.35
N VAL E 114 39.03 19.04 45.07
CA VAL E 114 39.08 18.88 46.52
C VAL E 114 39.73 20.11 47.14
N THR E 115 39.03 20.74 48.09
CA THR E 115 39.54 21.92 48.79
C THR E 115 39.63 21.62 50.27
N VAL E 116 40.79 21.92 50.86
CA VAL E 116 41.05 21.69 52.27
C VAL E 116 41.13 23.04 52.96
N SER E 117 40.04 23.43 53.63
CA SER E 117 39.99 24.69 54.36
C SER E 117 39.15 24.50 55.60
N SER E 118 39.37 25.39 56.58
CA SER E 118 38.64 25.32 57.83
C SER E 118 37.19 25.78 57.70
N GLY E 119 36.82 26.37 56.57
CA GLY E 119 35.46 26.82 56.35
C GLY E 119 35.04 26.75 54.90
N VAL F 2 -38.25 19.04 18.49
CA VAL F 2 -38.60 19.08 17.08
C VAL F 2 -39.81 18.21 16.82
N GLN F 3 -39.77 16.99 17.39
CA GLN F 3 -40.82 15.98 17.34
C GLN F 3 -41.79 16.11 16.17
N LEU F 4 -42.97 16.67 16.42
CA LEU F 4 -44.05 16.61 15.45
C LEU F 4 -43.71 17.46 14.21
N GLN F 5 -44.35 17.11 13.11
CA GLN F 5 -44.27 17.87 11.86
C GLN F 5 -45.66 18.25 11.43
N GLU F 6 -45.77 19.25 10.56
CA GLU F 6 -47.06 19.72 10.10
C GLU F 6 -46.97 20.10 8.62
N SER F 7 -48.11 20.06 7.96
CA SER F 7 -48.29 20.49 6.58
C SER F 7 -49.78 20.56 6.31
N GLY F 8 -50.13 20.80 5.06
CA GLY F 8 -51.52 20.78 4.65
C GLY F 8 -52.18 22.13 4.78
N GLY F 9 -53.25 22.33 4.03
CA GLY F 9 -54.02 23.57 4.11
C GLY F 9 -53.69 24.55 3.00
N GLY F 10 -54.70 25.23 2.47
CA GLY F 10 -54.48 26.20 1.42
C GLY F 10 -55.55 27.26 1.41
N LEU F 11 -55.35 28.26 0.55
CA LEU F 11 -56.30 29.34 0.39
C LEU F 11 -57.60 28.83 -0.24
N VAL F 12 -58.73 29.29 0.29
CA VAL F 12 -60.05 28.91 -0.19
C VAL F 12 -60.92 30.16 -0.27
N GLN F 13 -62.18 29.95 -0.65
CA GLN F 13 -63.15 31.01 -0.87
C GLN F 13 -64.32 30.84 0.09
N PRO F 14 -64.93 31.92 0.56
CA PRO F 14 -65.99 31.80 1.57
C PRO F 14 -67.15 30.92 1.13
N GLY F 15 -67.71 30.18 2.09
CA GLY F 15 -68.78 29.25 1.82
C GLY F 15 -68.35 27.85 1.45
N GLY F 16 -67.05 27.61 1.31
CA GLY F 16 -66.53 26.31 0.91
C GLY F 16 -66.37 25.34 2.05
N SER F 17 -65.32 24.54 1.98
CA SER F 17 -65.03 23.55 3.01
C SER F 17 -63.52 23.31 3.05
N LEU F 18 -63.05 22.74 4.16
CA LEU F 18 -61.65 22.37 4.28
C LEU F 18 -61.48 21.24 5.28
N ARG F 19 -60.39 20.49 5.09
CA ARG F 19 -59.97 19.40 5.96
C ARG F 19 -58.53 19.68 6.37
N LEU F 20 -58.36 20.44 7.45
CA LEU F 20 -57.02 20.68 7.97
C LEU F 20 -56.49 19.44 8.66
N SER F 21 -55.19 19.26 8.60
CA SER F 21 -54.57 18.04 9.08
C SER F 21 -53.31 18.38 9.86
N CYS F 22 -53.12 17.76 11.01
CA CYS F 22 -51.88 17.87 11.73
C CYS F 22 -51.21 16.52 11.52
N VAL F 23 -50.28 16.45 10.58
CA VAL F 23 -49.70 15.15 10.21
C VAL F 23 -48.94 14.57 11.40
N ALA F 24 -49.26 13.34 11.74
CA ALA F 24 -48.76 12.74 12.97
C ALA F 24 -47.34 12.19 12.78
N SER F 25 -46.42 12.64 13.63
CA SER F 25 -45.01 12.28 13.52
C SER F 25 -44.64 11.01 14.25
N GLY F 26 -45.60 10.30 14.84
CA GLY F 26 -45.30 9.08 15.54
C GLY F 26 -46.16 8.93 16.79
N SER F 27 -46.15 7.73 17.37
CA SER F 27 -46.94 7.49 18.57
C SER F 27 -46.38 8.28 19.73
N VAL F 28 -47.19 9.19 20.28
CA VAL F 28 -46.80 10.03 21.41
C VAL F 28 -47.93 9.99 22.43
N THR F 29 -47.60 10.26 23.69
CA THR F 29 -48.57 10.23 24.77
C THR F 29 -48.99 11.65 25.15
N PHE F 30 -50.29 11.90 25.13
CA PHE F 30 -50.84 13.23 25.42
C PHE F 30 -52.27 13.07 25.89
N ASN F 31 -52.80 14.14 26.48
CA ASN F 31 -54.21 14.19 26.85
C ASN F 31 -54.96 15.32 26.17
N SER F 32 -54.38 16.51 26.07
CA SER F 32 -55.04 17.67 25.50
C SER F 32 -54.36 18.04 24.19
N MET F 33 -55.03 17.78 23.07
CA MET F 33 -54.51 18.06 21.74
C MET F 33 -55.39 19.16 21.16
N GLY F 34 -54.82 20.34 20.93
CA GLY F 34 -55.60 21.51 20.59
C GLY F 34 -55.26 22.11 19.24
N TRP F 35 -56.30 22.62 18.57
CA TRP F 35 -56.17 23.45 17.37
C TRP F 35 -56.29 24.91 17.77
N TYR F 36 -55.33 25.71 17.33
CA TYR F 36 -55.26 27.14 17.60
C TYR F 36 -55.21 27.92 16.30
N ARG F 37 -55.65 29.17 16.33
CA ARG F 37 -55.54 30.05 15.18
C ARG F 37 -54.95 31.39 15.62
N GLN F 38 -54.31 32.07 14.66
CA GLN F 38 -53.82 33.42 14.94
C GLN F 38 -53.81 34.22 13.65
N ALA F 39 -54.32 35.45 13.72
CA ALA F 39 -54.28 36.41 12.63
C ALA F 39 -53.49 37.64 13.05
N PRO F 40 -52.81 38.31 12.12
CA PRO F 40 -52.02 39.49 12.50
C PRO F 40 -52.91 40.60 13.06
N GLY F 41 -52.42 41.25 14.11
CA GLY F 41 -53.17 42.29 14.79
C GLY F 41 -54.05 41.80 15.91
N LYS F 42 -54.18 40.49 16.10
CA LYS F 42 -55.00 39.91 17.16
C LYS F 42 -54.23 38.81 17.85
N GLN F 43 -54.60 38.53 19.10
CA GLN F 43 -53.93 37.50 19.87
C GLN F 43 -54.33 36.11 19.37
N ARG F 44 -53.57 35.11 19.81
CA ARG F 44 -53.78 33.73 19.41
C ARG F 44 -54.80 33.10 20.35
N GLU F 45 -55.99 32.82 19.85
CA GLU F 45 -57.06 32.28 20.68
C GLU F 45 -57.32 30.82 20.34
N LEU F 46 -57.74 30.07 21.36
CA LEU F 46 -58.02 28.66 21.20
C LEU F 46 -59.20 28.44 20.26
N VAL F 47 -59.02 27.58 19.27
CA VAL F 47 -60.12 27.17 18.41
C VAL F 47 -60.83 26.00 19.06
N ALA F 48 -60.12 24.89 19.27
CA ALA F 48 -60.76 23.70 19.80
C ALA F 48 -59.73 22.81 20.46
N GLN F 49 -60.21 21.82 21.21
CA GLN F 49 -59.37 20.90 21.95
C GLN F 49 -60.04 19.54 22.01
N ILE F 50 -59.25 18.48 21.98
CA ILE F 50 -59.74 17.12 22.16
C ILE F 50 -58.95 16.48 23.30
N THR F 51 -59.67 15.88 24.23
CA THR F 51 -59.09 15.20 25.38
C THR F 51 -58.95 13.71 25.10
N ALA F 52 -58.15 13.04 25.93
CA ALA F 52 -57.97 11.60 25.78
C ALA F 52 -59.27 10.84 26.06
N GLY F 53 -60.02 11.27 27.08
CA GLY F 53 -61.24 10.56 27.43
C GLY F 53 -62.30 10.67 26.36
N GLY F 54 -62.48 11.86 25.77
CA GLY F 54 -63.49 12.05 24.76
C GLY F 54 -64.25 13.36 24.86
N ASP F 55 -63.87 14.21 25.82
CA ASP F 55 -64.44 15.55 25.89
C ASP F 55 -63.87 16.42 24.77
N THR F 56 -64.76 17.06 24.02
CA THR F 56 -64.38 17.87 22.88
C THR F 56 -64.81 19.31 23.19
N HIS F 57 -63.83 20.21 23.27
CA HIS F 57 -64.11 21.60 23.61
C HIS F 57 -64.02 22.47 22.36
N TYR F 58 -65.03 23.32 22.17
CA TYR F 58 -65.09 24.23 21.05
C TYR F 58 -65.19 25.67 21.57
N ALA F 59 -64.57 26.60 20.85
CA ALA F 59 -64.76 28.01 21.16
C ALA F 59 -66.16 28.46 20.71
N ASP F 60 -66.54 29.66 21.15
CA ASP F 60 -67.86 30.17 20.82
C ASP F 60 -68.02 30.39 19.32
N SER F 61 -67.02 31.01 18.68
CA SER F 61 -67.15 31.38 17.28
C SER F 61 -67.11 30.19 16.34
N VAL F 62 -66.73 29.01 16.82
CA VAL F 62 -66.56 27.84 15.97
C VAL F 62 -67.66 26.80 16.24
N LYS F 63 -68.79 27.23 16.78
CA LYS F 63 -69.90 26.32 17.00
C LYS F 63 -70.60 25.99 15.69
N GLY F 64 -70.80 24.70 15.43
CA GLY F 64 -71.54 24.26 14.27
C GLY F 64 -70.80 24.33 12.96
N ARG F 65 -69.51 24.66 12.97
CA ARG F 65 -68.76 24.81 11.72
C ARG F 65 -67.42 24.09 11.76
N PHE F 66 -66.85 23.92 12.94
CA PHE F 66 -65.58 23.23 13.11
C PHE F 66 -65.80 21.92 13.89
N THR F 67 -65.13 20.87 13.44
CA THR F 67 -65.22 19.58 14.12
C THR F 67 -63.83 18.93 14.17
N ILE F 68 -63.45 18.42 15.33
CA ILE F 68 -62.14 17.82 15.54
C ILE F 68 -62.30 16.31 15.62
N SER F 69 -61.47 15.59 14.87
CA SER F 69 -61.49 14.13 14.84
C SER F 69 -60.06 13.62 15.00
N GLU F 70 -59.95 12.34 15.37
CA GLU F 70 -58.66 11.70 15.55
C GLU F 70 -58.67 10.32 14.90
N HIS F 71 -57.48 9.87 14.50
CA HIS F 71 -57.28 8.53 13.96
C HIS F 71 -56.10 7.92 14.70
N ARG F 72 -56.39 6.97 15.59
CA ARG F 72 -55.35 6.27 16.34
C ARG F 72 -54.49 5.42 15.42
N GLY F 73 -55.12 4.75 14.44
CA GLY F 73 -54.36 3.89 13.55
C GLY F 73 -53.29 4.63 12.77
N LYS F 74 -53.65 5.77 12.18
CA LYS F 74 -52.65 6.67 11.60
C LYS F 74 -52.18 7.71 12.60
N ASN F 75 -52.78 7.76 13.79
CA ASN F 75 -52.30 8.53 14.94
C ASN F 75 -52.41 10.04 14.72
N ALA F 76 -53.12 10.47 13.67
CA ALA F 76 -53.16 11.87 13.28
C ALA F 76 -54.47 12.54 13.70
N VAL F 77 -54.42 13.85 13.90
CA VAL F 77 -55.59 14.64 14.28
C VAL F 77 -56.01 15.52 13.11
N TYR F 78 -57.32 15.67 12.93
CA TYR F 78 -57.92 16.27 11.76
C TYR F 78 -59.00 17.25 12.18
N LEU F 79 -59.21 18.27 11.35
CA LEU F 79 -60.22 19.30 11.60
C LEU F 79 -61.04 19.46 10.34
N GLU F 80 -62.32 19.07 10.39
CA GLU F 80 -63.26 19.40 9.34
C GLU F 80 -63.84 20.77 9.62
N MET F 81 -63.47 21.75 8.80
CA MET F 81 -63.87 23.13 8.98
C MET F 81 -64.77 23.51 7.82
N HIS F 82 -66.00 23.91 8.14
CA HIS F 82 -67.02 24.18 7.14
C HIS F 82 -67.58 25.57 7.42
N SER F 83 -68.46 26.04 6.52
CA SER F 83 -69.09 27.36 6.64
C SER F 83 -68.02 28.47 6.68
N LEU F 84 -67.28 28.56 5.57
CA LEU F 84 -66.15 29.47 5.49
C LEU F 84 -66.63 30.91 5.58
N LYS F 85 -65.93 31.70 6.41
CA LYS F 85 -66.16 33.12 6.57
C LYS F 85 -64.86 33.87 6.35
N PRO F 86 -64.92 35.14 5.95
CA PRO F 86 -63.68 35.91 5.78
C PRO F 86 -62.88 36.04 7.06
N GLU F 87 -63.53 35.97 8.22
CA GLU F 87 -62.86 36.12 9.50
C GLU F 87 -62.02 34.89 9.87
N ASP F 88 -62.15 33.80 9.12
CA ASP F 88 -61.41 32.58 9.45
C ASP F 88 -59.97 32.60 8.96
N THR F 89 -59.55 33.63 8.24
CA THR F 89 -58.17 33.69 7.76
C THR F 89 -57.21 33.77 8.95
N ALA F 90 -56.25 32.85 8.98
CA ALA F 90 -55.28 32.79 10.07
C ALA F 90 -54.22 31.75 9.75
N VAL F 91 -53.22 31.68 10.61
CA VAL F 91 -52.27 30.59 10.65
C VAL F 91 -52.69 29.69 11.80
N TYR F 92 -52.84 28.40 11.50
CA TYR F 92 -53.36 27.42 12.44
C TYR F 92 -52.24 26.55 12.99
N TYR F 93 -52.41 26.13 14.24
CA TYR F 93 -51.38 25.45 14.98
C TYR F 93 -51.97 24.29 15.77
N CYS F 94 -51.10 23.37 16.18
CA CYS F 94 -51.45 22.23 17.01
C CYS F 94 -50.65 22.30 18.30
N HIS F 95 -51.31 22.63 19.41
CA HIS F 95 -50.59 22.64 20.69
C HIS F 95 -50.77 21.29 21.38
N LEU F 96 -49.65 20.71 21.80
CA LEU F 96 -49.57 19.35 22.30
C LEU F 96 -49.56 19.31 23.83
N GLN F 97 -49.68 18.11 24.37
CA GLN F 97 -49.77 17.86 25.81
C GLN F 97 -48.80 16.79 26.23
N VAL F 98 -47.53 16.93 25.86
CA VAL F 98 -46.52 16.02 26.40
C VAL F 98 -46.42 16.32 27.89
N PRO F 99 -46.64 15.34 28.75
CA PRO F 99 -46.60 15.64 30.19
C PRO F 99 -45.19 15.93 30.66
N PHE F 100 -44.98 17.15 31.13
CA PHE F 100 -43.68 17.59 31.64
C PHE F 100 -43.93 18.30 32.96
N LEU F 101 -43.50 17.69 34.06
CA LEU F 101 -43.47 18.34 35.36
C LEU F 101 -44.86 18.86 35.74
N GLY F 102 -45.86 18.01 35.52
CA GLY F 102 -47.23 18.42 35.68
C GLY F 102 -47.83 19.12 34.49
N GLY F 103 -47.17 19.11 33.33
CA GLY F 103 -47.73 19.69 32.13
C GLY F 103 -46.91 20.85 31.57
N GLY F 104 -46.62 20.79 30.28
CA GLY F 104 -45.82 21.83 29.64
C GLY F 104 -45.29 21.34 28.31
N TYR F 105 -44.53 22.23 27.68
CA TYR F 105 -43.94 21.99 26.36
C TYR F 105 -44.96 21.53 25.33
N ASP F 106 -45.87 22.44 25.00
CA ASP F 106 -46.65 22.28 23.78
C ASP F 106 -45.76 22.49 22.57
N TYR F 107 -46.08 21.79 21.48
CA TYR F 107 -45.27 21.75 20.27
C TYR F 107 -45.92 22.49 19.12
N TRP F 108 -46.56 23.63 19.40
CA TRP F 108 -47.36 24.32 18.40
C TRP F 108 -46.55 25.25 17.52
N GLY F 109 -45.22 25.28 17.66
CA GLY F 109 -44.42 26.24 16.91
C GLY F 109 -44.61 26.17 15.40
N GLN F 110 -44.93 24.99 14.89
CA GLN F 110 -45.19 24.81 13.47
C GLN F 110 -46.62 25.24 13.13
N GLY F 111 -46.77 25.95 12.00
CA GLY F 111 -48.05 26.49 11.60
C GLY F 111 -48.45 26.06 10.19
N THR F 112 -49.71 26.35 9.87
CA THR F 112 -50.28 26.09 8.55
C THR F 112 -51.13 27.28 8.13
N GLN F 113 -50.85 27.84 6.97
CA GLN F 113 -51.47 29.09 6.54
C GLN F 113 -52.79 28.79 5.83
N VAL F 114 -53.88 29.42 6.27
CA VAL F 114 -55.17 29.34 5.58
C VAL F 114 -55.72 30.75 5.48
N THR F 115 -56.06 31.17 4.26
CA THR F 115 -56.64 32.48 4.02
C THR F 115 -57.99 32.31 3.35
N VAL F 116 -59.00 32.99 3.88
CA VAL F 116 -60.36 32.95 3.35
C VAL F 116 -60.66 34.30 2.75
N SER F 117 -60.74 34.36 1.43
CA SER F 117 -61.05 35.59 0.72
C SER F 117 -61.58 35.24 -0.66
N SER F 118 -62.29 36.19 -1.26
CA SER F 118 -62.86 35.98 -2.59
C SER F 118 -61.84 36.11 -3.70
N GLY F 119 -60.68 36.70 -3.44
CA GLY F 119 -59.67 36.89 -4.46
C GLY F 119 -58.28 37.15 -3.89
N VAL G 2 -10.38 -3.11 51.59
CA VAL G 2 -9.49 -4.26 51.54
C VAL G 2 -9.69 -5.11 52.78
N GLN G 3 -9.45 -6.41 52.63
CA GLN G 3 -9.44 -7.38 53.71
C GLN G 3 -10.83 -7.65 54.27
N LEU G 4 -11.82 -6.85 53.88
CA LEU G 4 -13.21 -7.02 54.32
C LEU G 4 -13.28 -7.25 55.84
N GLN G 5 -12.42 -6.55 56.57
CA GLN G 5 -12.15 -6.96 57.94
C GLN G 5 -13.32 -6.68 58.86
N GLU G 6 -13.45 -7.51 59.89
CA GLU G 6 -14.40 -7.29 60.98
C GLU G 6 -13.69 -6.63 62.14
N SER G 7 -14.44 -5.88 62.93
CA SER G 7 -13.93 -5.23 64.14
C SER G 7 -14.96 -5.40 65.25
N GLY G 8 -14.85 -6.50 65.99
CA GLY G 8 -15.70 -6.73 67.13
C GLY G 8 -15.66 -8.17 67.59
N GLY G 9 -15.63 -8.39 68.89
CA GLY G 9 -15.61 -9.74 69.42
C GLY G 9 -14.81 -9.81 70.70
N GLY G 10 -14.76 -11.02 71.26
CA GLY G 10 -14.05 -11.26 72.50
C GLY G 10 -14.87 -12.02 73.52
N LEU G 11 -14.63 -11.73 74.80
CA LEU G 11 -15.33 -12.39 75.89
C LEU G 11 -16.59 -11.60 76.25
N VAL G 12 -17.70 -12.31 76.41
CA VAL G 12 -18.97 -11.71 76.77
C VAL G 12 -19.59 -12.53 77.89
N GLN G 13 -20.54 -11.93 78.57
CA GLN G 13 -21.31 -12.61 79.61
C GLN G 13 -22.66 -13.03 79.04
N ALA G 14 -23.14 -14.19 79.50
CA ALA G 14 -24.41 -14.72 79.02
C ALA G 14 -25.53 -13.71 79.24
N GLY G 15 -26.33 -13.50 78.19
CA GLY G 15 -27.35 -12.47 78.21
C GLY G 15 -26.86 -11.10 77.81
N GLY G 16 -25.62 -10.97 77.33
CA GLY G 16 -25.07 -9.71 76.92
C GLY G 16 -25.39 -9.35 75.49
N SER G 17 -24.67 -8.35 74.98
CA SER G 17 -24.85 -7.89 73.61
C SER G 17 -23.52 -7.44 73.04
N LEU G 18 -23.39 -7.53 71.72
CA LEU G 18 -22.16 -7.13 71.05
C LEU G 18 -22.47 -6.77 69.60
N ARG G 19 -21.55 -6.04 68.99
CA ARG G 19 -21.70 -5.53 67.64
C ARG G 19 -20.54 -5.97 66.77
N LEU G 20 -20.84 -6.33 65.52
CA LEU G 20 -19.84 -6.68 64.53
C LEU G 20 -19.96 -5.76 63.34
N SER G 21 -18.81 -5.37 62.78
CA SER G 21 -18.73 -4.26 61.82
C SER G 21 -17.88 -4.64 60.61
N CYS G 22 -18.20 -5.77 59.99
CA CYS G 22 -17.50 -6.16 58.77
C CYS G 22 -17.60 -5.04 57.75
N ALA G 23 -16.49 -4.37 57.47
CA ALA G 23 -16.48 -3.14 56.69
C ALA G 23 -15.59 -3.30 55.48
N ALA G 24 -16.01 -2.72 54.35
CA ALA G 24 -15.38 -2.96 53.07
C ALA G 24 -14.97 -1.65 52.42
N SER G 25 -13.83 -1.68 51.72
CA SER G 25 -13.45 -0.52 50.91
C SER G 25 -14.20 -0.51 49.59
N GLU G 26 -14.35 -1.66 48.96
CA GLU G 26 -15.17 -1.76 47.76
C GLU G 26 -16.62 -1.50 48.13
N SER G 27 -17.38 -0.92 47.19
CA SER G 27 -18.70 -0.42 47.52
C SER G 27 -19.60 -1.54 48.03
N ILE G 28 -20.41 -1.22 49.03
CA ILE G 28 -21.28 -2.22 49.64
C ILE G 28 -22.34 -2.68 48.66
N PHE G 29 -22.80 -1.80 47.77
CA PHE G 29 -23.94 -2.13 46.93
C PHE G 29 -23.56 -3.02 45.75
N ARG G 30 -22.30 -3.02 45.37
CA ARG G 30 -21.85 -3.86 44.28
C ARG G 30 -21.59 -5.30 44.70
N MET G 31 -21.75 -5.62 45.98
CA MET G 31 -21.46 -6.96 46.48
C MET G 31 -22.35 -8.01 45.82
N GLU G 32 -23.65 -7.79 45.84
CA GLU G 32 -24.76 -8.58 45.31
C GLU G 32 -25.12 -9.79 46.18
N LEU G 33 -24.30 -10.16 47.17
CA LEU G 33 -24.71 -11.10 48.21
C LEU G 33 -23.60 -11.15 49.25
N MET G 34 -23.98 -11.14 50.52
CA MET G 34 -22.96 -11.33 51.55
C MET G 34 -23.60 -11.87 52.82
N GLU G 35 -22.81 -12.62 53.59
CA GLU G 35 -23.30 -13.40 54.70
C GLU G 35 -22.30 -13.38 55.84
N TRP G 36 -22.74 -13.99 56.95
CA TRP G 36 -21.90 -14.36 58.09
C TRP G 36 -22.07 -15.86 58.36
N TYR G 37 -20.93 -16.54 58.56
CA TYR G 37 -20.87 -17.93 59.01
C TYR G 37 -20.14 -17.97 60.36
N HIS G 38 -20.20 -19.14 61.02
CA HIS G 38 -19.41 -19.34 62.23
C HIS G 38 -18.87 -20.76 62.25
N GLN G 39 -17.65 -20.90 62.76
CA GLN G 39 -17.02 -22.20 63.02
C GLN G 39 -16.98 -22.41 64.52
N ALA G 40 -17.66 -23.46 64.99
CA ALA G 40 -17.63 -23.79 66.40
C ALA G 40 -16.37 -24.60 66.73
N PRO G 41 -15.90 -24.53 67.98
CA PRO G 41 -14.72 -25.32 68.36
C PRO G 41 -15.03 -26.82 68.30
N GLY G 42 -14.32 -27.51 67.41
CA GLY G 42 -14.56 -28.92 67.20
C GLY G 42 -15.76 -29.25 66.35
N LYS G 43 -16.37 -28.25 65.70
CA LYS G 43 -17.54 -28.45 64.87
C LYS G 43 -17.33 -27.74 63.54
N GLN G 44 -17.88 -28.31 62.47
CA GLN G 44 -17.71 -27.78 61.13
C GLN G 44 -18.45 -26.46 60.98
N ARG G 45 -18.01 -25.66 60.01
CA ARG G 45 -18.54 -24.31 59.82
C ARG G 45 -20.00 -24.33 59.41
N GLU G 46 -20.77 -23.40 59.97
CA GLU G 46 -22.20 -23.30 59.72
C GLU G 46 -22.59 -21.85 59.46
N LEU G 47 -23.55 -21.66 58.55
CA LEU G 47 -24.01 -20.32 58.19
C LEU G 47 -24.79 -19.68 59.32
N VAL G 48 -24.59 -18.37 59.51
CA VAL G 48 -25.38 -17.61 60.47
C VAL G 48 -26.50 -16.91 59.72
N ALA G 49 -26.15 -15.98 58.84
CA ALA G 49 -27.16 -15.09 58.25
C ALA G 49 -26.69 -14.59 56.90
N THR G 50 -27.65 -14.13 56.09
CA THR G 50 -27.34 -13.72 54.72
C THR G 50 -28.26 -12.58 54.28
N ILE G 51 -27.68 -11.66 53.50
CA ILE G 51 -28.43 -10.56 52.90
C ILE G 51 -27.93 -10.36 51.48
N ASN G 52 -28.85 -10.24 50.53
CA ASN G 52 -28.49 -10.01 49.14
C ASN G 52 -28.75 -8.56 48.79
N ARG G 53 -28.58 -8.23 47.51
CA ARG G 53 -28.60 -6.84 47.10
C ARG G 53 -30.01 -6.26 47.13
N CYS G 54 -31.00 -7.03 46.68
CA CYS G 54 -32.37 -6.52 46.61
C CYS G 54 -32.89 -6.14 47.98
N GLY G 55 -32.64 -6.98 48.99
CA GLY G 55 -33.10 -6.70 50.33
C GLY G 55 -33.56 -7.92 51.09
N SER G 56 -33.67 -9.05 50.40
CA SER G 56 -34.08 -10.28 51.06
C SER G 56 -33.06 -10.65 52.13
N THR G 57 -33.57 -11.14 53.26
CA THR G 57 -32.71 -11.43 54.41
C THR G 57 -33.10 -12.78 54.97
N ASN G 58 -32.12 -13.65 55.21
CA ASN G 58 -32.40 -14.99 55.71
C ASN G 58 -31.47 -15.34 56.87
N TYR G 59 -31.96 -16.23 57.74
CA TYR G 59 -31.19 -16.74 58.85
C TYR G 59 -31.43 -18.24 58.98
N SER G 60 -30.56 -18.89 59.74
CA SER G 60 -30.78 -20.28 60.11
C SER G 60 -31.69 -20.37 61.34
N ASP G 61 -32.03 -21.61 61.69
CA ASP G 61 -33.03 -21.82 62.74
C ASP G 61 -32.59 -21.28 64.09
N SER G 62 -31.32 -21.51 64.45
CA SER G 62 -30.79 -21.05 65.72
C SER G 62 -30.40 -19.57 65.71
N VAL G 63 -30.87 -18.81 64.72
CA VAL G 63 -30.49 -17.41 64.57
C VAL G 63 -31.67 -16.47 64.79
N LYS G 64 -32.87 -16.84 64.36
CA LYS G 64 -34.01 -15.93 64.37
C LYS G 64 -34.39 -15.55 65.80
N GLY G 65 -34.72 -14.27 65.98
CA GLY G 65 -35.25 -13.77 67.23
C GLY G 65 -34.23 -13.22 68.18
N ARG G 66 -32.94 -13.48 67.95
CA ARG G 66 -31.89 -12.96 68.82
C ARG G 66 -31.08 -11.86 68.16
N PHE G 67 -30.48 -12.13 67.00
CA PHE G 67 -29.69 -11.14 66.28
C PHE G 67 -30.10 -11.12 64.82
N ILE G 68 -30.30 -9.92 64.29
CA ILE G 68 -30.70 -9.72 62.91
C ILE G 68 -29.58 -9.02 62.16
N ILE G 69 -29.73 -8.93 60.84
CA ILE G 69 -28.71 -8.37 59.97
C ILE G 69 -29.18 -7.03 59.41
N SER G 70 -28.23 -6.12 59.20
CA SER G 70 -28.52 -4.78 58.70
C SER G 70 -27.27 -4.20 58.06
N SER G 71 -27.47 -3.15 57.27
CA SER G 71 -26.36 -2.48 56.56
C SER G 71 -26.75 -1.02 56.34
N ASP G 72 -26.15 -0.13 57.12
CA ASP G 72 -26.40 1.29 56.95
C ASP G 72 -25.59 1.84 55.77
N ASN G 73 -26.27 2.56 54.88
CA ASN G 73 -25.64 2.99 53.63
C ASN G 73 -24.97 4.34 53.77
N ALA G 74 -24.27 4.57 54.85
CA ALA G 74 -23.54 5.82 55.02
C ALA G 74 -22.07 5.56 55.26
N LYS G 75 -21.73 4.51 55.99
CA LYS G 75 -20.42 3.89 55.94
C LYS G 75 -20.64 2.45 55.49
N ASN G 76 -20.01 2.06 54.39
CA ASN G 76 -20.25 0.75 53.81
C ASN G 76 -19.89 -0.35 54.80
N SER G 77 -20.91 -1.03 55.31
CA SER G 77 -20.72 -2.03 56.36
C SER G 77 -22.00 -2.83 56.52
N VAL G 78 -21.85 -4.06 56.98
CA VAL G 78 -22.98 -4.93 57.26
C VAL G 78 -22.94 -5.28 58.74
N TYR G 79 -24.07 -5.11 59.42
CA TYR G 79 -24.13 -5.16 60.87
C TYR G 79 -24.85 -6.41 61.34
N LEU G 80 -24.36 -6.97 62.45
CA LEU G 80 -24.95 -8.14 63.09
C LEU G 80 -24.71 -7.96 64.59
N GLN G 81 -25.69 -7.40 65.29
CA GLN G 81 -25.58 -7.15 66.72
C GLN G 81 -26.19 -8.32 67.48
N MET G 82 -25.39 -8.96 68.32
CA MET G 82 -25.86 -10.11 69.06
C MET G 82 -26.61 -9.68 70.31
N ASN G 83 -27.68 -10.40 70.63
CA ASN G 83 -28.47 -10.11 71.81
C ASN G 83 -28.78 -11.38 72.58
N SER G 84 -28.51 -11.35 73.89
CA SER G 84 -28.73 -12.47 74.80
C SER G 84 -28.00 -13.72 74.32
N LEU G 85 -26.68 -13.64 74.30
CA LEU G 85 -25.86 -14.76 73.86
C LEU G 85 -25.89 -15.88 74.90
N LYS G 86 -25.90 -17.11 74.42
CA LYS G 86 -25.73 -18.28 75.29
C LYS G 86 -24.34 -18.86 75.08
N ASP G 87 -23.99 -19.81 75.94
CA ASP G 87 -22.65 -20.37 75.92
C ASP G 87 -22.33 -21.07 74.61
N GLU G 88 -23.35 -21.60 73.93
CA GLU G 88 -23.12 -22.40 72.73
C GLU G 88 -22.87 -21.56 71.49
N ASP G 89 -22.98 -20.23 71.57
CA ASP G 89 -22.62 -19.39 70.44
C ASP G 89 -21.13 -19.05 70.40
N THR G 90 -20.35 -19.56 71.36
CA THR G 90 -18.90 -19.42 71.31
C THR G 90 -18.35 -20.05 70.05
N ALA G 91 -17.76 -19.24 69.18
CA ALA G 91 -17.30 -19.70 67.87
C ALA G 91 -16.47 -18.59 67.24
N VAL G 92 -15.97 -18.86 66.04
CA VAL G 92 -15.29 -17.84 65.24
C VAL G 92 -16.24 -17.41 64.13
N TYR G 93 -16.49 -16.10 64.04
CA TYR G 93 -17.46 -15.54 63.12
C TYR G 93 -16.73 -14.92 61.93
N SER G 94 -17.19 -15.25 60.73
CA SER G 94 -16.54 -14.82 59.49
C SER G 94 -17.57 -14.20 58.56
N CYS G 95 -17.20 -13.10 57.91
CA CYS G 95 -18.06 -12.41 56.96
C CYS G 95 -17.55 -12.59 55.54
N HIS G 96 -18.45 -12.93 54.63
CA HIS G 96 -18.11 -13.26 53.25
C HIS G 96 -18.93 -12.41 52.30
N ALA G 97 -18.29 -11.90 51.23
CA ALA G 97 -18.98 -11.06 50.28
C ALA G 97 -18.56 -11.43 48.87
N ARG G 98 -19.52 -11.80 48.02
CA ARG G 98 -19.19 -12.39 46.72
C ARG G 98 -19.56 -11.44 45.59
N THR G 99 -18.56 -10.73 45.09
CA THR G 99 -18.62 -9.98 43.84
C THR G 99 -18.32 -10.99 42.73
N TRP G 100 -17.90 -10.55 41.54
CA TRP G 100 -17.53 -11.49 40.49
C TRP G 100 -16.64 -12.62 40.99
N THR G 101 -15.89 -12.40 42.08
CA THR G 101 -15.28 -13.48 42.85
C THR G 101 -15.59 -13.29 44.32
N SER G 102 -15.47 -14.38 45.08
CA SER G 102 -15.75 -14.32 46.50
C SER G 102 -14.59 -13.69 47.26
N TYR G 103 -14.93 -12.90 48.28
CA TYR G 103 -13.95 -12.24 49.14
C TYR G 103 -14.24 -12.61 50.58
N TRP G 104 -13.17 -12.83 51.34
CA TRP G 104 -13.25 -13.42 52.67
C TRP G 104 -12.50 -12.57 53.69
N GLY G 105 -13.06 -12.53 54.90
CA GLY G 105 -12.35 -12.02 56.05
C GLY G 105 -11.93 -13.16 56.97
N ARG G 106 -11.09 -12.82 57.95
CA ARG G 106 -10.52 -13.83 58.82
C ARG G 106 -11.35 -14.09 60.08
N GLY G 107 -12.45 -13.38 60.25
CA GLY G 107 -13.33 -13.67 61.36
C GLY G 107 -12.81 -13.11 62.68
N THR G 108 -13.51 -13.48 63.74
CA THR G 108 -13.19 -13.01 65.08
C THR G 108 -13.72 -14.02 66.08
N GLN G 109 -13.01 -14.16 67.20
CA GLN G 109 -13.41 -15.09 68.24
C GLN G 109 -14.48 -14.46 69.13
N VAL G 110 -15.54 -15.22 69.41
CA VAL G 110 -16.59 -14.80 70.33
C VAL G 110 -16.79 -15.91 71.34
N THR G 111 -16.61 -15.60 72.62
CA THR G 111 -16.70 -16.59 73.69
C THR G 111 -17.61 -16.06 74.79
N VAL G 112 -18.58 -16.87 75.17
CA VAL G 112 -19.55 -16.53 76.20
C VAL G 112 -19.18 -17.27 77.48
N SER G 113 -19.13 -16.55 78.59
CA SER G 113 -18.76 -17.13 79.87
C SER G 113 -20.02 -17.60 80.60
N SER G 114 -20.09 -18.90 80.87
CA SER G 114 -21.23 -19.49 81.58
C SER G 114 -20.75 -20.56 82.56
N VAL H 2 45.02 -20.06 -14.10
CA VAL H 2 45.78 -18.80 -13.82
C VAL H 2 46.88 -18.66 -14.88
N GLN H 3 46.70 -19.28 -16.04
CA GLN H 3 47.75 -19.25 -17.08
C GLN H 3 49.07 -19.62 -16.42
N LEU H 4 49.08 -20.66 -15.58
CA LEU H 4 50.30 -21.05 -14.84
C LEU H 4 51.28 -21.71 -15.82
N GLN H 5 51.68 -20.99 -16.86
CA GLN H 5 52.58 -21.54 -17.90
C GLN H 5 53.95 -21.86 -17.30
N GLU H 6 54.61 -22.91 -17.80
CA GLU H 6 55.98 -23.27 -17.32
C GLU H 6 56.91 -23.35 -18.52
N SER H 7 58.05 -22.63 -18.48
CA SER H 7 58.98 -22.60 -19.64
C SER H 7 60.36 -23.11 -19.21
N GLY H 8 61.22 -23.48 -20.17
CA GLY H 8 62.56 -23.90 -19.81
C GLY H 8 62.91 -25.33 -20.15
N GLY H 9 61.98 -26.07 -20.76
CA GLY H 9 62.23 -27.46 -21.10
C GLY H 9 62.98 -27.62 -22.40
N GLY H 10 63.43 -28.84 -22.64
CA GLY H 10 64.14 -29.18 -23.86
C GLY H 10 65.15 -30.29 -23.62
N LEU H 11 66.23 -30.23 -24.39
CA LEU H 11 67.28 -31.24 -24.38
C LEU H 11 68.42 -30.80 -23.45
N VAL H 12 68.89 -31.73 -22.63
CA VAL H 12 69.97 -31.50 -21.69
C VAL H 12 70.97 -32.64 -21.77
N GLN H 13 72.16 -32.39 -21.22
CA GLN H 13 73.20 -33.40 -21.10
C GLN H 13 73.22 -33.93 -19.67
N ALA H 14 73.49 -35.22 -19.55
CA ALA H 14 73.46 -35.88 -18.24
C ALA H 14 74.42 -35.20 -17.27
N GLY H 15 73.94 -34.98 -16.05
CA GLY H 15 74.70 -34.27 -15.05
C GLY H 15 74.62 -32.76 -15.12
N GLY H 16 73.71 -32.21 -15.93
CA GLY H 16 73.59 -30.78 -16.08
C GLY H 16 72.59 -30.16 -15.13
N SER H 17 72.15 -28.95 -15.47
CA SER H 17 71.20 -28.20 -14.66
C SER H 17 70.22 -27.48 -15.56
N LEU H 18 69.03 -27.21 -15.02
CA LEU H 18 67.99 -26.53 -15.79
C LEU H 18 67.11 -25.75 -14.84
N ARG H 19 66.44 -24.74 -15.39
CA ARG H 19 65.55 -23.87 -14.64
C ARG H 19 64.18 -23.83 -15.28
N LEU H 20 63.13 -24.00 -14.47
CA LEU H 20 61.76 -23.88 -14.92
C LEU H 20 61.08 -22.74 -14.16
N SER H 21 60.16 -22.06 -14.84
CA SER H 21 59.63 -20.77 -14.44
C SER H 21 58.11 -20.78 -14.42
N CYS H 22 57.53 -21.78 -13.76
CA CYS H 22 56.08 -21.84 -13.65
C CYS H 22 55.56 -20.52 -13.08
N ALA H 23 54.94 -19.71 -13.93
CA ALA H 23 54.60 -18.33 -13.59
C ALA H 23 53.11 -18.11 -13.71
N ALA H 24 52.52 -17.50 -12.69
CA ALA H 24 51.08 -17.38 -12.58
C ALA H 24 50.66 -15.93 -12.66
N SER H 25 49.54 -15.67 -13.35
CA SER H 25 49.00 -14.32 -13.39
C SER H 25 48.40 -13.93 -12.04
N GLU H 26 47.61 -14.82 -11.46
CA GLU H 26 47.06 -14.59 -10.13
C GLU H 26 48.18 -14.62 -9.09
N SER H 27 48.05 -13.76 -8.07
CA SER H 27 49.07 -13.70 -7.04
C SER H 27 49.22 -15.05 -6.37
N ILE H 28 50.45 -15.47 -6.13
CA ILE H 28 50.73 -16.78 -5.56
C ILE H 28 50.46 -16.76 -4.06
N PHE H 29 50.01 -15.62 -3.55
CA PHE H 29 49.73 -15.55 -2.12
C PHE H 29 48.43 -16.23 -1.74
N ARG H 30 47.48 -16.31 -2.66
CA ARG H 30 46.22 -16.99 -2.40
C ARG H 30 46.16 -18.38 -3.04
N MET H 31 47.31 -18.94 -3.45
CA MET H 31 47.30 -20.24 -4.11
C MET H 31 47.06 -21.37 -3.11
N GLU H 32 47.68 -21.29 -1.94
CA GLU H 32 47.45 -22.23 -0.84
C GLU H 32 48.09 -23.59 -1.09
N LEU H 33 48.56 -23.84 -2.32
CA LEU H 33 49.32 -25.05 -2.62
C LEU H 33 49.90 -25.00 -4.03
N MET H 34 51.19 -25.27 -4.20
CA MET H 34 51.75 -25.36 -5.54
C MET H 34 52.72 -26.53 -5.58
N GLU H 35 52.56 -27.39 -6.59
CA GLU H 35 53.34 -28.62 -6.68
C GLU H 35 53.85 -28.81 -8.10
N TRP H 36 54.77 -29.78 -8.23
CA TRP H 36 55.31 -30.25 -9.49
C TRP H 36 55.11 -31.76 -9.58
N TYR H 37 54.52 -32.20 -10.69
CA TYR H 37 54.36 -33.60 -11.08
C TYR H 37 55.16 -33.87 -12.35
N HIS H 38 55.40 -35.16 -12.62
CA HIS H 38 56.04 -35.55 -13.88
C HIS H 38 55.37 -36.81 -14.42
N GLN H 39 55.44 -36.98 -15.74
CA GLN H 39 54.98 -38.19 -16.42
C GLN H 39 56.11 -38.69 -17.31
N ALA H 40 56.59 -39.90 -17.01
CA ALA H 40 57.59 -40.52 -17.87
C ALA H 40 56.91 -41.26 -19.03
N PRO H 41 57.60 -41.44 -20.15
CA PRO H 41 57.01 -42.19 -21.27
C PRO H 41 56.77 -43.65 -20.88
N GLY H 42 55.52 -44.06 -20.97
CA GLY H 42 55.12 -45.40 -20.60
C GLY H 42 54.83 -45.61 -19.12
N LYS H 43 54.95 -44.57 -18.30
CA LYS H 43 54.71 -44.68 -16.87
C LYS H 43 53.74 -43.57 -16.46
N GLN H 44 52.90 -43.87 -15.47
CA GLN H 44 51.86 -42.95 -15.03
C GLN H 44 52.46 -41.74 -14.32
N ARG H 45 51.61 -40.75 -14.06
CA ARG H 45 52.05 -39.48 -13.48
C ARG H 45 52.49 -39.67 -12.03
N GLU H 46 53.58 -38.99 -11.67
CA GLU H 46 54.15 -39.07 -10.33
C GLU H 46 54.51 -37.68 -9.84
N LEU H 47 54.25 -37.43 -8.56
CA LEU H 47 54.58 -36.15 -7.94
C LEU H 47 56.08 -35.93 -7.84
N VAL H 48 56.51 -34.68 -8.05
CA VAL H 48 57.90 -34.31 -7.78
C VAL H 48 57.96 -33.68 -6.40
N ALA H 49 57.31 -32.52 -6.23
CA ALA H 49 57.56 -31.70 -5.06
C ALA H 49 56.35 -30.82 -4.75
N THR H 50 56.30 -30.32 -3.51
CA THR H 50 55.16 -29.49 -3.10
C THR H 50 55.58 -28.43 -2.09
N ILE H 51 54.97 -27.26 -2.21
CA ILE H 51 55.15 -26.15 -1.27
C ILE H 51 53.79 -25.53 -1.00
N ASN H 52 53.43 -25.39 0.27
CA ASN H 52 52.16 -24.80 0.63
C ASN H 52 52.34 -23.34 1.03
N ARG H 53 51.24 -22.69 1.39
CA ARG H 53 51.29 -21.25 1.66
C ARG H 53 52.09 -20.95 2.92
N CYS H 54 51.93 -21.77 3.96
CA CYS H 54 52.63 -21.50 5.22
C CYS H 54 54.13 -21.53 5.05
N GLY H 55 54.63 -22.52 4.31
CA GLY H 55 56.07 -22.64 4.10
C GLY H 55 56.57 -24.07 4.14
N SER H 56 55.69 -25.01 4.50
CA SER H 56 56.07 -26.41 4.54
C SER H 56 56.47 -26.88 3.14
N THR H 57 57.55 -27.65 3.08
CA THR H 57 58.11 -28.13 1.83
C THR H 57 58.24 -29.64 1.88
N ASN H 58 57.87 -30.31 0.78
CA ASN H 58 58.00 -31.76 0.73
C ASN H 58 58.46 -32.19 -0.65
N TYR H 59 59.16 -33.33 -0.68
CA TYR H 59 59.63 -33.95 -1.91
C TYR H 59 59.35 -35.44 -1.87
N SER H 60 59.30 -36.05 -3.05
CA SER H 60 59.18 -37.49 -3.16
C SER H 60 60.53 -38.14 -2.87
N ASP H 61 60.56 -39.47 -2.94
CA ASP H 61 61.72 -40.21 -2.46
C ASP H 61 62.95 -39.94 -3.32
N SER H 62 62.79 -39.84 -4.63
CA SER H 62 63.91 -39.67 -5.55
C SER H 62 64.16 -38.21 -5.91
N VAL H 63 63.82 -37.27 -5.03
CA VAL H 63 63.88 -35.85 -5.39
C VAL H 63 64.88 -35.08 -4.53
N LYS H 64 65.05 -35.50 -3.27
CA LYS H 64 65.86 -34.71 -2.35
C LYS H 64 67.33 -34.77 -2.72
N GLY H 65 68.04 -33.66 -2.49
CA GLY H 65 69.46 -33.59 -2.70
C GLY H 65 69.90 -33.09 -4.06
N ARG H 66 69.01 -33.11 -5.04
CA ARG H 66 69.36 -32.65 -6.38
C ARG H 66 68.55 -31.44 -6.83
N PHE H 67 67.24 -31.46 -6.64
CA PHE H 67 66.39 -30.32 -6.96
C PHE H 67 65.60 -29.94 -5.72
N ILE H 68 65.55 -28.65 -5.43
CA ILE H 68 64.73 -28.09 -4.36
C ILE H 68 63.76 -27.08 -4.99
N ILE H 69 62.73 -26.72 -4.22
CA ILE H 69 61.66 -25.87 -4.71
C ILE H 69 61.76 -24.50 -4.04
N SER H 70 61.64 -23.45 -4.84
CA SER H 70 61.78 -22.07 -4.37
C SER H 70 60.69 -21.21 -4.99
N SER H 71 60.53 -20.01 -4.45
CA SER H 71 59.57 -19.04 -4.97
C SER H 71 59.95 -17.65 -4.47
N ASP H 72 60.16 -16.73 -5.40
CA ASP H 72 60.52 -15.37 -5.04
C ASP H 72 59.31 -14.45 -5.14
N ASN H 73 59.06 -13.70 -4.05
CA ASN H 73 57.88 -12.83 -4.00
C ASN H 73 58.17 -11.49 -4.63
N ALA H 74 58.76 -11.49 -5.79
CA ALA H 74 58.98 -10.26 -6.52
C ALA H 74 58.40 -10.32 -7.92
N LYS H 75 58.52 -11.48 -8.57
CA LYS H 75 57.69 -11.83 -9.71
C LYS H 75 57.02 -13.16 -9.37
N ASN H 76 55.70 -13.16 -9.38
CA ASN H 76 54.93 -14.30 -8.90
C ASN H 76 55.27 -15.56 -9.68
N SER H 77 55.97 -16.49 -9.05
CA SER H 77 56.49 -17.66 -9.74
C SER H 77 57.01 -18.65 -8.72
N VAL H 78 56.95 -19.92 -9.06
CA VAL H 78 57.53 -21.00 -8.25
C VAL H 78 58.71 -21.57 -9.02
N TYR H 79 59.79 -21.87 -8.30
CA TYR H 79 61.05 -22.26 -8.91
C TYR H 79 61.42 -23.68 -8.51
N LEU H 80 61.83 -24.46 -9.51
CA LEU H 80 62.33 -25.83 -9.32
C LEU H 80 63.57 -25.96 -10.19
N GLN H 81 64.74 -25.72 -9.62
CA GLN H 81 66.01 -25.87 -10.30
C GLN H 81 66.56 -27.27 -10.02
N MET H 82 67.07 -27.91 -11.06
CA MET H 82 67.50 -29.30 -11.01
C MET H 82 69.01 -29.41 -11.21
N ASN H 83 69.63 -30.35 -10.50
CA ASN H 83 71.06 -30.61 -10.62
C ASN H 83 71.30 -32.10 -10.81
N SER H 84 72.33 -32.41 -11.61
CA SER H 84 72.76 -33.78 -11.88
C SER H 84 71.61 -34.62 -12.45
N LEU H 85 71.19 -34.24 -13.64
CA LEU H 85 70.11 -34.94 -14.33
C LEU H 85 70.60 -36.27 -14.91
N LYS H 86 69.71 -37.26 -14.87
CA LYS H 86 69.98 -38.59 -15.40
C LYS H 86 68.86 -38.97 -16.38
N ASP H 87 68.98 -40.16 -16.94
CA ASP H 87 68.11 -40.55 -18.06
C ASP H 87 66.65 -40.69 -17.63
N GLU H 88 66.40 -41.35 -16.49
CA GLU H 88 65.02 -41.61 -16.09
C GLU H 88 64.26 -40.34 -15.70
N ASP H 89 64.95 -39.21 -15.53
CA ASP H 89 64.29 -37.93 -15.30
C ASP H 89 63.76 -37.31 -16.58
N THR H 90 64.00 -37.93 -17.74
CA THR H 90 63.37 -37.51 -18.97
C THR H 90 61.88 -37.77 -18.88
N ALA H 91 61.09 -36.71 -18.90
CA ALA H 91 59.66 -36.81 -18.66
C ALA H 91 59.02 -35.47 -19.01
N VAL H 92 57.70 -35.43 -18.98
CA VAL H 92 56.97 -34.18 -19.13
C VAL H 92 56.56 -33.70 -17.75
N TYR H 93 56.94 -32.47 -17.41
CA TYR H 93 56.70 -31.90 -16.10
C TYR H 93 55.51 -30.94 -16.15
N SER H 94 54.81 -30.86 -15.01
CA SER H 94 53.66 -29.98 -14.87
C SER H 94 53.65 -29.40 -13.46
N CYS H 95 53.11 -28.19 -13.33
CA CYS H 95 52.94 -27.53 -12.04
C CYS H 95 51.46 -27.28 -11.79
N HIS H 96 51.03 -27.56 -10.57
CA HIS H 96 49.63 -27.55 -10.19
C HIS H 96 49.41 -26.58 -9.04
N ALA H 97 48.34 -25.78 -9.11
CA ALA H 97 48.03 -24.80 -8.07
C ALA H 97 46.56 -24.87 -7.71
N ARG H 98 46.26 -24.87 -6.41
CA ARG H 98 44.90 -25.14 -5.95
C ARG H 98 44.37 -23.98 -5.12
N THR H 99 43.79 -22.97 -5.78
CA THR H 99 43.27 -21.82 -5.06
C THR H 99 41.88 -22.10 -4.47
N TRP H 100 40.87 -22.30 -5.31
CA TRP H 100 39.62 -22.92 -4.91
C TRP H 100 39.17 -23.98 -5.88
N THR H 101 39.76 -24.06 -7.06
CA THR H 101 39.68 -25.20 -7.96
C THR H 101 41.07 -25.49 -8.48
N SER H 102 41.38 -26.76 -8.69
CA SER H 102 42.69 -27.15 -9.17
C SER H 102 42.96 -26.55 -10.56
N TYR H 103 44.16 -25.99 -10.73
CA TYR H 103 44.64 -25.45 -12.00
C TYR H 103 45.90 -26.19 -12.41
N TRP H 104 45.92 -26.66 -13.65
CA TRP H 104 47.09 -27.31 -14.24
C TRP H 104 47.60 -26.52 -15.43
N GLY H 105 48.90 -26.67 -15.70
CA GLY H 105 49.51 -26.16 -16.91
C GLY H 105 49.69 -27.26 -17.95
N ARG H 106 50.15 -26.84 -19.12
CA ARG H 106 50.28 -27.77 -20.24
C ARG H 106 51.61 -28.52 -20.24
N GLY H 107 52.47 -28.28 -19.27
CA GLY H 107 53.67 -29.07 -19.10
C GLY H 107 54.78 -28.69 -20.06
N THR H 108 55.93 -29.31 -19.85
CA THR H 108 57.07 -29.13 -20.72
C THR H 108 57.89 -30.41 -20.75
N GLN H 109 58.49 -30.71 -21.91
CA GLN H 109 59.26 -31.93 -22.09
C GLN H 109 60.70 -31.70 -21.64
N VAL H 110 61.25 -32.68 -20.91
CA VAL H 110 62.64 -32.64 -20.48
C VAL H 110 63.28 -33.95 -20.92
N THR H 111 64.29 -33.84 -21.78
CA THR H 111 65.00 -34.99 -22.30
C THR H 111 66.46 -34.91 -21.89
N VAL H 112 67.03 -36.04 -21.49
CA VAL H 112 68.40 -36.11 -21.00
C VAL H 112 69.17 -37.07 -21.90
N SER H 113 70.32 -36.61 -22.40
CA SER H 113 71.14 -37.42 -23.28
C SER H 113 72.12 -38.26 -22.47
N SER H 114 72.11 -39.57 -22.70
CA SER H 114 73.02 -40.49 -22.02
C SER H 114 73.22 -41.74 -22.84
N VAL I 2 4.59 7.13 -45.11
CA VAL I 2 6.02 7.38 -44.93
C VAL I 2 6.81 6.43 -45.84
N GLN I 3 6.27 5.22 -46.00
CA GLN I 3 6.76 4.13 -46.85
C GLN I 3 8.24 4.19 -47.22
N LEU I 4 8.56 4.51 -48.47
CA LEU I 4 9.89 4.29 -49.01
C LEU I 4 10.74 5.55 -48.97
N GLN I 5 12.01 5.38 -48.65
CA GLN I 5 13.01 6.43 -48.59
C GLN I 5 14.21 6.01 -49.43
N GLU I 6 15.28 6.81 -49.37
CA GLU I 6 16.42 6.66 -50.26
C GLU I 6 17.71 7.01 -49.54
N SER I 7 18.84 6.61 -50.15
CA SER I 7 20.17 6.93 -49.59
C SER I 7 21.26 6.44 -50.56
N GLY I 8 22.50 6.90 -50.40
CA GLY I 8 23.61 6.41 -51.26
C GLY I 8 23.96 7.40 -52.35
N GLY I 9 25.22 7.39 -52.82
CA GLY I 9 25.67 8.31 -53.88
C GLY I 9 26.46 9.48 -53.31
N GLY I 10 27.37 10.05 -54.09
CA GLY I 10 28.22 11.16 -53.60
C GLY I 10 28.88 11.92 -54.73
N LEU I 11 29.65 12.96 -54.41
CA LEU I 11 30.32 13.78 -55.45
C LEU I 11 31.28 12.92 -56.28
N VAL I 12 31.46 13.23 -57.56
CA VAL I 12 32.31 12.39 -58.44
C VAL I 12 33.03 13.29 -59.46
N GLN I 13 34.23 12.89 -59.89
CA GLN I 13 34.96 13.67 -60.93
C GLN I 13 34.41 13.28 -62.30
N PRO I 14 34.25 14.21 -63.26
CA PRO I 14 33.67 13.89 -64.58
C PRO I 14 34.46 12.82 -65.32
N GLY I 15 33.73 11.97 -66.03
CA GLY I 15 34.31 10.83 -66.71
C GLY I 15 34.33 9.55 -65.91
N GLY I 16 33.85 9.57 -64.67
CA GLY I 16 33.83 8.41 -63.81
C GLY I 16 32.57 7.58 -63.96
N SER I 17 32.22 6.88 -62.90
CA SER I 17 31.08 5.98 -62.92
C SER I 17 30.55 5.82 -61.50
N LEU I 18 29.25 5.53 -61.39
CA LEU I 18 28.63 5.39 -60.09
C LEU I 18 27.41 4.49 -60.15
N ARG I 19 26.94 4.12 -58.97
CA ARG I 19 25.83 3.19 -58.76
C ARG I 19 24.87 3.78 -57.73
N LEU I 20 23.66 4.10 -58.19
CA LEU I 20 22.63 4.68 -57.29
C LEU I 20 21.49 3.67 -57.17
N SER I 21 21.43 2.94 -56.06
CA SER I 21 20.33 1.96 -55.84
C SER I 21 19.29 2.54 -54.89
N CYS I 22 18.05 2.67 -55.34
CA CYS I 22 16.97 3.14 -54.42
C CYS I 22 16.73 2.05 -53.38
N VAL I 23 16.66 2.41 -52.09
CA VAL I 23 16.60 1.38 -50.99
C VAL I 23 15.32 0.54 -51.01
N ALA I 24 15.30 -0.52 -50.19
CA ALA I 24 14.11 -1.40 -50.10
C ALA I 24 13.37 -1.15 -48.79
N SER I 25 12.09 -0.78 -48.83
CA SER I 25 11.25 -0.44 -47.69
C SER I 25 10.06 -1.37 -47.49
N GLY I 26 10.11 -2.57 -48.05
CA GLY I 26 9.02 -3.52 -47.92
C GLY I 26 8.43 -3.88 -49.26
N SER I 27 7.58 -4.91 -49.24
CA SER I 27 6.90 -5.37 -50.44
C SER I 27 5.79 -4.40 -50.77
N VAL I 28 5.89 -3.73 -51.93
CA VAL I 28 4.92 -2.75 -52.38
C VAL I 28 4.50 -3.15 -53.78
N THR I 29 3.26 -2.81 -54.13
CA THR I 29 2.70 -3.09 -55.45
C THR I 29 2.80 -1.85 -56.32
N PHE I 30 3.47 -1.97 -57.46
CA PHE I 30 3.64 -0.85 -58.38
C PHE I 30 3.78 -1.40 -59.79
N ASN I 31 3.84 -0.50 -60.76
CA ASN I 31 4.17 -0.88 -62.13
C ASN I 31 5.10 0.09 -62.83
N SER I 32 5.58 1.13 -62.14
CA SER I 32 6.44 2.13 -62.75
C SER I 32 7.42 2.63 -61.71
N MET I 33 8.72 2.44 -61.98
CA MET I 33 9.79 2.97 -61.14
C MET I 33 10.53 4.03 -61.95
N GLY I 34 10.46 5.28 -61.50
CA GLY I 34 11.05 6.38 -62.23
C GLY I 34 12.19 7.01 -61.46
N TRP I 35 13.18 7.50 -62.21
CA TRP I 35 14.33 8.24 -61.68
C TRP I 35 14.32 9.60 -62.35
N TYR I 36 14.26 10.66 -61.53
CA TYR I 36 14.41 12.03 -61.98
C TYR I 36 15.64 12.66 -61.33
N ARG I 37 16.13 13.74 -61.95
CA ARG I 37 17.11 14.60 -61.33
C ARG I 37 16.63 16.02 -61.38
N GLN I 38 16.99 16.81 -60.37
CA GLN I 38 16.66 18.23 -60.35
C GLN I 38 17.92 19.02 -60.01
N ALA I 39 18.10 20.14 -60.70
CA ALA I 39 19.22 21.05 -60.51
C ALA I 39 18.71 22.44 -60.13
N PRO I 40 19.45 23.19 -59.30
CA PRO I 40 18.99 24.53 -58.90
C PRO I 40 18.81 25.42 -60.12
N GLY I 41 17.67 26.12 -60.14
CA GLY I 41 17.32 26.94 -61.28
C GLY I 41 16.78 26.18 -62.47
N LYS I 42 16.59 24.87 -62.34
CA LYS I 42 16.13 24.02 -63.43
C LYS I 42 14.97 23.16 -62.96
N GLN I 43 14.04 22.88 -63.87
CA GLN I 43 12.90 22.05 -63.56
C GLN I 43 13.32 20.59 -63.41
N ARG I 44 12.55 19.86 -62.61
CA ARG I 44 12.73 18.42 -62.50
C ARG I 44 12.40 17.75 -63.83
N GLU I 45 13.26 16.82 -64.25
CA GLU I 45 13.07 16.15 -65.52
C GLU I 45 13.19 14.64 -65.32
N LEU I 46 12.40 13.90 -66.09
CA LEU I 46 12.41 12.44 -66.05
C LEU I 46 13.57 11.93 -66.88
N VAL I 47 14.47 11.19 -66.24
CA VAL I 47 15.63 10.64 -66.94
C VAL I 47 15.50 9.15 -67.16
N ALA I 48 14.84 8.43 -66.27
CA ALA I 48 14.69 6.99 -66.47
C ALA I 48 13.34 6.54 -65.97
N GLN I 49 12.80 5.51 -66.63
CA GLN I 49 11.55 4.92 -66.15
C GLN I 49 11.50 3.46 -66.58
N ILE I 50 11.41 2.55 -65.61
CA ILE I 50 11.28 1.13 -65.90
C ILE I 50 9.87 0.67 -65.51
N THR I 51 9.28 -0.13 -66.39
CA THR I 51 7.92 -0.63 -66.20
C THR I 51 7.97 -2.06 -65.66
N ALA I 52 6.81 -2.53 -65.21
CA ALA I 52 6.71 -3.91 -64.73
C ALA I 52 6.99 -4.91 -65.86
N GLY I 53 6.46 -4.62 -67.05
CA GLY I 53 6.73 -5.49 -68.19
C GLY I 53 8.19 -5.48 -68.61
N GLY I 54 8.82 -4.31 -68.57
CA GLY I 54 10.22 -4.21 -68.92
C GLY I 54 10.57 -3.07 -69.85
N ASP I 55 9.60 -2.18 -70.11
CA ASP I 55 9.87 -1.03 -70.95
C ASP I 55 10.77 -0.04 -70.22
N THR I 56 11.88 0.31 -70.83
CA THR I 56 12.89 1.19 -70.23
C THR I 56 12.90 2.50 -71.01
N HIS I 57 12.07 3.46 -70.58
CA HIS I 57 12.04 4.76 -71.22
C HIS I 57 13.21 5.60 -70.72
N TYR I 58 13.99 6.11 -71.67
CA TYR I 58 15.23 6.84 -71.40
C TYR I 58 15.16 8.20 -72.08
N ALA I 59 15.65 9.22 -71.38
CA ALA I 59 15.62 10.56 -71.94
C ALA I 59 16.63 10.70 -73.08
N ASP I 60 16.43 11.72 -73.92
CA ASP I 60 17.32 11.93 -75.05
C ASP I 60 18.71 12.37 -74.62
N SER I 61 18.84 12.98 -73.44
CA SER I 61 20.14 13.44 -72.96
C SER I 61 20.86 12.41 -72.11
N VAL I 62 20.24 11.28 -71.80
CA VAL I 62 20.85 10.30 -70.90
C VAL I 62 20.92 8.93 -71.56
N LYS I 63 20.62 8.85 -72.85
CA LYS I 63 20.71 7.57 -73.55
C LYS I 63 22.17 7.17 -73.69
N GLY I 64 22.46 5.91 -73.35
CA GLY I 64 23.81 5.38 -73.45
C GLY I 64 24.70 5.65 -72.27
N ARG I 65 24.25 6.44 -71.29
CA ARG I 65 25.07 6.76 -70.13
C ARG I 65 24.40 6.39 -68.82
N PHE I 66 23.10 6.59 -68.68
CA PHE I 66 22.34 6.14 -67.52
C PHE I 66 21.54 4.90 -67.92
N THR I 67 21.74 3.80 -67.20
CA THR I 67 20.96 2.60 -67.46
C THR I 67 20.32 2.09 -66.18
N ILE I 68 19.05 1.71 -66.27
CA ILE I 68 18.25 1.36 -65.11
C ILE I 68 18.01 -0.15 -65.11
N SER I 69 17.75 -0.70 -63.92
CA SER I 69 17.54 -2.12 -63.74
C SER I 69 16.73 -2.35 -62.48
N GLU I 70 16.25 -3.59 -62.32
CA GLU I 70 15.40 -3.96 -61.20
C GLU I 70 15.92 -5.27 -60.61
N HIS I 71 15.75 -5.44 -59.30
CA HIS I 71 16.12 -6.66 -58.59
C HIS I 71 14.98 -7.07 -57.69
N ARG I 72 14.33 -8.18 -58.01
CA ARG I 72 13.21 -8.65 -57.20
C ARG I 72 13.65 -9.37 -55.94
N GLY I 73 14.91 -9.81 -55.88
CA GLY I 73 15.37 -10.54 -54.71
C GLY I 73 15.26 -9.72 -53.43
N LYS I 74 15.73 -8.47 -53.48
CA LYS I 74 15.51 -7.53 -52.39
C LYS I 74 14.72 -6.31 -52.85
N ASN I 75 13.93 -6.44 -53.93
CA ASN I 75 12.92 -5.46 -54.35
C ASN I 75 13.52 -4.06 -54.53
N ALA I 76 14.74 -3.97 -55.03
CA ALA I 76 15.44 -2.71 -55.15
C ALA I 76 15.67 -2.37 -56.63
N VAL I 77 15.54 -1.10 -56.97
CA VAL I 77 15.82 -0.63 -58.32
C VAL I 77 17.18 0.02 -58.35
N TYR I 78 17.89 -0.15 -59.46
CA TYR I 78 19.26 0.31 -59.63
C TYR I 78 19.38 1.26 -60.81
N LEU I 79 20.22 2.27 -60.66
CA LEU I 79 20.60 3.16 -61.75
C LEU I 79 22.13 3.20 -61.81
N GLU I 80 22.69 2.60 -62.85
CA GLU I 80 24.13 2.62 -63.07
C GLU I 80 24.46 3.71 -64.09
N MET I 81 25.35 4.62 -63.70
CA MET I 81 25.62 5.81 -64.50
C MET I 81 27.09 5.83 -64.90
N HIS I 82 27.33 5.95 -66.21
CA HIS I 82 28.67 5.98 -66.79
C HIS I 82 28.83 7.25 -67.61
N SER I 83 30.08 7.64 -67.82
CA SER I 83 30.43 8.77 -68.68
C SER I 83 29.75 10.06 -68.22
N LEU I 84 30.02 10.42 -66.97
CA LEU I 84 29.34 11.55 -66.34
C LEU I 84 29.94 12.87 -66.79
N LYS I 85 29.10 13.91 -66.78
CA LYS I 85 29.45 15.26 -67.17
C LYS I 85 29.03 16.24 -66.10
N PRO I 86 29.61 17.45 -66.09
CA PRO I 86 29.19 18.45 -65.10
C PRO I 86 27.72 18.82 -65.18
N GLU I 87 27.10 18.66 -66.35
CA GLU I 87 25.68 18.93 -66.48
C GLU I 87 24.81 17.94 -65.71
N ASP I 88 25.38 16.83 -65.24
CA ASP I 88 24.65 15.84 -64.48
C ASP I 88 24.61 16.12 -62.98
N THR I 89 25.27 17.18 -62.53
CA THR I 89 25.21 17.53 -61.11
C THR I 89 23.78 17.88 -60.72
N ALA I 90 23.16 17.02 -59.91
CA ALA I 90 21.76 17.18 -59.55
C ALA I 90 21.42 16.31 -58.35
N VAL I 91 20.22 16.51 -57.84
CA VAL I 91 19.66 15.68 -56.78
C VAL I 91 18.72 14.67 -57.44
N TYR I 92 18.94 13.38 -57.14
CA TYR I 92 18.14 12.31 -57.79
C TYR I 92 17.04 11.83 -56.84
N TYR I 93 15.91 11.36 -57.38
CA TYR I 93 14.77 10.96 -56.52
C TYR I 93 14.09 9.69 -57.07
N CYS I 94 13.25 9.03 -56.26
CA CYS I 94 12.50 7.84 -56.74
C CYS I 94 11.00 8.00 -56.47
N HIS I 95 10.18 8.13 -57.51
CA HIS I 95 8.70 8.22 -57.35
C HIS I 95 8.13 6.79 -57.37
N LEU I 96 6.83 6.62 -57.14
CA LEU I 96 6.26 5.24 -57.05
C LEU I 96 4.91 5.10 -57.78
N GLN I 97 4.60 3.91 -58.29
CA GLN I 97 3.36 3.66 -59.01
C GLN I 97 2.35 3.00 -58.09
N VAL I 98 2.15 3.58 -56.91
CA VAL I 98 1.13 3.08 -56.01
C VAL I 98 -0.22 3.40 -56.67
N PRO I 99 -1.02 2.40 -56.97
CA PRO I 99 -2.23 2.59 -57.79
C PRO I 99 -3.45 3.05 -56.99
N PHE I 100 -3.53 4.34 -56.74
CA PHE I 100 -4.64 4.90 -55.97
C PHE I 100 -5.60 5.58 -56.93
N LEU I 101 -6.87 5.18 -56.87
CA LEU I 101 -7.96 5.86 -57.56
C LEU I 101 -7.64 6.03 -59.04
N GLY I 102 -7.28 4.91 -59.68
CA GLY I 102 -6.83 4.98 -61.05
C GLY I 102 -5.39 5.38 -61.24
N GLY I 103 -4.65 5.60 -60.16
CA GLY I 103 -3.22 5.87 -60.26
C GLY I 103 -2.80 7.24 -59.73
N GLY I 104 -1.73 7.27 -58.94
CA GLY I 104 -1.19 8.51 -58.45
C GLY I 104 -0.60 8.35 -57.07
N TYR I 105 -0.36 9.49 -56.42
CA TYR I 105 0.27 9.58 -55.10
C TYR I 105 1.63 8.88 -55.06
N ASP I 106 2.59 9.40 -55.81
CA ASP I 106 3.96 8.93 -55.74
C ASP I 106 4.67 9.50 -54.51
N TYR I 107 5.79 8.85 -54.14
CA TYR I 107 6.52 9.12 -52.91
C TYR I 107 7.95 9.60 -53.18
N TRP I 108 8.12 10.50 -54.16
CA TRP I 108 9.47 10.81 -54.66
C TRP I 108 10.29 11.70 -53.74
N GLY I 109 9.73 12.14 -52.62
CA GLY I 109 10.29 13.23 -51.83
C GLY I 109 11.75 13.19 -51.39
N GLN I 110 12.26 12.03 -50.96
CA GLN I 110 13.53 11.96 -50.23
C GLN I 110 14.62 11.39 -51.13
N GLY I 111 15.51 12.24 -51.63
CA GLY I 111 16.52 11.82 -52.59
C GLY I 111 17.96 12.06 -52.19
N THR I 112 18.88 12.01 -53.16
CA THR I 112 20.31 12.12 -52.84
C THR I 112 21.01 13.08 -53.79
N GLN I 113 21.92 13.89 -53.26
CA GLN I 113 22.66 14.86 -54.06
C GLN I 113 23.91 14.22 -54.64
N VAL I 114 24.07 14.29 -55.96
CA VAL I 114 25.28 13.85 -56.65
C VAL I 114 25.82 15.04 -57.43
N THR I 115 27.11 15.34 -57.24
CA THR I 115 27.77 16.45 -57.90
C THR I 115 28.89 15.91 -58.78
N VAL I 116 28.90 16.32 -60.04
CA VAL I 116 29.92 15.93 -61.01
C VAL I 116 30.72 17.18 -61.34
N SER I 117 31.89 17.32 -60.74
CA SER I 117 32.75 18.47 -60.98
C SER I 117 34.20 18.07 -60.72
N SER I 118 35.11 18.89 -61.24
CA SER I 118 36.54 18.65 -61.05
C SER I 118 37.07 19.21 -59.73
N GLY I 119 36.24 19.91 -58.96
CA GLY I 119 36.68 20.50 -57.72
C GLY I 119 35.72 20.32 -56.55
C1 NAG J . -18.18 22.83 -36.41
C2 NAG J . -17.94 23.29 -34.97
C3 NAG J . -19.18 23.02 -34.12
C4 NAG J . -20.40 23.67 -34.77
C5 NAG J . -20.54 23.20 -36.22
C6 NAG J . -21.67 23.89 -36.96
C7 NAG J . -15.85 23.30 -33.68
C8 NAG J . -14.72 22.48 -33.16
N2 NAG J . -16.78 22.65 -34.39
O3 NAG J . -19.00 23.55 -32.82
O4 NAG J . -21.58 23.32 -34.04
O5 NAG J . -19.33 23.48 -36.94
O6 NAG J . -21.20 24.46 -38.17
O7 NAG J . -15.93 24.51 -33.49
C1 NAG K . -43.54 23.11 1.76
C2 NAG K . -43.16 23.40 0.30
C3 NAG K . -44.42 23.43 -0.57
C4 NAG K . -45.20 22.15 -0.40
C5 NAG K . -45.51 21.89 1.07
C6 NAG K . -46.19 20.57 1.31
C7 NAG K . -41.50 24.88 -0.74
C8 NAG K . -40.85 26.24 -0.71
N2 NAG K . -42.44 24.65 0.19
O3 NAG K . -44.04 23.60 -1.94
O4 NAG K . -46.43 22.23 -1.13
O5 NAG K . -44.28 21.87 1.81
O6 NAG K . -45.61 19.86 2.40
O7 NAG K . -41.19 24.04 -1.58
C1 NAG L . -40.45 -12.14 -9.20
C2 NAG L . -40.47 -13.25 -8.16
C3 NAG L . -41.70 -14.14 -8.35
C4 NAG L . -42.96 -13.29 -8.34
C5 NAG L . -42.86 -12.16 -9.36
C6 NAG L . -44.03 -11.21 -9.31
C7 NAG L . -38.88 -14.92 -7.29
C8 NAG L . -37.61 -15.66 -7.55
N2 NAG L . -39.25 -14.06 -8.24
O3 NAG L . -41.77 -15.11 -7.31
O4 NAG L . -44.09 -14.10 -8.64
O5 NAG L . -41.68 -11.38 -9.13
O6 NAG L . -45.27 -11.91 -9.33
O7 NAG L . -39.55 -15.10 -6.28
C1 NAG M . -45.24 -31.64 -18.31
C2 NAG M . -45.65 -30.50 -19.22
C3 NAG M . -46.76 -29.69 -18.59
C4 NAG M . -47.92 -30.60 -18.21
C5 NAG M . -47.44 -31.78 -17.37
C6 NAG M . -48.52 -32.81 -17.11
C7 NAG M . -44.13 -29.38 -20.79
C8 NAG M . -42.94 -28.49 -20.94
N2 NAG M . -44.51 -29.65 -19.55
O3 NAG M . -47.20 -28.69 -19.49
O4 NAG M . -48.90 -29.87 -17.47
O5 NAG M . -46.38 -32.47 -18.05
O6 NAG M . -48.03 -34.13 -17.32
O7 NAG M . -44.72 -29.85 -21.76
C1 NAG N . -29.51 26.49 -60.56
C2 NAG N . -30.03 25.77 -59.30
C3 NAG N . -30.25 26.79 -58.18
C4 NAG N . -28.99 27.61 -57.94
C5 NAG N . -28.51 28.24 -59.26
C6 NAG N . -27.19 28.95 -59.11
C7 NAG N . -31.35 23.71 -59.53
C8 NAG N . -30.09 22.98 -59.17
N2 NAG N . -31.25 25.05 -59.58
O3 NAG N . -30.60 26.09 -56.99
O4 NAG N . -29.25 28.64 -57.01
O5 NAG N . -28.31 27.21 -60.24
O6 NAG N . -26.96 29.35 -57.76
O7 NAG N . -32.40 23.13 -59.77
C1 NAG O . -30.79 -0.12 -42.49
C2 NAG O . -31.57 -0.37 -41.20
C3 NAG O . -32.76 -1.29 -41.48
C4 NAG O . -33.61 -0.71 -42.61
C5 NAG O . -32.76 -0.37 -43.83
C6 NAG O . -33.55 0.39 -44.87
C7 NAG O . -30.11 -0.18 -39.24
C8 NAG O . -29.28 -0.92 -38.23
N2 NAG O . -30.73 -0.93 -40.16
O3 NAG O . -33.53 -1.42 -40.30
O4 NAG O . -34.59 -1.65 -42.99
O5 NAG O . -31.65 0.46 -43.47
O6 NAG O . -34.95 0.35 -44.57
O7 NAG O . -30.21 1.04 -39.22
C1 NAG P . -39.02 4.13 -71.30
C2 NAG P . -40.04 4.38 -72.40
C3 NAG P . -41.38 3.76 -72.01
C4 NAG P . -41.20 2.29 -71.67
C5 NAG P . -40.10 2.10 -70.63
C6 NAG P . -39.77 0.65 -70.38
C7 NAG P . -39.52 6.41 -73.67
C8 NAG P . -39.78 7.87 -73.83
N2 NAG P . -40.19 5.79 -72.68
O3 NAG P . -42.30 3.92 -73.08
O4 NAG P . -42.42 1.76 -71.16
O5 NAG P . -38.89 2.73 -71.06
O6 NAG P . -38.72 0.22 -71.26
O7 NAG P . -38.73 5.80 -74.40
C1 NAG Q . -9.45 34.83 -46.21
C2 NAG Q . -8.84 35.37 -44.92
C3 NAG Q . -9.41 36.76 -44.61
C4 NAG Q . -9.26 37.68 -45.81
C5 NAG Q . -9.86 37.04 -47.05
C6 NAG Q . -9.63 37.86 -48.30
C7 NAG Q . -8.09 33.78 -43.21
C8 NAG Q . -8.50 32.89 -42.08
N2 NAG Q . -9.06 34.47 -43.81
O3 NAG Q . -8.74 37.30 -43.48
O4 NAG Q . -9.92 38.91 -45.55
O5 NAG Q . -9.24 35.75 -47.28
O6 NAG Q . -10.37 37.34 -49.40
O7 NAG Q . -6.91 33.87 -43.58
C1 NAG R . -16.20 -29.71 -35.44
C2 NAG R . -15.17 -29.90 -34.33
C3 NAG R . -14.69 -31.35 -34.30
C4 NAG R . -15.88 -32.30 -34.21
C5 NAG R . -16.89 -32.00 -35.32
C6 NAG R . -18.14 -32.83 -35.22
C7 NAG R . -13.48 -28.30 -33.53
C8 NAG R . -12.34 -27.42 -33.91
N2 NAG R . -14.04 -29.00 -34.52
O3 NAG R . -13.82 -31.55 -33.19
O4 NAG R . -15.45 -33.65 -34.31
O5 NAG R . -17.28 -30.63 -35.25
O6 NAG R . -19.24 -32.18 -35.84
O7 NAG R . -13.89 -28.37 -32.37
C1 NAG S . -6.25 17.80 -64.63
C2 NAG S . -5.60 18.60 -65.77
C3 NAG S . -5.82 20.09 -65.57
C4 NAG S . -5.21 20.58 -64.26
C5 NAG S . -5.21 19.48 -63.21
C6 NAG S . -5.31 20.01 -61.81
C7 NAG S . -3.47 18.48 -66.98
C8 NAG S . -2.02 18.15 -66.88
N2 NAG S . -4.17 18.32 -65.84
O3 NAG S . -7.22 20.37 -65.57
O4 NAG S . -3.87 21.01 -64.49
O5 NAG S . -6.34 18.63 -63.41
O6 NAG S . -6.67 20.17 -61.42
O7 NAG S . -3.99 18.85 -68.02
C1 NAG T . -8.73 14.11 -84.16
C2 NAG T . -9.49 15.28 -84.80
C3 NAG T . -8.65 16.56 -84.72
C4 NAG T . -8.18 16.81 -83.30
C5 NAG T . -7.45 15.59 -82.77
C6 NAG T . -7.03 15.72 -81.32
C7 NAG T . -11.09 14.80 -86.65
C8 NAG T . -11.24 14.54 -88.11
N2 NAG T . -9.85 15.02 -86.18
O3 NAG T . -9.41 17.66 -85.22
O4 NAG T . -7.30 17.94 -83.29
O5 NAG T . -8.32 14.44 -82.84
O6 NAG T . -8.15 15.90 -80.45
O7 NAG T . -12.07 14.81 -85.90
C1 NAG U . 3.78 -15.63 -45.24
C2 NAG U . 2.89 -16.39 -46.23
C3 NAG U . 3.63 -17.58 -46.79
C4 NAG U . 4.97 -17.15 -47.38
C5 NAG U . 5.77 -16.35 -46.36
C6 NAG U . 7.04 -15.77 -46.92
C7 NAG U . 0.44 -16.51 -46.10
C8 NAG U . -0.73 -17.02 -45.33
N2 NAG U . 1.64 -16.80 -45.59
O3 NAG U . 2.84 -18.21 -47.80
O4 NAG U . 5.72 -18.30 -47.77
O5 NAG U . 4.99 -15.24 -45.88
O6 NAG U . 7.70 -14.93 -45.98
O7 NAG U . 0.31 -15.87 -47.14
C1 NAG V . -16.53 28.25 32.98
C2 NAG V . -15.37 28.16 31.97
C3 NAG V . -14.14 27.57 32.63
C4 NAG V . -13.78 28.35 33.88
C5 NAG V . -14.98 28.45 34.81
C6 NAG V . -14.73 29.33 36.01
C7 NAG V . -15.56 27.80 29.54
C8 NAG V . -16.02 26.88 28.46
N2 NAG V . -15.76 27.38 30.80
O3 NAG V . -13.06 27.58 31.71
O4 NAG V . -12.71 27.73 34.56
O5 NAG V . -16.11 29.00 34.11
O6 NAG V . -15.91 29.52 36.78
O7 NAG V . -15.03 28.89 29.30
C1 NAG W . -29.61 -22.33 31.31
C2 NAG W . -28.80 -23.59 31.65
C3 NAG W . -29.64 -24.84 31.36
C4 NAG W . -30.98 -24.75 32.07
C5 NAG W . -31.70 -23.45 31.70
C6 NAG W . -32.98 -23.24 32.47
C7 NAG W . -26.51 -24.39 31.24
C8 NAG W . -25.31 -24.30 30.34
N2 NAG W . -27.56 -23.64 30.88
O3 NAG W . -28.94 -26.00 31.80
O4 NAG W . -31.81 -25.85 31.72
O5 NAG W . -30.84 -22.35 32.01
O6 NAG W . -33.06 -21.91 32.96
O7 NAG W . -26.52 -25.10 32.24
C1 NAG X . 7.78 -14.31 39.41
C2 NAG X . 9.00 -14.05 40.29
C3 NAG X . 10.25 -14.68 39.69
C4 NAG X . 10.02 -16.15 39.40
C5 NAG X . 8.77 -16.35 38.56
C6 NAG X . 8.39 -17.80 38.37
C7 NAG X . 9.22 -12.07 41.71
C8 NAG X . 9.44 -10.58 41.75
N2 NAG X . 9.20 -12.62 40.50
O3 NAG X . 11.34 -14.52 40.58
O4 NAG X . 11.13 -16.69 38.70
O5 NAG X . 7.65 -15.71 39.19
O6 NAG X . 9.54 -18.62 38.17
O7 NAG X . 9.06 -12.72 42.73
C1 NAG Y . -2.32 -30.64 48.90
C2 NAG Y . -0.94 -31.26 48.72
C3 NAG Y . 0.10 -30.49 49.51
C4 NAG Y . 0.06 -29.01 49.15
C5 NAG Y . -1.37 -28.47 49.31
C6 NAG Y . -1.50 -27.04 48.85
C7 NAG Y . -0.44 -33.64 48.35
C8 NAG Y . -0.53 -35.03 48.91
N2 NAG Y . -0.95 -32.67 49.10
O3 NAG Y . 1.39 -31.02 49.23
O4 NAG Y . 0.93 -28.28 49.99
O5 NAG Y . -2.28 -29.26 48.53
O6 NAG Y . -2.86 -26.66 48.71
O7 NAG Y . 0.09 -33.41 47.27
C1 NAG Z . -30.34 36.52 54.37
C2 NAG Z . -29.79 37.78 53.70
C3 NAG Z . -28.34 37.58 53.30
C4 NAG Z . -27.51 37.08 54.47
C5 NAG Z . -28.15 35.81 55.06
C6 NAG Z . -27.45 35.30 56.29
C7 NAG Z . -31.37 39.26 52.47
C8 NAG Z . -32.08 39.48 51.16
N2 NAG Z . -30.58 38.18 52.54
O3 NAG Z . -27.81 38.79 52.80
O4 NAG Z . -26.19 36.77 54.03
O5 NAG Z . -29.51 36.11 55.45
O6 NAG Z . -27.45 36.25 57.36
O7 NAG Z . -31.51 40.03 53.41
C1 NAG AA . -21.36 6.12 48.10
C2 NAG AA . -20.35 7.25 47.84
C3 NAG AA . -19.08 7.05 48.68
C4 NAG AA . -19.42 6.86 50.14
C5 NAG AA . -20.34 5.65 50.26
C6 NAG AA . -20.78 5.38 51.68
C7 NAG AA . -20.28 8.41 45.69
C8 NAG AA . -19.87 8.32 44.25
N2 NAG AA . -20.03 7.33 46.44
O3 NAG AA . -18.25 8.20 48.52
O4 NAG AA . -18.24 6.63 50.90
O5 NAG AA . -21.54 5.91 49.51
O6 NAG AA . -21.98 4.60 51.69
O7 NAG AA . -20.80 9.42 46.16
C1 NAG BA . -39.60 16.69 70.43
C2 NAG BA . -40.17 16.12 71.72
C3 NAG BA . -39.03 15.61 72.62
C4 NAG BA . -38.14 14.63 71.86
C5 NAG BA . -37.66 15.29 70.57
C6 NAG BA . -36.84 14.38 69.69
C7 NAG BA . -42.29 17.28 72.19
C8 NAG BA . -42.96 18.33 73.03
N2 NAG BA . -40.97 17.11 72.41
O3 NAG BA . -39.56 15.00 73.80
O4 NAG BA . -37.02 14.28 72.66
O5 NAG BA . -38.77 15.72 69.77
O6 NAG BA . -36.84 14.83 68.34
O7 NAG BA . -42.90 16.65 71.33
C1 NAG CA . -27.16 42.52 29.66
C2 NAG CA . -26.08 42.79 28.61
C3 NAG CA . -24.69 42.70 29.24
C4 NAG CA . -24.60 43.62 30.44
C5 NAG CA . -25.72 43.31 31.42
C6 NAG CA . -25.76 44.24 32.61
C7 NAG CA . -26.28 42.22 26.23
C8 NAG CA . -26.38 41.12 25.22
N2 NAG CA . -26.19 41.84 27.51
O3 NAG CA . -23.72 43.08 28.27
O4 NAG CA . -23.34 43.47 31.09
O5 NAG CA . -26.99 43.42 30.76
O6 NAG CA . -27.09 44.59 32.95
O7 NAG CA . -26.25 43.41 25.90
C1 NAG DA . -44.24 -3.68 19.43
C2 NAG DA . -44.64 -5.04 20.00
C3 NAG DA . -46.13 -5.27 19.81
C4 NAG DA . -46.92 -4.13 20.43
C5 NAG DA . -46.46 -2.79 19.84
C6 NAG DA . -47.11 -1.61 20.52
C7 NAG DA . -43.68 -7.30 20.01
C8 NAG DA . -42.89 -8.32 19.25
N2 NAG DA . -43.87 -6.12 19.40
O3 NAG DA . -46.51 -6.50 20.42
O4 NAG DA . -48.31 -4.30 20.17
O5 NAG DA . -45.04 -2.64 20.02
O6 NAG DA . -46.41 -1.25 21.71
O7 NAG DA . -44.13 -7.52 21.13
C1 NAG EA . -46.32 32.15 36.23
C2 NAG EA . -47.64 32.82 35.90
C3 NAG EA . -47.70 33.19 34.42
C4 NAG EA . -46.50 34.04 34.05
C5 NAG EA . -45.21 33.33 34.44
C6 NAG EA . -43.98 34.19 34.21
C7 NAG EA . -49.45 32.14 37.41
C8 NAG EA . -50.60 31.19 37.62
N2 NAG EA . -48.78 31.99 36.26
O3 NAG EA . -48.91 33.90 34.16
O4 NAG EA . -46.49 34.29 32.65
O5 NAG EA . -45.23 32.99 35.83
O6 NAG EA . -44.06 34.88 32.98
O7 NAG EA . -49.15 32.99 38.23
C1 NAG FA . -60.82 36.50 50.67
C2 NAG FA . -59.81 37.56 51.08
C3 NAG FA . -59.80 38.70 50.08
C4 NAG FA . -59.57 38.17 48.67
C5 NAG FA . -60.60 37.08 48.35
C6 NAG FA . -60.37 36.43 47.00
C7 NAG FA . -59.49 37.59 53.52
C8 NAG FA . -59.90 38.23 54.82
N2 NAG FA . -60.09 38.05 52.43
O3 NAG FA . -58.78 39.63 50.42
O4 NAG FA . -59.69 39.23 47.72
O5 NAG FA . -60.53 36.04 49.34
O6 NAG FA . -61.54 36.49 46.20
O7 NAG FA . -58.65 36.70 53.47
C1 NAG GA . 52.03 -8.26 -5.82
C2 NAG GA . 52.53 -7.19 -6.78
C3 NAG GA . 53.30 -7.82 -7.94
C4 NAG GA . 54.41 -8.71 -7.40
C5 NAG GA . 53.80 -9.76 -6.48
C6 NAG GA . 54.83 -10.67 -5.86
C7 NAG GA . 51.09 -5.21 -6.76
C8 NAG GA . 49.94 -4.51 -7.41
N2 NAG GA . 51.43 -6.38 -7.29
O3 NAG GA . 53.85 -6.80 -8.76
O4 NAG GA . 55.09 -9.35 -8.48
O5 NAG GA . 53.12 -9.10 -5.40
O6 NAG GA . 54.27 -11.90 -5.45
O7 NAG GA . 51.67 -4.73 -5.79
C1 NAG HA . 61.48 16.19 22.80
C2 NAG HA . 62.60 16.98 23.44
C3 NAG HA . 62.02 17.98 24.44
C4 NAG HA . 60.99 18.86 23.75
C5 NAG HA . 59.93 18.01 23.07
C6 NAG HA . 58.95 18.82 22.24
C7 NAG HA . 64.74 15.80 23.58
C8 NAG HA . 65.08 16.43 22.26
N2 NAG HA . 63.55 16.10 24.10
O3 NAG HA . 63.08 18.78 24.97
O4 NAG HA . 60.35 19.71 24.71
O5 NAG HA . 60.56 17.08 22.16
O6 NAG HA . 58.54 19.98 22.94
O7 NAG HA . 65.53 15.05 24.16
C1 NAG IA . 36.02 -14.11 28.94
C2 NAG IA . 36.92 -15.32 28.77
C3 NAG IA . 37.17 -15.98 30.11
C4 NAG IA . 37.71 -14.98 31.12
C5 NAG IA . 36.79 -13.77 31.19
C6 NAG IA . 37.33 -12.65 32.07
C7 NAG IA . 37.00 -16.65 26.70
C8 NAG IA . 36.28 -17.63 25.84
N2 NAG IA . 36.36 -16.27 27.82
O3 NAG IA . 38.09 -17.06 29.96
O4 NAG IA . 37.82 -15.58 32.40
O5 NAG IA . 36.60 -13.20 29.89
O6 NAG IA . 37.09 -11.38 31.49
O7 NAG IA . 38.12 -16.20 26.41
C1 NAG JA . 22.59 11.05 -43.72
C2 NAG JA . 23.89 10.59 -43.07
C3 NAG JA . 25.09 11.09 -43.85
C4 NAG JA . 24.97 10.71 -45.32
C5 NAG JA . 23.63 11.16 -45.89
C6 NAG JA . 23.39 10.68 -47.29
C7 NAG JA . 24.80 10.49 -40.78
C8 NAG JA . 24.74 11.08 -39.41
N2 NAG JA . 23.97 11.03 -41.68
O3 NAG JA . 26.29 10.54 -43.31
O4 NAG JA . 26.01 11.32 -46.07
O5 NAG JA . 22.57 10.63 -45.08
O6 NAG JA . 22.00 10.52 -47.56
O7 NAG JA . 25.56 9.58 -41.07
C1 NAG KA . 25.40 -21.47 -27.20
C2 NAG KA . 26.24 -20.84 -28.31
C3 NAG KA . 26.19 -21.69 -29.57
C4 NAG KA . 26.59 -23.13 -29.25
C5 NAG KA . 25.74 -23.67 -28.11
C6 NAG KA . 26.16 -25.04 -27.66
C7 NAG KA . 26.66 -18.51 -28.95
C8 NAG KA . 26.05 -17.17 -29.22
N2 NAG KA . 25.82 -19.49 -28.61
O3 NAG KA . 27.07 -21.15 -30.56
O4 NAG KA . 26.43 -23.95 -30.40
O5 NAG KA . 25.84 -22.81 -26.97
O6 NAG KA . 25.16 -25.64 -26.85
O7 NAG KA . 27.86 -18.71 -29.07
C1 NAG LA . 33.21 -41.71 -21.72
C2 NAG LA . 34.20 -40.56 -21.80
C3 NAG LA . 34.29 -40.03 -23.22
C4 NAG LA . 34.57 -41.18 -24.20
C5 NAG LA . 33.57 -42.30 -24.00
C6 NAG LA . 33.87 -43.52 -24.83
C7 NAG LA . 34.70 -38.97 -19.99
C8 NAG LA . 34.16 -37.88 -19.14
N2 NAG LA . 33.85 -39.50 -20.88
O3 NAG LA . 35.32 -39.06 -23.31
O4 NAG LA . 34.48 -40.70 -25.54
O5 NAG LA . 33.57 -42.73 -22.63
O6 NAG LA . 33.96 -44.69 -24.02
O7 NAG LA . 35.87 -39.36 -19.91
C1 NAG MA . 69.97 18.79 -0.34
C2 NAG MA . 69.31 17.82 -1.31
C3 NAG MA . 68.47 18.58 -2.32
C4 NAG MA . 67.49 19.50 -1.62
C5 NAG MA . 68.23 20.40 -0.62
C6 NAG MA . 67.30 21.26 0.20
C7 NAG MA . 70.51 15.70 -1.68
C8 NAG MA . 71.57 15.00 -2.47
N2 NAG MA . 70.31 16.99 -1.98
O3 NAG MA . 67.76 17.65 -3.14
O4 NAG MA . 66.82 20.31 -2.58
O5 NAG MA . 68.97 19.60 0.30
O6 NAG MA . 67.90 21.65 1.43
O7 NAG MA . 69.87 15.14 -0.79
C1 NAG NA . 83.12 -4.23 0.06
C2 NAG NA . 84.21 -3.87 -0.95
C3 NAG NA . 83.66 -2.94 -2.02
C4 NAG NA . 82.41 -3.54 -2.66
C5 NAG NA . 81.39 -3.90 -1.58
C6 NAG NA . 80.17 -4.61 -2.14
C7 NAG NA . 86.50 -3.93 -0.05
C8 NAG NA . 87.58 -3.15 0.64
N2 NAG NA . 85.36 -3.27 -0.29
O3 NAG NA . 84.65 -2.69 -3.01
O4 NAG NA . 81.83 -2.61 -3.56
O5 NAG NA . 81.99 -4.79 -0.63
O6 NAG NA . 79.90 -5.81 -1.43
O7 NAG NA . 86.65 -5.10 -0.38
C1 NAG OA . 49.34 31.29 10.18
C2 NAG OA . 50.49 32.30 10.22
C3 NAG OA . 50.93 32.65 8.81
C4 NAG OA . 51.34 31.37 8.09
C5 NAG OA . 50.17 30.39 8.11
C6 NAG OA . 50.48 29.10 7.41
C7 NAG OA . 50.66 33.83 12.16
C8 NAG OA . 50.14 35.09 12.77
N2 NAG OA . 50.13 33.51 10.97
O3 NAG OA . 52.05 33.52 8.90
O4 NAG OA . 51.63 31.71 6.74
O5 NAG OA . 49.77 30.10 9.45
O6 NAG OA . 51.82 29.11 6.95
O7 NAG OA . 51.51 33.15 12.72
C1 NAG PA . 33.76 -34.47 8.82
C2 NAG PA . 33.27 -35.91 8.72
C3 NAG PA . 33.78 -36.73 9.91
C4 NAG PA . 35.29 -36.62 10.01
C5 NAG PA . 35.71 -35.15 10.09
C6 NAG PA . 37.21 -34.97 10.06
C7 NAG PA . 31.19 -36.08 7.45
C8 NAG PA . 29.70 -36.15 7.53
N2 NAG PA . 31.83 -35.99 8.62
O3 NAG PA . 33.41 -38.10 9.72
O4 NAG PA . 35.76 -37.32 11.17
O5 NAG PA . 35.19 -34.44 8.95
O6 NAG PA . 37.65 -34.49 8.80
O7 NAG PA . 31.78 -36.10 6.38
C1 NAG QA . 80.65 9.10 30.21
C2 NAG QA . 80.72 9.75 28.83
C3 NAG QA . 79.80 10.97 28.78
C4 NAG QA . 78.39 10.59 29.22
C5 NAG QA . 78.42 9.88 30.57
C6 NAG QA . 77.08 9.37 31.00
C7 NAG QA . 82.84 9.47 27.61
C8 NAG QA . 84.22 10.01 27.39
N2 NAG QA . 82.09 10.14 28.50
O3 NAG QA . 79.77 11.48 27.44
O4 NAG QA . 77.59 11.76 29.32
O5 NAG QA . 79.30 8.75 30.50
O6 NAG QA . 77.20 8.36 31.99
O7 NAG QA . 82.41 8.50 27.02
C1 NAG RA . 40.56 19.13 0.59
C2 NAG RA . 40.70 19.48 -0.88
C3 NAG RA . 39.46 20.23 -1.36
C4 NAG RA . 38.21 19.42 -1.06
C5 NAG RA . 38.17 19.04 0.42
C6 NAG RA . 37.03 18.13 0.77
C7 NAG RA . 43.03 19.77 -1.61
C8 NAG RA . 44.16 20.74 -1.78
N2 NAG RA . 41.90 20.28 -1.12
O3 NAG RA . 39.57 20.45 -2.77
O4 NAG RA . 37.05 20.18 -1.38
O5 NAG RA . 39.38 18.35 0.79
O6 NAG RA . 36.64 18.27 2.13
O7 NAG RA . 43.13 18.59 -1.90
#